data_1Q8B
# 
_entry.id   1Q8B 
# 
_audit_conform.dict_name       mmcif_pdbx.dic 
_audit_conform.dict_version    5.398 
_audit_conform.dict_location   http://mmcif.pdb.org/dictionaries/ascii/mmcif_pdbx.dic 
# 
loop_
_database_2.database_id 
_database_2.database_code 
_database_2.pdbx_database_accession 
_database_2.pdbx_DOI 
PDB   1Q8B         pdb_00001q8b 10.2210/pdb1q8b/pdb 
RCSB  RCSB020042   ?            ?                   
WWPDB D_1000020042 ?            ?                   
# 
loop_
_pdbx_audit_revision_history.ordinal 
_pdbx_audit_revision_history.data_content_type 
_pdbx_audit_revision_history.major_revision 
_pdbx_audit_revision_history.minor_revision 
_pdbx_audit_revision_history.revision_date 
1 'Structure model' 1 0 2004-03-30 
2 'Structure model' 1 1 2008-04-29 
3 'Structure model' 1 2 2011-07-13 
4 'Structure model' 1 3 2024-11-13 
# 
_pdbx_audit_revision_details.ordinal             1 
_pdbx_audit_revision_details.revision_ordinal    1 
_pdbx_audit_revision_details.data_content_type   'Structure model' 
_pdbx_audit_revision_details.provider            repository 
_pdbx_audit_revision_details.type                'Initial release' 
_pdbx_audit_revision_details.description         ? 
_pdbx_audit_revision_details.details             ? 
# 
loop_
_pdbx_audit_revision_group.ordinal 
_pdbx_audit_revision_group.revision_ordinal 
_pdbx_audit_revision_group.data_content_type 
_pdbx_audit_revision_group.group 
1 2 'Structure model' 'Version format compliance' 
2 3 'Structure model' 'Derived calculations'      
3 3 'Structure model' 'Version format compliance' 
4 4 'Structure model' 'Data collection'           
5 4 'Structure model' 'Database references'       
6 4 'Structure model' 'Derived calculations'      
7 4 'Structure model' 'Structure summary'         
# 
loop_
_pdbx_audit_revision_category.ordinal 
_pdbx_audit_revision_category.revision_ordinal 
_pdbx_audit_revision_category.data_content_type 
_pdbx_audit_revision_category.category 
1 4 'Structure model' chem_comp_atom            
2 4 'Structure model' chem_comp_bond            
3 4 'Structure model' database_2                
4 4 'Structure model' pdbx_entry_details        
5 4 'Structure model' pdbx_modification_feature 
6 4 'Structure model' struct_conn               
7 4 'Structure model' struct_ref_seq_dif        
# 
loop_
_pdbx_audit_revision_item.ordinal 
_pdbx_audit_revision_item.revision_ordinal 
_pdbx_audit_revision_item.data_content_type 
_pdbx_audit_revision_item.item 
1 4 'Structure model' '_database_2.pdbx_DOI'                
2 4 'Structure model' '_database_2.pdbx_database_accession' 
3 4 'Structure model' '_struct_conn.pdbx_leaving_atom_flag' 
4 4 'Structure model' '_struct_ref_seq_dif.details'         
# 
_pdbx_database_status.status_code                     REL 
_pdbx_database_status.entry_id                        1Q8B 
_pdbx_database_status.recvd_initial_deposition_date   2003-08-20 
_pdbx_database_status.deposit_site                    RCSB 
_pdbx_database_status.process_site                    RCSB 
_pdbx_database_status.SG_entry                        Y 
_pdbx_database_status.status_code_sf                  REL 
_pdbx_database_status.status_code_mr                  ? 
_pdbx_database_status.status_code_cs                  ? 
_pdbx_database_status.pdb_format_compatible           Y 
_pdbx_database_status.status_code_nmr_data            ? 
_pdbx_database_status.methods_development_category    ? 
# 
_pdbx_database_related.db_name        TargetDB 
_pdbx_database_related.db_id          APC1224 
_pdbx_database_related.details        . 
_pdbx_database_related.content_type   unspecified 
# 
loop_
_audit_author.name 
_audit_author.pdbx_ordinal 
'Zhang, R.'                                     1 
'Joachimiak, A.'                                2 
'Edwards, A.'                                   3 
'Savchenko, A.'                                 4 
'Midwest Center for Structural Genomics (MCSG)' 5 
# 
_citation.id                        primary 
_citation.title                     'The 1.9A crystal structure of protein YJCS from Bacillus subtilis' 
_citation.journal_abbrev            'To be Published' 
_citation.journal_volume            ? 
_citation.page_first                ? 
_citation.page_last                 ? 
_citation.year                      ? 
_citation.journal_id_ASTM           ? 
_citation.country                   ? 
_citation.journal_id_ISSN           ? 
_citation.journal_id_CSD            0353 
_citation.book_publisher            ? 
_citation.pdbx_database_id_PubMed   ? 
_citation.pdbx_database_id_DOI      ? 
# 
loop_
_citation_author.citation_id 
_citation_author.name 
_citation_author.ordinal 
_citation_author.identifier_ORCID 
primary 'Zhang, R.'      1 ? 
primary 'Joachimiak, A.' 2 ? 
primary 'Edwards, A.'    3 ? 
primary 'Savchenko, A.'  4 ? 
# 
loop_
_entity.id 
_entity.type 
_entity.src_method 
_entity.pdbx_description 
_entity.formula_weight 
_entity.pdbx_number_of_molecules 
_entity.pdbx_ec 
_entity.pdbx_mutation 
_entity.pdbx_fragment 
_entity.details 
1 polymer man 'Protein yjcS' 12804.711 1   ? ? ? ? 
2 water   nat water          18.015    120 ? ? ? ? 
# 
_entity_poly.entity_id                      1 
_entity_poly.type                           'polypeptide(L)' 
_entity_poly.nstd_linkage                   no 
_entity_poly.nstd_monomer                   yes 
_entity_poly.pdbx_seq_one_letter_code       
;(MSE)KSHK(MSE)(MSE)GGGIS(MSE)HYITACLKIISDKDLNEI(MSE)KEFKKLEEETNKEEGCITFHAYPLEPSE
RKI(MSE)LWEIWENEEAVKIHFTKKHTIDVQKQELTEVEWL(MSE)KSNVND
;
_entity_poly.pdbx_seq_one_letter_code_can   
;MKSHKMMGGGISMHYITACLKIISDKDLNEIMKEFKKLEEETNKEEGCITFHAYPLEPSERKIMLWEIWENEEAVKIHFT
KKHTIDVQKQELTEVEWLMKSNVND
;
_entity_poly.pdbx_strand_id                 A 
_entity_poly.pdbx_target_identifier         APC1224 
# 
_pdbx_entity_nonpoly.entity_id   2 
_pdbx_entity_nonpoly.name        water 
_pdbx_entity_nonpoly.comp_id     HOH 
# 
loop_
_entity_poly_seq.entity_id 
_entity_poly_seq.num 
_entity_poly_seq.mon_id 
_entity_poly_seq.hetero 
1 1   MSE n 
1 2   LYS n 
1 3   SER n 
1 4   HIS n 
1 5   LYS n 
1 6   MSE n 
1 7   MSE n 
1 8   GLY n 
1 9   GLY n 
1 10  GLY n 
1 11  ILE n 
1 12  SER n 
1 13  MSE n 
1 14  HIS n 
1 15  TYR n 
1 16  ILE n 
1 17  THR n 
1 18  ALA n 
1 19  CYS n 
1 20  LEU n 
1 21  LYS n 
1 22  ILE n 
1 23  ILE n 
1 24  SER n 
1 25  ASP n 
1 26  LYS n 
1 27  ASP n 
1 28  LEU n 
1 29  ASN n 
1 30  GLU n 
1 31  ILE n 
1 32  MSE n 
1 33  LYS n 
1 34  GLU n 
1 35  PHE n 
1 36  LYS n 
1 37  LYS n 
1 38  LEU n 
1 39  GLU n 
1 40  GLU n 
1 41  GLU n 
1 42  THR n 
1 43  ASN n 
1 44  LYS n 
1 45  GLU n 
1 46  GLU n 
1 47  GLY n 
1 48  CYS n 
1 49  ILE n 
1 50  THR n 
1 51  PHE n 
1 52  HIS n 
1 53  ALA n 
1 54  TYR n 
1 55  PRO n 
1 56  LEU n 
1 57  GLU n 
1 58  PRO n 
1 59  SER n 
1 60  GLU n 
1 61  ARG n 
1 62  LYS n 
1 63  ILE n 
1 64  MSE n 
1 65  LEU n 
1 66  TRP n 
1 67  GLU n 
1 68  ILE n 
1 69  TRP n 
1 70  GLU n 
1 71  ASN n 
1 72  GLU n 
1 73  GLU n 
1 74  ALA n 
1 75  VAL n 
1 76  LYS n 
1 77  ILE n 
1 78  HIS n 
1 79  PHE n 
1 80  THR n 
1 81  LYS n 
1 82  LYS n 
1 83  HIS n 
1 84  THR n 
1 85  ILE n 
1 86  ASP n 
1 87  VAL n 
1 88  GLN n 
1 89  LYS n 
1 90  GLN n 
1 91  GLU n 
1 92  LEU n 
1 93  THR n 
1 94  GLU n 
1 95  VAL n 
1 96  GLU n 
1 97  TRP n 
1 98  LEU n 
1 99  MSE n 
1 100 LYS n 
1 101 SER n 
1 102 ASN n 
1 103 VAL n 
1 104 ASN n 
1 105 ASP n 
# 
_entity_src_gen.entity_id                          1 
_entity_src_gen.pdbx_src_id                        1 
_entity_src_gen.pdbx_alt_source_flag               sample 
_entity_src_gen.pdbx_seq_type                      ? 
_entity_src_gen.pdbx_beg_seq_num                   ? 
_entity_src_gen.pdbx_end_seq_num                   ? 
_entity_src_gen.gene_src_common_name               ? 
_entity_src_gen.gene_src_genus                     Bacillus 
_entity_src_gen.pdbx_gene_src_gene                 YJCS 
_entity_src_gen.gene_src_species                   ? 
_entity_src_gen.gene_src_strain                    168 
_entity_src_gen.gene_src_tissue                    ? 
_entity_src_gen.gene_src_tissue_fraction           ? 
_entity_src_gen.gene_src_details                   ? 
_entity_src_gen.pdbx_gene_src_fragment             ? 
_entity_src_gen.pdbx_gene_src_scientific_name      'Bacillus subtilis' 
_entity_src_gen.pdbx_gene_src_ncbi_taxonomy_id     1423 
_entity_src_gen.pdbx_gene_src_variant              ? 
_entity_src_gen.pdbx_gene_src_cell_line            ? 
_entity_src_gen.pdbx_gene_src_atcc                 ? 
_entity_src_gen.pdbx_gene_src_organ                ? 
_entity_src_gen.pdbx_gene_src_organelle            ? 
_entity_src_gen.pdbx_gene_src_cell                 ? 
_entity_src_gen.pdbx_gene_src_cellular_location    ? 
_entity_src_gen.host_org_common_name               ? 
_entity_src_gen.pdbx_host_org_scientific_name      'Escherichia coli' 
_entity_src_gen.pdbx_host_org_ncbi_taxonomy_id     562 
_entity_src_gen.host_org_genus                     Escherichia 
_entity_src_gen.pdbx_host_org_gene                 ? 
_entity_src_gen.pdbx_host_org_organ                ? 
_entity_src_gen.host_org_species                   ? 
_entity_src_gen.pdbx_host_org_tissue               ? 
_entity_src_gen.pdbx_host_org_tissue_fraction      ? 
_entity_src_gen.pdbx_host_org_strain               'BL21 (DE3) star' 
_entity_src_gen.pdbx_host_org_variant              ? 
_entity_src_gen.pdbx_host_org_cell_line            ? 
_entity_src_gen.pdbx_host_org_atcc                 ? 
_entity_src_gen.pdbx_host_org_culture_collection   ? 
_entity_src_gen.pdbx_host_org_cell                 ? 
_entity_src_gen.pdbx_host_org_organelle            ? 
_entity_src_gen.pdbx_host_org_cellular_location    ? 
_entity_src_gen.pdbx_host_org_vector_type          Plasmid 
_entity_src_gen.pdbx_host_org_vector               ? 
_entity_src_gen.host_org_details                   ? 
_entity_src_gen.expression_system_id               ? 
_entity_src_gen.plasmid_name                       pET15b 
_entity_src_gen.plasmid_details                    ? 
_entity_src_gen.pdbx_description                   ? 
# 
loop_
_chem_comp.id 
_chem_comp.type 
_chem_comp.mon_nstd_flag 
_chem_comp.name 
_chem_comp.pdbx_synonyms 
_chem_comp.formula 
_chem_comp.formula_weight 
ALA 'L-peptide linking' y ALANINE          ? 'C3 H7 N O2'     89.093  
ARG 'L-peptide linking' y ARGININE         ? 'C6 H15 N4 O2 1' 175.209 
ASN 'L-peptide linking' y ASPARAGINE       ? 'C4 H8 N2 O3'    132.118 
ASP 'L-peptide linking' y 'ASPARTIC ACID'  ? 'C4 H7 N O4'     133.103 
CYS 'L-peptide linking' y CYSTEINE         ? 'C3 H7 N O2 S'   121.158 
GLN 'L-peptide linking' y GLUTAMINE        ? 'C5 H10 N2 O3'   146.144 
GLU 'L-peptide linking' y 'GLUTAMIC ACID'  ? 'C5 H9 N O4'     147.129 
GLY 'peptide linking'   y GLYCINE          ? 'C2 H5 N O2'     75.067  
HIS 'L-peptide linking' y HISTIDINE        ? 'C6 H10 N3 O2 1' 156.162 
HOH non-polymer         . WATER            ? 'H2 O'           18.015  
ILE 'L-peptide linking' y ISOLEUCINE       ? 'C6 H13 N O2'    131.173 
LEU 'L-peptide linking' y LEUCINE          ? 'C6 H13 N O2'    131.173 
LYS 'L-peptide linking' y LYSINE           ? 'C6 H15 N2 O2 1' 147.195 
MET 'L-peptide linking' y METHIONINE       ? 'C5 H11 N O2 S'  149.211 
MSE 'L-peptide linking' n SELENOMETHIONINE ? 'C5 H11 N O2 Se' 196.106 
PHE 'L-peptide linking' y PHENYLALANINE    ? 'C9 H11 N O2'    165.189 
PRO 'L-peptide linking' y PROLINE          ? 'C5 H9 N O2'     115.130 
SER 'L-peptide linking' y SERINE           ? 'C3 H7 N O3'     105.093 
THR 'L-peptide linking' y THREONINE        ? 'C4 H9 N O3'     119.119 
TRP 'L-peptide linking' y TRYPTOPHAN       ? 'C11 H12 N2 O2'  204.225 
TYR 'L-peptide linking' y TYROSINE         ? 'C9 H11 N O3'    181.189 
VAL 'L-peptide linking' y VALINE           ? 'C5 H11 N O2'    117.146 
# 
loop_
_pdbx_poly_seq_scheme.asym_id 
_pdbx_poly_seq_scheme.entity_id 
_pdbx_poly_seq_scheme.seq_id 
_pdbx_poly_seq_scheme.mon_id 
_pdbx_poly_seq_scheme.ndb_seq_num 
_pdbx_poly_seq_scheme.pdb_seq_num 
_pdbx_poly_seq_scheme.auth_seq_num 
_pdbx_poly_seq_scheme.pdb_mon_id 
_pdbx_poly_seq_scheme.auth_mon_id 
_pdbx_poly_seq_scheme.pdb_strand_id 
_pdbx_poly_seq_scheme.pdb_ins_code 
_pdbx_poly_seq_scheme.hetero 
A 1 1   MSE 1   1   ?   ?   ?   A . n 
A 1 2   LYS 2   2   ?   ?   ?   A . n 
A 1 3   SER 3   3   ?   ?   ?   A . n 
A 1 4   HIS 4   4   ?   ?   ?   A . n 
A 1 5   LYS 5   5   ?   ?   ?   A . n 
A 1 6   MSE 6   6   ?   ?   ?   A . n 
A 1 7   MSE 7   7   ?   ?   ?   A . n 
A 1 8   GLY 8   8   ?   ?   ?   A . n 
A 1 9   GLY 9   9   ?   ?   ?   A . n 
A 1 10  GLY 10  10  ?   ?   ?   A . n 
A 1 11  ILE 11  11  ?   ?   ?   A . n 
A 1 12  SER 12  12  12  SER SER A . n 
A 1 13  MSE 13  13  13  MSE MSE A . n 
A 1 14  HIS 14  14  14  HIS HIS A . n 
A 1 15  TYR 15  15  15  TYR TYR A . n 
A 1 16  ILE 16  16  16  ILE ILE A . n 
A 1 17  THR 17  17  17  THR THR A . n 
A 1 18  ALA 18  18  18  ALA ALA A . n 
A 1 19  CYS 19  19  19  CYS CYS A . n 
A 1 20  LEU 20  20  20  LEU LEU A . n 
A 1 21  LYS 21  21  21  LYS LYS A . n 
A 1 22  ILE 22  22  22  ILE ILE A . n 
A 1 23  ILE 23  23  23  ILE ILE A . n 
A 1 24  SER 24  24  24  SER SER A . n 
A 1 25  ASP 25  25  25  ASP ASP A . n 
A 1 26  LYS 26  26  26  LYS LYS A . n 
A 1 27  ASP 27  27  27  ASP ASP A . n 
A 1 28  LEU 28  28  28  LEU LEU A . n 
A 1 29  ASN 29  29  29  ASN ASN A . n 
A 1 30  GLU 30  30  30  GLU GLU A . n 
A 1 31  ILE 31  31  31  ILE ILE A . n 
A 1 32  MSE 32  32  32  MSE MSE A . n 
A 1 33  LYS 33  33  33  LYS LYS A . n 
A 1 34  GLU 34  34  34  GLU GLU A . n 
A 1 35  PHE 35  35  35  PHE PHE A . n 
A 1 36  LYS 36  36  36  LYS LYS A . n 
A 1 37  LYS 37  37  37  LYS LYS A . n 
A 1 38  LEU 38  38  38  LEU LEU A . n 
A 1 39  GLU 39  39  39  GLU GLU A . n 
A 1 40  GLU 40  40  40  GLU GLU A . n 
A 1 41  GLU 41  41  41  GLU GLU A . n 
A 1 42  THR 42  42  42  THR THR A . n 
A 1 43  ASN 43  43  43  ASN ASN A . n 
A 1 44  LYS 44  44  44  LYS LYS A . n 
A 1 45  GLU 45  45  45  GLU GLU A . n 
A 1 46  GLU 46  46  46  GLU GLU A . n 
A 1 47  GLY 47  47  47  GLY GLY A . n 
A 1 48  CYS 48  48  48  CYS CYS A . n 
A 1 49  ILE 49  49  49  ILE ILE A . n 
A 1 50  THR 50  50  50  THR THR A . n 
A 1 51  PHE 51  51  51  PHE PHE A . n 
A 1 52  HIS 52  52  52  HIS HIS A . n 
A 1 53  ALA 53  53  53  ALA ALA A . n 
A 1 54  TYR 54  54  54  TYR TYR A . n 
A 1 55  PRO 55  55  55  PRO PRO A . n 
A 1 56  LEU 56  56  56  LEU LEU A . n 
A 1 57  GLU 57  57  57  GLU GLU A . n 
A 1 58  PRO 58  58  58  PRO PRO A . n 
A 1 59  SER 59  59  59  SER SER A . n 
A 1 60  GLU 60  60  60  GLU GLU A . n 
A 1 61  ARG 61  61  61  ARG ARG A . n 
A 1 62  LYS 62  62  62  LYS LYS A . n 
A 1 63  ILE 63  63  63  ILE ILE A . n 
A 1 64  MSE 64  64  64  MSE MSE A . n 
A 1 65  LEU 65  65  65  LEU LEU A . n 
A 1 66  TRP 66  66  66  TRP TRP A . n 
A 1 67  GLU 67  67  67  GLU GLU A . n 
A 1 68  ILE 68  68  68  ILE ILE A . n 
A 1 69  TRP 69  69  69  TRP TRP A . n 
A 1 70  GLU 70  70  70  GLU GLU A . n 
A 1 71  ASN 71  71  71  ASN ASN A . n 
A 1 72  GLU 72  72  72  GLU GLU A . n 
A 1 73  GLU 73  73  73  GLU GLU A . n 
A 1 74  ALA 74  74  74  ALA ALA A . n 
A 1 75  VAL 75  75  75  VAL VAL A . n 
A 1 76  LYS 76  76  76  LYS LYS A . n 
A 1 77  ILE 77  77  77  ILE ILE A . n 
A 1 78  HIS 78  78  78  HIS HIS A . n 
A 1 79  PHE 79  79  79  PHE PHE A . n 
A 1 80  THR 80  80  80  THR THR A . n 
A 1 81  LYS 81  81  81  LYS LYS A . n 
A 1 82  LYS 82  82  82  LYS LYS A . n 
A 1 83  HIS 83  83  83  HIS HIS A . n 
A 1 84  THR 84  84  84  THR THR A . n 
A 1 85  ILE 85  85  85  ILE ILE A . n 
A 1 86  ASP 86  86  86  ASP ASP A . n 
A 1 87  VAL 87  87  87  VAL VAL A . n 
A 1 88  GLN 88  88  88  GLN GLN A . n 
A 1 89  LYS 89  89  89  LYS LYS A . n 
A 1 90  GLN 90  90  90  GLN GLN A . n 
A 1 91  GLU 91  91  91  GLU GLU A . n 
A 1 92  LEU 92  92  92  LEU LEU A . n 
A 1 93  THR 93  93  93  THR THR A . n 
A 1 94  GLU 94  94  94  GLU GLU A . n 
A 1 95  VAL 95  95  95  VAL VAL A . n 
A 1 96  GLU 96  96  96  GLU GLU A . n 
A 1 97  TRP 97  97  97  TRP TRP A . n 
A 1 98  LEU 98  98  98  LEU LEU A . n 
A 1 99  MSE 99  99  99  MSE MSE A . n 
A 1 100 LYS 100 100 100 LYS LYS A . n 
A 1 101 SER 101 101 101 SER SER A . n 
A 1 102 ASN 102 102 102 ASN ASN A . n 
A 1 103 VAL 103 103 103 VAL VAL A . n 
A 1 104 ASN 104 104 104 ASN ASN A . n 
A 1 105 ASP 105 105 ?   ?   ?   A . n 
# 
loop_
_pdbx_nonpoly_scheme.asym_id 
_pdbx_nonpoly_scheme.entity_id 
_pdbx_nonpoly_scheme.mon_id 
_pdbx_nonpoly_scheme.ndb_seq_num 
_pdbx_nonpoly_scheme.pdb_seq_num 
_pdbx_nonpoly_scheme.auth_seq_num 
_pdbx_nonpoly_scheme.pdb_mon_id 
_pdbx_nonpoly_scheme.auth_mon_id 
_pdbx_nonpoly_scheme.pdb_strand_id 
_pdbx_nonpoly_scheme.pdb_ins_code 
B 2 HOH 1   201 201 HOH TIP A . 
B 2 HOH 2   202 202 HOH TIP A . 
B 2 HOH 3   203 203 HOH TIP A . 
B 2 HOH 4   204 204 HOH TIP A . 
B 2 HOH 5   205 205 HOH TIP A . 
B 2 HOH 6   206 206 HOH TIP A . 
B 2 HOH 7   207 207 HOH TIP A . 
B 2 HOH 8   208 208 HOH TIP A . 
B 2 HOH 9   209 209 HOH TIP A . 
B 2 HOH 10  210 210 HOH TIP A . 
B 2 HOH 11  211 211 HOH TIP A . 
B 2 HOH 12  212 212 HOH TIP A . 
B 2 HOH 13  213 213 HOH TIP A . 
B 2 HOH 14  214 214 HOH TIP A . 
B 2 HOH 15  215 215 HOH TIP A . 
B 2 HOH 16  216 216 HOH TIP A . 
B 2 HOH 17  217 217 HOH TIP A . 
B 2 HOH 18  218 218 HOH TIP A . 
B 2 HOH 19  219 219 HOH TIP A . 
B 2 HOH 20  220 220 HOH TIP A . 
B 2 HOH 21  221 221 HOH TIP A . 
B 2 HOH 22  222 222 HOH TIP A . 
B 2 HOH 23  223 223 HOH TIP A . 
B 2 HOH 24  224 224 HOH TIP A . 
B 2 HOH 25  225 225 HOH TIP A . 
B 2 HOH 26  226 226 HOH TIP A . 
B 2 HOH 27  227 227 HOH TIP A . 
B 2 HOH 28  228 228 HOH TIP A . 
B 2 HOH 29  229 229 HOH TIP A . 
B 2 HOH 30  230 230 HOH TIP A . 
B 2 HOH 31  231 231 HOH TIP A . 
B 2 HOH 32  232 232 HOH TIP A . 
B 2 HOH 33  233 233 HOH TIP A . 
B 2 HOH 34  234 234 HOH TIP A . 
B 2 HOH 35  235 235 HOH TIP A . 
B 2 HOH 36  236 236 HOH TIP A . 
B 2 HOH 37  237 237 HOH TIP A . 
B 2 HOH 38  238 238 HOH TIP A . 
B 2 HOH 39  239 239 HOH TIP A . 
B 2 HOH 40  240 240 HOH TIP A . 
B 2 HOH 41  241 241 HOH TIP A . 
B 2 HOH 42  242 242 HOH TIP A . 
B 2 HOH 43  243 243 HOH TIP A . 
B 2 HOH 44  244 244 HOH TIP A . 
B 2 HOH 45  245 245 HOH TIP A . 
B 2 HOH 46  246 246 HOH TIP A . 
B 2 HOH 47  247 247 HOH TIP A . 
B 2 HOH 48  248 248 HOH TIP A . 
B 2 HOH 49  249 249 HOH TIP A . 
B 2 HOH 50  250 250 HOH TIP A . 
B 2 HOH 51  251 251 HOH TIP A . 
B 2 HOH 52  252 252 HOH TIP A . 
B 2 HOH 53  253 253 HOH TIP A . 
B 2 HOH 54  254 254 HOH TIP A . 
B 2 HOH 55  255 255 HOH TIP A . 
B 2 HOH 56  256 256 HOH TIP A . 
B 2 HOH 57  257 257 HOH TIP A . 
B 2 HOH 58  258 258 HOH TIP A . 
B 2 HOH 59  259 259 HOH TIP A . 
B 2 HOH 60  260 260 HOH TIP A . 
B 2 HOH 61  261 261 HOH TIP A . 
B 2 HOH 62  262 262 HOH TIP A . 
B 2 HOH 63  263 263 HOH TIP A . 
B 2 HOH 64  264 264 HOH TIP A . 
B 2 HOH 65  265 265 HOH TIP A . 
B 2 HOH 66  266 266 HOH TIP A . 
B 2 HOH 67  267 267 HOH TIP A . 
B 2 HOH 68  268 268 HOH TIP A . 
B 2 HOH 69  269 269 HOH TIP A . 
B 2 HOH 70  270 270 HOH TIP A . 
B 2 HOH 71  271 271 HOH TIP A . 
B 2 HOH 72  272 272 HOH TIP A . 
B 2 HOH 73  273 273 HOH TIP A . 
B 2 HOH 74  274 274 HOH TIP A . 
B 2 HOH 75  275 275 HOH TIP A . 
B 2 HOH 76  276 276 HOH TIP A . 
B 2 HOH 77  277 277 HOH TIP A . 
B 2 HOH 78  278 278 HOH TIP A . 
B 2 HOH 79  279 279 HOH TIP A . 
B 2 HOH 80  280 280 HOH TIP A . 
B 2 HOH 81  281 281 HOH TIP A . 
B 2 HOH 82  282 282 HOH TIP A . 
B 2 HOH 83  283 283 HOH TIP A . 
B 2 HOH 84  284 284 HOH TIP A . 
B 2 HOH 85  285 285 HOH TIP A . 
B 2 HOH 86  286 286 HOH TIP A . 
B 2 HOH 87  287 287 HOH TIP A . 
B 2 HOH 88  288 288 HOH TIP A . 
B 2 HOH 89  289 289 HOH TIP A . 
B 2 HOH 90  290 290 HOH TIP A . 
B 2 HOH 91  291 291 HOH TIP A . 
B 2 HOH 92  292 292 HOH TIP A . 
B 2 HOH 93  293 293 HOH TIP A . 
B 2 HOH 94  294 294 HOH TIP A . 
B 2 HOH 95  295 295 HOH TIP A . 
B 2 HOH 96  296 296 HOH TIP A . 
B 2 HOH 97  297 297 HOH TIP A . 
B 2 HOH 98  298 298 HOH TIP A . 
B 2 HOH 99  299 299 HOH TIP A . 
B 2 HOH 100 300 300 HOH TIP A . 
B 2 HOH 101 301 301 HOH TIP A . 
B 2 HOH 102 302 302 HOH TIP A . 
B 2 HOH 103 303 303 HOH TIP A . 
B 2 HOH 104 304 304 HOH TIP A . 
B 2 HOH 105 305 305 HOH TIP A . 
B 2 HOH 106 306 306 HOH TIP A . 
B 2 HOH 107 307 307 HOH TIP A . 
B 2 HOH 108 308 308 HOH TIP A . 
B 2 HOH 109 309 309 HOH TIP A . 
B 2 HOH 110 310 310 HOH TIP A . 
B 2 HOH 111 311 311 HOH TIP A . 
B 2 HOH 112 312 312 HOH TIP A . 
B 2 HOH 113 313 313 HOH TIP A . 
B 2 HOH 114 314 314 HOH TIP A . 
B 2 HOH 115 315 315 HOH TIP A . 
B 2 HOH 116 316 316 HOH TIP A . 
B 2 HOH 117 317 317 HOH TIP A . 
B 2 HOH 118 318 318 HOH TIP A . 
B 2 HOH 119 319 319 HOH TIP A . 
B 2 HOH 120 320 320 HOH TIP A . 
# 
loop_
_software.name 
_software.classification 
_software.version 
_software.citation_id 
_software.pdbx_ordinal 
CNS         refinement        1.1 ? 1 
SBC-Collect 'data collection' .   ? 2 
HKL-2000    'data scaling'    .   ? 3 
CNS         phasing           .   ? 4 
# 
_cell.entry_id           1Q8B 
_cell.length_a           71.095 
_cell.length_b           71.095 
_cell.length_c           149.210 
_cell.angle_alpha        90.00 
_cell.angle_beta         90.00 
_cell.angle_gamma        120.00 
_cell.Z_PDB              18 
_cell.pdbx_unique_axis   ? 
_cell.length_a_esd       ? 
_cell.length_b_esd       ? 
_cell.length_c_esd       ? 
_cell.angle_alpha_esd    ? 
_cell.angle_beta_esd     ? 
_cell.angle_gamma_esd    ? 
# 
_symmetry.entry_id                         1Q8B 
_symmetry.space_group_name_H-M             'H 3 2' 
_symmetry.pdbx_full_space_group_name_H-M   ? 
_symmetry.cell_setting                     ? 
_symmetry.Int_Tables_number                155 
_symmetry.space_group_name_Hall            ? 
# 
_exptl.entry_id          1Q8B 
_exptl.method            'X-RAY DIFFRACTION' 
_exptl.crystals_number   1 
# 
_exptl_crystal.id                    1 
_exptl_crystal.density_meas          ? 
_exptl_crystal.density_Matthews      2.83 
_exptl_crystal.density_percent_sol   56.59 
_exptl_crystal.description           ? 
_exptl_crystal.F_000                 ? 
_exptl_crystal.preparation           ? 
# 
_diffrn.id                     1 
_diffrn.ambient_temp           100 
_diffrn.ambient_temp_details   ? 
_diffrn.crystal_id             1 
# 
_diffrn_detector.diffrn_id              1 
_diffrn_detector.detector               CCD 
_diffrn_detector.type                   SBC-2 
_diffrn_detector.pdbx_collection_date   2003-06-03 
_diffrn_detector.details                MIRRORS 
# 
_diffrn_radiation.diffrn_id                        1 
_diffrn_radiation.wavelength_id                    1 
_diffrn_radiation.pdbx_monochromatic_or_laue_m_l   M 
_diffrn_radiation.monochromator                    'Si 111 channel' 
_diffrn_radiation.pdbx_diffrn_protocol             MAD 
_diffrn_radiation.pdbx_scattering_type             x-ray 
# 
loop_
_diffrn_radiation_wavelength.id 
_diffrn_radiation_wavelength.wavelength 
_diffrn_radiation_wavelength.wt 
1 0.9795  1.0 
2 0.9797  1.0 
3 0.94656 1.0 
# 
_diffrn_source.diffrn_id                   1 
_diffrn_source.source                      SYNCHROTRON 
_diffrn_source.type                        'APS BEAMLINE 19-ID' 
_diffrn_source.pdbx_synchrotron_site       APS 
_diffrn_source.pdbx_synchrotron_beamline   19-ID 
_diffrn_source.pdbx_wavelength             ? 
_diffrn_source.pdbx_wavelength_list        '0.9795, 0.9797, 0.94656' 
# 
_reflns.entry_id                     1Q8B 
_reflns.observed_criterion_sigma_I   4.0 
_reflns.observed_criterion_sigma_F   2.0 
_reflns.d_resolution_low             50 
_reflns.d_resolution_high            1.9 
_reflns.number_obs                   10996 
_reflns.number_all                   11760 
_reflns.percent_possible_obs         93.5 
_reflns.pdbx_Rmerge_I_obs            0.127 
_reflns.pdbx_Rsym_value              ? 
_reflns.pdbx_netI_over_sigmaI        30.54 
_reflns.B_iso_Wilson_estimate        16.8 
_reflns.pdbx_redundancy              13.04 
_reflns.R_free_details               ? 
_reflns.limit_h_max                  ? 
_reflns.limit_h_min                  ? 
_reflns.limit_k_max                  ? 
_reflns.limit_k_min                  ? 
_reflns.limit_l_max                  ? 
_reflns.limit_l_min                  ? 
_reflns.observed_criterion_F_max     ? 
_reflns.observed_criterion_F_min     ? 
_reflns.pdbx_chi_squared             ? 
_reflns.pdbx_scaling_rejects         ? 
_reflns.pdbx_ordinal                 1 
_reflns.pdbx_diffrn_id               1 
# 
_reflns_shell.d_res_high             1.9 
_reflns_shell.d_res_low              1.97 
_reflns_shell.percent_possible_all   96.1 
_reflns_shell.Rmerge_I_obs           0.456 
_reflns_shell.pdbx_Rsym_value        ? 
_reflns_shell.meanI_over_sigI_obs    3.76 
_reflns_shell.pdbx_redundancy        6.6 
_reflns_shell.percent_possible_obs   ? 
_reflns_shell.number_unique_all      1104 
_reflns_shell.number_measured_all    ? 
_reflns_shell.number_measured_obs    ? 
_reflns_shell.number_unique_obs      ? 
_reflns_shell.pdbx_chi_squared       ? 
_reflns_shell.pdbx_ordinal           1 
_reflns_shell.pdbx_diffrn_id         1 
# 
_refine.entry_id                                 1Q8B 
_refine.ls_number_reflns_obs                     20253 
_refine.ls_number_reflns_all                     22207 
_refine.pdbx_ls_sigma_I                          ? 
_refine.pdbx_ls_sigma_F                          0 
_refine.pdbx_data_cutoff_high_absF               552905.79 
_refine.pdbx_data_cutoff_low_absF                0 
_refine.pdbx_data_cutoff_high_rms_absF           552905.79 
_refine.ls_d_res_low                             31.90 
_refine.ls_d_res_high                            1.90 
_refine.ls_percent_reflns_obs                    91.2 
_refine.ls_R_factor_obs                          0.207 
_refine.ls_R_factor_all                          ? 
_refine.ls_R_factor_R_work                       0.207 
_refine.ls_R_factor_R_free                       0.257 
_refine.ls_R_factor_R_free_error                 0.008 
_refine.ls_R_factor_R_free_error_details         ? 
_refine.ls_percent_reflns_R_free                 4.9 
_refine.ls_number_reflns_R_free                  991 
_refine.ls_number_parameters                     ? 
_refine.ls_number_restraints                     ? 
_refine.occupancy_min                            ? 
_refine.occupancy_max                            ? 
_refine.correlation_coeff_Fo_to_Fc               ? 
_refine.correlation_coeff_Fo_to_Fc_free          ? 
_refine.B_iso_mean                               27.2 
_refine.aniso_B[1][1]                            3.00 
_refine.aniso_B[2][2]                            3.00 
_refine.aniso_B[3][3]                            -6.00 
_refine.aniso_B[1][2]                            2.25 
_refine.aniso_B[1][3]                            0.00 
_refine.aniso_B[2][3]                            0.00 
_refine.solvent_model_details                    'FLAT MODEL' 
_refine.solvent_model_param_ksol                 0.400777 
_refine.solvent_model_param_bsol                 70.4281 
_refine.pdbx_solvent_vdw_probe_radii             ? 
_refine.pdbx_solvent_ion_probe_radii             ? 
_refine.pdbx_solvent_shrinkage_radii             ? 
_refine.pdbx_ls_cross_valid_method               THROUGHOUT 
_refine.details                                  'Freidel pairs were used in the refinement.' 
_refine.pdbx_starting_model                      ? 
_refine.pdbx_method_to_determine_struct          MAD 
_refine.pdbx_isotropic_thermal_model             RESTRAINED 
_refine.pdbx_stereochemistry_target_values       'Engh & Huber' 
_refine.pdbx_stereochem_target_val_spec_case     ? 
_refine.pdbx_R_Free_selection_details            RANDOM 
_refine.pdbx_overall_ESU_R_Free                  ? 
_refine.overall_SU_ML                            ? 
_refine.overall_SU_B                             ? 
_refine.ls_redundancy_reflns_obs                 ? 
_refine.B_iso_min                                ? 
_refine.B_iso_max                                ? 
_refine.overall_SU_R_Cruickshank_DPI             ? 
_refine.overall_SU_R_free                        ? 
_refine.pdbx_refine_id                           'X-RAY DIFFRACTION' 
_refine.pdbx_overall_phase_error                 ? 
_refine.ls_wR_factor_R_free                      ? 
_refine.ls_wR_factor_R_work                      ? 
_refine.overall_FOM_free_R_set                   ? 
_refine.overall_FOM_work_R_set                   ? 
_refine.pdbx_overall_ESU_R                       ? 
_refine.pdbx_diffrn_id                           1 
_refine.pdbx_TLS_residual_ADP_flag               ? 
_refine.pdbx_overall_SU_R_free_Cruickshank_DPI   ? 
_refine.pdbx_overall_SU_R_Blow_DPI               ? 
_refine.pdbx_overall_SU_R_free_Blow_DPI          ? 
# 
_refine_analyze.entry_id                        1Q8B 
_refine_analyze.Luzzati_coordinate_error_obs    0.24 
_refine_analyze.Luzzati_sigma_a_obs             0.24 
_refine_analyze.Luzzati_d_res_low_obs           5 
_refine_analyze.Luzzati_coordinate_error_free   0.29 
_refine_analyze.Luzzati_sigma_a_free            0.18 
_refine_analyze.Luzzati_d_res_low_free          ? 
_refine_analyze.number_disordered_residues      ? 
_refine_analyze.occupancy_sum_hydrogen          ? 
_refine_analyze.occupancy_sum_non_hydrogen      ? 
_refine_analyze.pdbx_Luzzati_d_res_high_obs     ? 
_refine_analyze.pdbx_refine_id                  'X-RAY DIFFRACTION' 
# 
_refine_hist.pdbx_refine_id                   'X-RAY DIFFRACTION' 
_refine_hist.cycle_id                         LAST 
_refine_hist.pdbx_number_atoms_protein        783 
_refine_hist.pdbx_number_atoms_nucleic_acid   0 
_refine_hist.pdbx_number_atoms_ligand         0 
_refine_hist.number_atoms_solvent             120 
_refine_hist.number_atoms_total               903 
_refine_hist.d_res_high                       1.90 
_refine_hist.d_res_low                        31.90 
# 
loop_
_refine_ls_restr.type 
_refine_ls_restr.dev_ideal 
_refine_ls_restr.dev_ideal_target 
_refine_ls_restr.weight 
_refine_ls_restr.number 
_refine_ls_restr.pdbx_refine_id 
_refine_ls_restr.pdbx_restraint_function 
c_bond_d           0.006 ?    ? ? 'X-RAY DIFFRACTION' ? 
c_angle_deg        1.2   ?    ? ? 'X-RAY DIFFRACTION' ? 
c_dihedral_angle_d 22.2  ?    ? ? 'X-RAY DIFFRACTION' ? 
c_improper_angle_d 0.69  ?    ? ? 'X-RAY DIFFRACTION' ? 
c_mcbond_it        0.79  1.50 ? ? 'X-RAY DIFFRACTION' ? 
c_mcangle_it       1.39  2.00 ? ? 'X-RAY DIFFRACTION' ? 
c_scbond_it        1.60  2.00 ? ? 'X-RAY DIFFRACTION' ? 
c_scangle_it       2.35  2.50 ? ? 'X-RAY DIFFRACTION' ? 
# 
_refine_ls_shell.pdbx_total_number_of_bins_used   6 
_refine_ls_shell.d_res_high                       1.90 
_refine_ls_shell.d_res_low                        2.02 
_refine_ls_shell.number_reflns_R_work             3051 
_refine_ls_shell.R_factor_R_work                  0.28 
_refine_ls_shell.percent_reflns_obs               86.7 
_refine_ls_shell.R_factor_R_free                  0.324 
_refine_ls_shell.R_factor_R_free_error            0.026 
_refine_ls_shell.percent_reflns_R_free            5.0 
_refine_ls_shell.number_reflns_R_free             159 
_refine_ls_shell.number_reflns_obs                ? 
_refine_ls_shell.redundancy_reflns_obs            ? 
_refine_ls_shell.number_reflns_all                ? 
_refine_ls_shell.pdbx_refine_id                   'X-RAY DIFFRACTION' 
_refine_ls_shell.R_factor_all                     ? 
# 
loop_
_pdbx_xplor_file.serial_no 
_pdbx_xplor_file.param_file 
_pdbx_xplor_file.topol_file 
_pdbx_xplor_file.pdbx_refine_id 
1 PROTEIN_REP.PARAM PROTEIN.TOP 'X-RAY DIFFRACTION' 
2 WATER_REP.PARAM   ?           'X-RAY DIFFRACTION' 
3 ION.PARAM         ?           'X-RAY DIFFRACTION' 
# 
_struct.entry_id                  1Q8B 
_struct.title                     'Structural Genomics, protein YJCS' 
_struct.pdbx_model_details        ? 
_struct.pdbx_CASP_flag            ? 
_struct.pdbx_model_type_details   ? 
# 
_struct_keywords.entry_id        1Q8B 
_struct_keywords.pdbx_keywords   'Structural Genomics, Unknown Function' 
_struct_keywords.text            
'Structural Genomics, PSI, Protein Structure Initiative, Midwest Center for Structural Genomics, MCSG, Unknown Function' 
# 
loop_
_struct_asym.id 
_struct_asym.pdbx_blank_PDB_chainid_flag 
_struct_asym.pdbx_modified 
_struct_asym.entity_id 
_struct_asym.details 
A N N 1 ? 
B N N 2 ? 
# 
_struct_ref.id                         1 
_struct_ref.db_name                    UNP 
_struct_ref.db_code                    O31641_BACSU 
_struct_ref.pdbx_db_accession          O31641 
_struct_ref.entity_id                  1 
_struct_ref.pdbx_seq_one_letter_code   
;MKSHKMMGGGISMHYITACLKIISDKDLNEIMKEFKKLEEETNKEEGCITFHAYPLEPSERKIMLWEIWENEEAVKIHFT
KKHTIDVQKQELTEVEWLMKSNVND
;
_struct_ref.pdbx_align_begin           1 
_struct_ref.pdbx_db_isoform            ? 
# 
_struct_ref_seq.align_id                      1 
_struct_ref_seq.ref_id                        1 
_struct_ref_seq.pdbx_PDB_id_code              1Q8B 
_struct_ref_seq.pdbx_strand_id                A 
_struct_ref_seq.seq_align_beg                 1 
_struct_ref_seq.pdbx_seq_align_beg_ins_code   ? 
_struct_ref_seq.seq_align_end                 105 
_struct_ref_seq.pdbx_seq_align_end_ins_code   ? 
_struct_ref_seq.pdbx_db_accession             O31641 
_struct_ref_seq.db_align_beg                  1 
_struct_ref_seq.pdbx_db_align_beg_ins_code    ? 
_struct_ref_seq.db_align_end                  105 
_struct_ref_seq.pdbx_db_align_end_ins_code    ? 
_struct_ref_seq.pdbx_auth_seq_align_beg       1 
_struct_ref_seq.pdbx_auth_seq_align_end       105 
# 
loop_
_struct_ref_seq_dif.align_id 
_struct_ref_seq_dif.pdbx_pdb_id_code 
_struct_ref_seq_dif.mon_id 
_struct_ref_seq_dif.pdbx_pdb_strand_id 
_struct_ref_seq_dif.seq_num 
_struct_ref_seq_dif.pdbx_pdb_ins_code 
_struct_ref_seq_dif.pdbx_seq_db_name 
_struct_ref_seq_dif.pdbx_seq_db_accession_code 
_struct_ref_seq_dif.db_mon_id 
_struct_ref_seq_dif.pdbx_seq_db_seq_num 
_struct_ref_seq_dif.details 
_struct_ref_seq_dif.pdbx_auth_seq_num 
_struct_ref_seq_dif.pdbx_ordinal 
1 1Q8B MSE A 1  ? UNP O31641 MET 1  'modified residue' 1  1 
1 1Q8B MSE A 6  ? UNP O31641 MET 6  'modified residue' 6  2 
1 1Q8B MSE A 7  ? UNP O31641 MET 7  'modified residue' 7  3 
1 1Q8B MSE A 13 ? UNP O31641 MET 13 'modified residue' 13 4 
1 1Q8B MSE A 32 ? UNP O31641 MET 32 'modified residue' 32 5 
1 1Q8B MSE A 64 ? UNP O31641 MET 64 'modified residue' 64 6 
1 1Q8B MSE A 99 ? UNP O31641 MET 99 'modified residue' 99 7 
# 
loop_
_pdbx_struct_assembly.id 
_pdbx_struct_assembly.details 
_pdbx_struct_assembly.method_details 
_pdbx_struct_assembly.oligomeric_details 
_pdbx_struct_assembly.oligomeric_count 
1 author_defined_assembly   ?    dimeric 2 
2 software_defined_assembly PISA dimeric 2 
# 
loop_
_pdbx_struct_assembly_prop.biol_id 
_pdbx_struct_assembly_prop.type 
_pdbx_struct_assembly_prop.value 
_pdbx_struct_assembly_prop.details 
2 'ABSA (A^2)' 1640  ? 
2 MORE         -15   ? 
2 'SSA (A^2)'  10200 ? 
# 
loop_
_pdbx_struct_assembly_gen.assembly_id 
_pdbx_struct_assembly_gen.oper_expression 
_pdbx_struct_assembly_gen.asym_id_list 
1 1,2 A,B 
2 1,3 A,B 
# 
loop_
_pdbx_struct_oper_list.id 
_pdbx_struct_oper_list.type 
_pdbx_struct_oper_list.name 
_pdbx_struct_oper_list.symmetry_operation 
_pdbx_struct_oper_list.matrix[1][1] 
_pdbx_struct_oper_list.matrix[1][2] 
_pdbx_struct_oper_list.matrix[1][3] 
_pdbx_struct_oper_list.vector[1] 
_pdbx_struct_oper_list.matrix[2][1] 
_pdbx_struct_oper_list.matrix[2][2] 
_pdbx_struct_oper_list.matrix[2][3] 
_pdbx_struct_oper_list.vector[2] 
_pdbx_struct_oper_list.matrix[3][1] 
_pdbx_struct_oper_list.matrix[3][2] 
_pdbx_struct_oper_list.matrix[3][3] 
_pdbx_struct_oper_list.vector[3] 
1 'identity operation'         1_555  x,y,z                 1.0000000000  0.0000000000  0.0000000000  0.0000000000  0.0000000000  1.0000000000  0.0000000000  0.0000000000   0.0000000000  0.0000000000  1.0000000000  0.0000000000  
2 'crystal symmetry operation' 3_665  -x+y+1,-x+1,z         -0.4995255516 -0.1921212347 -0.8447269704 15.9616573487 0.1397640870  0.9444516182  -0.2974510730 4.0339751089   0.8549504215  -0.2666469051 -0.4449260666 19.1776204067 
3 'crystal symmetry operation' 11_565 x-y+2/3,-y+4/3,-z+1/3 0.3599157297  -0.1549999209 -0.9200193976 -7.9905386036 -0.1549999209 -0.9823334822 0.1048615960  -18.7748221589 -0.9200193976 0.1048615960  -0.3775822475 -8.6480385147 
# 
_struct_biol.id                    1 
_struct_biol.details               'This protein exists as dimer which related by the crystallographic 2-fold axis.' 
_struct_biol.pdbx_parent_biol_id   ? 
# 
loop_
_struct_conf.conf_type_id 
_struct_conf.id 
_struct_conf.pdbx_PDB_helix_id 
_struct_conf.beg_label_comp_id 
_struct_conf.beg_label_asym_id 
_struct_conf.beg_label_seq_id 
_struct_conf.pdbx_beg_PDB_ins_code 
_struct_conf.end_label_comp_id 
_struct_conf.end_label_asym_id 
_struct_conf.end_label_seq_id 
_struct_conf.pdbx_end_PDB_ins_code 
_struct_conf.beg_auth_comp_id 
_struct_conf.beg_auth_asym_id 
_struct_conf.beg_auth_seq_id 
_struct_conf.end_auth_comp_id 
_struct_conf.end_auth_asym_id 
_struct_conf.end_auth_seq_id 
_struct_conf.pdbx_PDB_helix_class 
_struct_conf.details 
_struct_conf.pdbx_PDB_helix_length 
HELX_P HELX_P1 1 ASP A 27 ? ASN A 43 ? ASP A 27 ASN A 43 1 ? 17 
HELX_P HELX_P2 2 GLU A 57 ? GLU A 60 ? GLU A 57 GLU A 60 5 ? 4  
HELX_P HELX_P3 3 ASN A 71 ? PHE A 79 ? ASN A 71 PHE A 79 1 ? 9  
HELX_P HELX_P4 4 LYS A 81 ? LYS A 89 ? LYS A 81 LYS A 89 1 ? 9  
# 
_struct_conf_type.id          HELX_P 
_struct_conf_type.criteria    ? 
_struct_conf_type.reference   ? 
# 
loop_
_struct_conn.id 
_struct_conn.conn_type_id 
_struct_conn.pdbx_leaving_atom_flag 
_struct_conn.pdbx_PDB_id 
_struct_conn.ptnr1_label_asym_id 
_struct_conn.ptnr1_label_comp_id 
_struct_conn.ptnr1_label_seq_id 
_struct_conn.ptnr1_label_atom_id 
_struct_conn.pdbx_ptnr1_label_alt_id 
_struct_conn.pdbx_ptnr1_PDB_ins_code 
_struct_conn.pdbx_ptnr1_standard_comp_id 
_struct_conn.ptnr1_symmetry 
_struct_conn.ptnr2_label_asym_id 
_struct_conn.ptnr2_label_comp_id 
_struct_conn.ptnr2_label_seq_id 
_struct_conn.ptnr2_label_atom_id 
_struct_conn.pdbx_ptnr2_label_alt_id 
_struct_conn.pdbx_ptnr2_PDB_ins_code 
_struct_conn.ptnr1_auth_asym_id 
_struct_conn.ptnr1_auth_comp_id 
_struct_conn.ptnr1_auth_seq_id 
_struct_conn.ptnr2_auth_asym_id 
_struct_conn.ptnr2_auth_comp_id 
_struct_conn.ptnr2_auth_seq_id 
_struct_conn.ptnr2_symmetry 
_struct_conn.pdbx_ptnr3_label_atom_id 
_struct_conn.pdbx_ptnr3_label_seq_id 
_struct_conn.pdbx_ptnr3_label_comp_id 
_struct_conn.pdbx_ptnr3_label_asym_id 
_struct_conn.pdbx_ptnr3_label_alt_id 
_struct_conn.pdbx_ptnr3_PDB_ins_code 
_struct_conn.details 
_struct_conn.pdbx_dist_value 
_struct_conn.pdbx_value_order 
_struct_conn.pdbx_role 
covale1 covale both ? A SER 12 C ? ? ? 1_555 A MSE 13  N ? ? A SER 12 A MSE 13  1_555 ? ? ? ? ? ? ? 1.332 ? ? 
covale2 covale both ? A MSE 13 C ? ? ? 1_555 A HIS 14  N ? ? A MSE 13 A HIS 14  1_555 ? ? ? ? ? ? ? 1.329 ? ? 
covale3 covale both ? A ILE 31 C ? ? ? 1_555 A MSE 32  N ? ? A ILE 31 A MSE 32  1_555 ? ? ? ? ? ? ? 1.329 ? ? 
covale4 covale both ? A MSE 32 C ? ? ? 1_555 A LYS 33  N ? ? A MSE 32 A LYS 33  1_555 ? ? ? ? ? ? ? 1.331 ? ? 
covale5 covale both ? A ILE 63 C ? ? ? 1_555 A MSE 64  N ? ? A ILE 63 A MSE 64  1_555 ? ? ? ? ? ? ? 1.327 ? ? 
covale6 covale both ? A MSE 64 C ? ? ? 1_555 A LEU 65  N ? ? A MSE 64 A LEU 65  1_555 ? ? ? ? ? ? ? 1.335 ? ? 
covale7 covale both ? A LEU 98 C ? ? ? 1_555 A MSE 99  N ? ? A LEU 98 A MSE 99  1_555 ? ? ? ? ? ? ? 1.329 ? ? 
covale8 covale both ? A MSE 99 C ? ? ? 1_555 A LYS 100 N ? ? A MSE 99 A LYS 100 1_555 ? ? ? ? ? ? ? 1.329 ? ? 
# 
_struct_conn_type.id          covale 
_struct_conn_type.criteria    ? 
_struct_conn_type.reference   ? 
# 
loop_
_pdbx_modification_feature.ordinal 
_pdbx_modification_feature.label_comp_id 
_pdbx_modification_feature.label_asym_id 
_pdbx_modification_feature.label_seq_id 
_pdbx_modification_feature.label_alt_id 
_pdbx_modification_feature.modified_residue_label_comp_id 
_pdbx_modification_feature.modified_residue_label_asym_id 
_pdbx_modification_feature.modified_residue_label_seq_id 
_pdbx_modification_feature.modified_residue_label_alt_id 
_pdbx_modification_feature.auth_comp_id 
_pdbx_modification_feature.auth_asym_id 
_pdbx_modification_feature.auth_seq_id 
_pdbx_modification_feature.PDB_ins_code 
_pdbx_modification_feature.symmetry 
_pdbx_modification_feature.modified_residue_auth_comp_id 
_pdbx_modification_feature.modified_residue_auth_asym_id 
_pdbx_modification_feature.modified_residue_auth_seq_id 
_pdbx_modification_feature.modified_residue_PDB_ins_code 
_pdbx_modification_feature.modified_residue_symmetry 
_pdbx_modification_feature.comp_id_linking_atom 
_pdbx_modification_feature.modified_residue_id_linking_atom 
_pdbx_modification_feature.modified_residue_id 
_pdbx_modification_feature.ref_pcm_id 
_pdbx_modification_feature.ref_comp_id 
_pdbx_modification_feature.type 
_pdbx_modification_feature.category 
1 MSE A 13 ? . . . . MSE A 13 ? 1_555 . . . . . . . MET 1 MSE Selenomethionine 'Named protein modification' 
2 MSE A 32 ? . . . . MSE A 32 ? 1_555 . . . . . . . MET 1 MSE Selenomethionine 'Named protein modification' 
3 MSE A 64 ? . . . . MSE A 64 ? 1_555 . . . . . . . MET 1 MSE Selenomethionine 'Named protein modification' 
4 MSE A 99 ? . . . . MSE A 99 ? 1_555 . . . . . . . MET 1 MSE Selenomethionine 'Named protein modification' 
# 
_struct_sheet.id               A 
_struct_sheet.type             ? 
_struct_sheet.number_strands   4 
_struct_sheet.details          ? 
# 
loop_
_struct_sheet_order.sheet_id 
_struct_sheet_order.range_id_1 
_struct_sheet_order.range_id_2 
_struct_sheet_order.offset 
_struct_sheet_order.sense 
A 1 2 ? anti-parallel 
A 2 3 ? anti-parallel 
A 3 4 ? anti-parallel 
# 
loop_
_struct_sheet_range.sheet_id 
_struct_sheet_range.id 
_struct_sheet_range.beg_label_comp_id 
_struct_sheet_range.beg_label_asym_id 
_struct_sheet_range.beg_label_seq_id 
_struct_sheet_range.pdbx_beg_PDB_ins_code 
_struct_sheet_range.end_label_comp_id 
_struct_sheet_range.end_label_asym_id 
_struct_sheet_range.end_label_seq_id 
_struct_sheet_range.pdbx_end_PDB_ins_code 
_struct_sheet_range.beg_auth_comp_id 
_struct_sheet_range.beg_auth_asym_id 
_struct_sheet_range.beg_auth_seq_id 
_struct_sheet_range.end_auth_comp_id 
_struct_sheet_range.end_auth_asym_id 
_struct_sheet_range.end_auth_seq_id 
A 1 CYS A 48 ? PRO A 55  ? CYS A 48 PRO A 55  
A 2 LYS A 62 ? TRP A 69  ? LYS A 62 TRP A 69  
A 3 MSE A 13 ? ILE A 22  ? MSE A 13 ILE A 22  
A 4 THR A 93 ? VAL A 103 ? THR A 93 VAL A 103 
# 
loop_
_pdbx_struct_sheet_hbond.sheet_id 
_pdbx_struct_sheet_hbond.range_id_1 
_pdbx_struct_sheet_hbond.range_id_2 
_pdbx_struct_sheet_hbond.range_1_label_atom_id 
_pdbx_struct_sheet_hbond.range_1_label_comp_id 
_pdbx_struct_sheet_hbond.range_1_label_asym_id 
_pdbx_struct_sheet_hbond.range_1_label_seq_id 
_pdbx_struct_sheet_hbond.range_1_PDB_ins_code 
_pdbx_struct_sheet_hbond.range_1_auth_atom_id 
_pdbx_struct_sheet_hbond.range_1_auth_comp_id 
_pdbx_struct_sheet_hbond.range_1_auth_asym_id 
_pdbx_struct_sheet_hbond.range_1_auth_seq_id 
_pdbx_struct_sheet_hbond.range_2_label_atom_id 
_pdbx_struct_sheet_hbond.range_2_label_comp_id 
_pdbx_struct_sheet_hbond.range_2_label_asym_id 
_pdbx_struct_sheet_hbond.range_2_label_seq_id 
_pdbx_struct_sheet_hbond.range_2_PDB_ins_code 
_pdbx_struct_sheet_hbond.range_2_auth_atom_id 
_pdbx_struct_sheet_hbond.range_2_auth_comp_id 
_pdbx_struct_sheet_hbond.range_2_auth_asym_id 
_pdbx_struct_sheet_hbond.range_2_auth_seq_id 
A 1 2 N TYR A 54 ? N TYR A 54 O MSE A 64  ? O MSE A 64  
A 2 3 O ILE A 63 ? O ILE A 63 N LEU A 20  ? N LEU A 20  
A 3 4 N TYR A 15 ? N TYR A 15 O SER A 101 ? O SER A 101 
# 
_pdbx_entry_details.entry_id                   1Q8B 
_pdbx_entry_details.compound_details           ? 
_pdbx_entry_details.source_details             ? 
_pdbx_entry_details.nonpolymer_details         ? 
_pdbx_entry_details.sequence_details           ? 
_pdbx_entry_details.has_ligand_of_interest     ? 
_pdbx_entry_details.has_protein_modification   Y 
# 
_pdbx_validate_close_contact.id               1 
_pdbx_validate_close_contact.PDB_model_num    1 
_pdbx_validate_close_contact.auth_atom_id_1   OG1 
_pdbx_validate_close_contact.auth_asym_id_1   A 
_pdbx_validate_close_contact.auth_comp_id_1   THR 
_pdbx_validate_close_contact.auth_seq_id_1    17 
_pdbx_validate_close_contact.PDB_ins_code_1   ? 
_pdbx_validate_close_contact.label_alt_id_1   ? 
_pdbx_validate_close_contact.auth_atom_id_2   O 
_pdbx_validate_close_contact.auth_asym_id_2   A 
_pdbx_validate_close_contact.auth_comp_id_2   HOH 
_pdbx_validate_close_contact.auth_seq_id_2    203 
_pdbx_validate_close_contact.PDB_ins_code_2   ? 
_pdbx_validate_close_contact.label_alt_id_2   ? 
_pdbx_validate_close_contact.dist             2.13 
# 
_pdbx_validate_symm_contact.id                1 
_pdbx_validate_symm_contact.PDB_model_num     1 
_pdbx_validate_symm_contact.auth_atom_id_1    NE1 
_pdbx_validate_symm_contact.auth_asym_id_1    A 
_pdbx_validate_symm_contact.auth_comp_id_1    TRP 
_pdbx_validate_symm_contact.auth_seq_id_1     66 
_pdbx_validate_symm_contact.PDB_ins_code_1    ? 
_pdbx_validate_symm_contact.label_alt_id_1    ? 
_pdbx_validate_symm_contact.site_symmetry_1   1_555 
_pdbx_validate_symm_contact.auth_atom_id_2    O 
_pdbx_validate_symm_contact.auth_asym_id_2    A 
_pdbx_validate_symm_contact.auth_comp_id_2    HOH 
_pdbx_validate_symm_contact.auth_seq_id_2     203 
_pdbx_validate_symm_contact.PDB_ins_code_2    ? 
_pdbx_validate_symm_contact.label_alt_id_2    ? 
_pdbx_validate_symm_contact.site_symmetry_2   11_565 
_pdbx_validate_symm_contact.dist              2.18 
# 
_pdbx_validate_torsion.id              1 
_pdbx_validate_torsion.PDB_model_num   1 
_pdbx_validate_torsion.auth_comp_id    LEU 
_pdbx_validate_torsion.auth_asym_id    A 
_pdbx_validate_torsion.auth_seq_id     56 
_pdbx_validate_torsion.PDB_ins_code    ? 
_pdbx_validate_torsion.label_alt_id    ? 
_pdbx_validate_torsion.phi             -78.81 
_pdbx_validate_torsion.psi             -169.21 
# 
_pdbx_SG_project.id                    1 
_pdbx_SG_project.project_name          'PSI, Protein Structure Initiative' 
_pdbx_SG_project.full_name_of_center   'Midwest Center for Structural Genomics' 
_pdbx_SG_project.initial_of_center     MCSG 
# 
loop_
_pdbx_struct_mod_residue.id 
_pdbx_struct_mod_residue.label_asym_id 
_pdbx_struct_mod_residue.label_comp_id 
_pdbx_struct_mod_residue.label_seq_id 
_pdbx_struct_mod_residue.auth_asym_id 
_pdbx_struct_mod_residue.auth_comp_id 
_pdbx_struct_mod_residue.auth_seq_id 
_pdbx_struct_mod_residue.PDB_ins_code 
_pdbx_struct_mod_residue.parent_comp_id 
_pdbx_struct_mod_residue.details 
1 A MSE 13 A MSE 13 ? MET SELENOMETHIONINE 
2 A MSE 32 A MSE 32 ? MET SELENOMETHIONINE 
3 A MSE 64 A MSE 64 ? MET SELENOMETHIONINE 
4 A MSE 99 A MSE 99 ? MET SELENOMETHIONINE 
# 
loop_
_pdbx_unobs_or_zero_occ_residues.id 
_pdbx_unobs_or_zero_occ_residues.PDB_model_num 
_pdbx_unobs_or_zero_occ_residues.polymer_flag 
_pdbx_unobs_or_zero_occ_residues.occupancy_flag 
_pdbx_unobs_or_zero_occ_residues.auth_asym_id 
_pdbx_unobs_or_zero_occ_residues.auth_comp_id 
_pdbx_unobs_or_zero_occ_residues.auth_seq_id 
_pdbx_unobs_or_zero_occ_residues.PDB_ins_code 
_pdbx_unobs_or_zero_occ_residues.label_asym_id 
_pdbx_unobs_or_zero_occ_residues.label_comp_id 
_pdbx_unobs_or_zero_occ_residues.label_seq_id 
1  1 Y 1 A MSE 1   ? A MSE 1   
2  1 Y 1 A LYS 2   ? A LYS 2   
3  1 Y 1 A SER 3   ? A SER 3   
4  1 Y 1 A HIS 4   ? A HIS 4   
5  1 Y 1 A LYS 5   ? A LYS 5   
6  1 Y 1 A MSE 6   ? A MSE 6   
7  1 Y 1 A MSE 7   ? A MSE 7   
8  1 Y 1 A GLY 8   ? A GLY 8   
9  1 Y 1 A GLY 9   ? A GLY 9   
10 1 Y 1 A GLY 10  ? A GLY 10  
11 1 Y 1 A ILE 11  ? A ILE 11  
12 1 Y 1 A ASP 105 ? A ASP 105 
# 
loop_
_chem_comp_atom.comp_id 
_chem_comp_atom.atom_id 
_chem_comp_atom.type_symbol 
_chem_comp_atom.pdbx_aromatic_flag 
_chem_comp_atom.pdbx_stereo_config 
_chem_comp_atom.pdbx_ordinal 
ALA N    N  N N 1   
ALA CA   C  N S 2   
ALA C    C  N N 3   
ALA O    O  N N 4   
ALA CB   C  N N 5   
ALA OXT  O  N N 6   
ALA H    H  N N 7   
ALA H2   H  N N 8   
ALA HA   H  N N 9   
ALA HB1  H  N N 10  
ALA HB2  H  N N 11  
ALA HB3  H  N N 12  
ALA HXT  H  N N 13  
ARG N    N  N N 14  
ARG CA   C  N S 15  
ARG C    C  N N 16  
ARG O    O  N N 17  
ARG CB   C  N N 18  
ARG CG   C  N N 19  
ARG CD   C  N N 20  
ARG NE   N  N N 21  
ARG CZ   C  N N 22  
ARG NH1  N  N N 23  
ARG NH2  N  N N 24  
ARG OXT  O  N N 25  
ARG H    H  N N 26  
ARG H2   H  N N 27  
ARG HA   H  N N 28  
ARG HB2  H  N N 29  
ARG HB3  H  N N 30  
ARG HG2  H  N N 31  
ARG HG3  H  N N 32  
ARG HD2  H  N N 33  
ARG HD3  H  N N 34  
ARG HE   H  N N 35  
ARG HH11 H  N N 36  
ARG HH12 H  N N 37  
ARG HH21 H  N N 38  
ARG HH22 H  N N 39  
ARG HXT  H  N N 40  
ASN N    N  N N 41  
ASN CA   C  N S 42  
ASN C    C  N N 43  
ASN O    O  N N 44  
ASN CB   C  N N 45  
ASN CG   C  N N 46  
ASN OD1  O  N N 47  
ASN ND2  N  N N 48  
ASN OXT  O  N N 49  
ASN H    H  N N 50  
ASN H2   H  N N 51  
ASN HA   H  N N 52  
ASN HB2  H  N N 53  
ASN HB3  H  N N 54  
ASN HD21 H  N N 55  
ASN HD22 H  N N 56  
ASN HXT  H  N N 57  
ASP N    N  N N 58  
ASP CA   C  N S 59  
ASP C    C  N N 60  
ASP O    O  N N 61  
ASP CB   C  N N 62  
ASP CG   C  N N 63  
ASP OD1  O  N N 64  
ASP OD2  O  N N 65  
ASP OXT  O  N N 66  
ASP H    H  N N 67  
ASP H2   H  N N 68  
ASP HA   H  N N 69  
ASP HB2  H  N N 70  
ASP HB3  H  N N 71  
ASP HD2  H  N N 72  
ASP HXT  H  N N 73  
CYS N    N  N N 74  
CYS CA   C  N R 75  
CYS C    C  N N 76  
CYS O    O  N N 77  
CYS CB   C  N N 78  
CYS SG   S  N N 79  
CYS OXT  O  N N 80  
CYS H    H  N N 81  
CYS H2   H  N N 82  
CYS HA   H  N N 83  
CYS HB2  H  N N 84  
CYS HB3  H  N N 85  
CYS HG   H  N N 86  
CYS HXT  H  N N 87  
GLN N    N  N N 88  
GLN CA   C  N S 89  
GLN C    C  N N 90  
GLN O    O  N N 91  
GLN CB   C  N N 92  
GLN CG   C  N N 93  
GLN CD   C  N N 94  
GLN OE1  O  N N 95  
GLN NE2  N  N N 96  
GLN OXT  O  N N 97  
GLN H    H  N N 98  
GLN H2   H  N N 99  
GLN HA   H  N N 100 
GLN HB2  H  N N 101 
GLN HB3  H  N N 102 
GLN HG2  H  N N 103 
GLN HG3  H  N N 104 
GLN HE21 H  N N 105 
GLN HE22 H  N N 106 
GLN HXT  H  N N 107 
GLU N    N  N N 108 
GLU CA   C  N S 109 
GLU C    C  N N 110 
GLU O    O  N N 111 
GLU CB   C  N N 112 
GLU CG   C  N N 113 
GLU CD   C  N N 114 
GLU OE1  O  N N 115 
GLU OE2  O  N N 116 
GLU OXT  O  N N 117 
GLU H    H  N N 118 
GLU H2   H  N N 119 
GLU HA   H  N N 120 
GLU HB2  H  N N 121 
GLU HB3  H  N N 122 
GLU HG2  H  N N 123 
GLU HG3  H  N N 124 
GLU HE2  H  N N 125 
GLU HXT  H  N N 126 
GLY N    N  N N 127 
GLY CA   C  N N 128 
GLY C    C  N N 129 
GLY O    O  N N 130 
GLY OXT  O  N N 131 
GLY H    H  N N 132 
GLY H2   H  N N 133 
GLY HA2  H  N N 134 
GLY HA3  H  N N 135 
GLY HXT  H  N N 136 
HIS N    N  N N 137 
HIS CA   C  N S 138 
HIS C    C  N N 139 
HIS O    O  N N 140 
HIS CB   C  N N 141 
HIS CG   C  Y N 142 
HIS ND1  N  Y N 143 
HIS CD2  C  Y N 144 
HIS CE1  C  Y N 145 
HIS NE2  N  Y N 146 
HIS OXT  O  N N 147 
HIS H    H  N N 148 
HIS H2   H  N N 149 
HIS HA   H  N N 150 
HIS HB2  H  N N 151 
HIS HB3  H  N N 152 
HIS HD1  H  N N 153 
HIS HD2  H  N N 154 
HIS HE1  H  N N 155 
HIS HE2  H  N N 156 
HIS HXT  H  N N 157 
HOH O    O  N N 158 
HOH H1   H  N N 159 
HOH H2   H  N N 160 
ILE N    N  N N 161 
ILE CA   C  N S 162 
ILE C    C  N N 163 
ILE O    O  N N 164 
ILE CB   C  N S 165 
ILE CG1  C  N N 166 
ILE CG2  C  N N 167 
ILE CD1  C  N N 168 
ILE OXT  O  N N 169 
ILE H    H  N N 170 
ILE H2   H  N N 171 
ILE HA   H  N N 172 
ILE HB   H  N N 173 
ILE HG12 H  N N 174 
ILE HG13 H  N N 175 
ILE HG21 H  N N 176 
ILE HG22 H  N N 177 
ILE HG23 H  N N 178 
ILE HD11 H  N N 179 
ILE HD12 H  N N 180 
ILE HD13 H  N N 181 
ILE HXT  H  N N 182 
LEU N    N  N N 183 
LEU CA   C  N S 184 
LEU C    C  N N 185 
LEU O    O  N N 186 
LEU CB   C  N N 187 
LEU CG   C  N N 188 
LEU CD1  C  N N 189 
LEU CD2  C  N N 190 
LEU OXT  O  N N 191 
LEU H    H  N N 192 
LEU H2   H  N N 193 
LEU HA   H  N N 194 
LEU HB2  H  N N 195 
LEU HB3  H  N N 196 
LEU HG   H  N N 197 
LEU HD11 H  N N 198 
LEU HD12 H  N N 199 
LEU HD13 H  N N 200 
LEU HD21 H  N N 201 
LEU HD22 H  N N 202 
LEU HD23 H  N N 203 
LEU HXT  H  N N 204 
LYS N    N  N N 205 
LYS CA   C  N S 206 
LYS C    C  N N 207 
LYS O    O  N N 208 
LYS CB   C  N N 209 
LYS CG   C  N N 210 
LYS CD   C  N N 211 
LYS CE   C  N N 212 
LYS NZ   N  N N 213 
LYS OXT  O  N N 214 
LYS H    H  N N 215 
LYS H2   H  N N 216 
LYS HA   H  N N 217 
LYS HB2  H  N N 218 
LYS HB3  H  N N 219 
LYS HG2  H  N N 220 
LYS HG3  H  N N 221 
LYS HD2  H  N N 222 
LYS HD3  H  N N 223 
LYS HE2  H  N N 224 
LYS HE3  H  N N 225 
LYS HZ1  H  N N 226 
LYS HZ2  H  N N 227 
LYS HZ3  H  N N 228 
LYS HXT  H  N N 229 
MET N    N  N N 230 
MET CA   C  N S 231 
MET C    C  N N 232 
MET O    O  N N 233 
MET CB   C  N N 234 
MET CG   C  N N 235 
MET SD   S  N N 236 
MET CE   C  N N 237 
MET OXT  O  N N 238 
MET H    H  N N 239 
MET H2   H  N N 240 
MET HA   H  N N 241 
MET HB2  H  N N 242 
MET HB3  H  N N 243 
MET HG2  H  N N 244 
MET HG3  H  N N 245 
MET HE1  H  N N 246 
MET HE2  H  N N 247 
MET HE3  H  N N 248 
MET HXT  H  N N 249 
MSE N    N  N N 250 
MSE CA   C  N S 251 
MSE C    C  N N 252 
MSE O    O  N N 253 
MSE OXT  O  N N 254 
MSE CB   C  N N 255 
MSE CG   C  N N 256 
MSE SE   SE N N 257 
MSE CE   C  N N 258 
MSE H    H  N N 259 
MSE H2   H  N N 260 
MSE HA   H  N N 261 
MSE HXT  H  N N 262 
MSE HB2  H  N N 263 
MSE HB3  H  N N 264 
MSE HG2  H  N N 265 
MSE HG3  H  N N 266 
MSE HE1  H  N N 267 
MSE HE2  H  N N 268 
MSE HE3  H  N N 269 
PHE N    N  N N 270 
PHE CA   C  N S 271 
PHE C    C  N N 272 
PHE O    O  N N 273 
PHE CB   C  N N 274 
PHE CG   C  Y N 275 
PHE CD1  C  Y N 276 
PHE CD2  C  Y N 277 
PHE CE1  C  Y N 278 
PHE CE2  C  Y N 279 
PHE CZ   C  Y N 280 
PHE OXT  O  N N 281 
PHE H    H  N N 282 
PHE H2   H  N N 283 
PHE HA   H  N N 284 
PHE HB2  H  N N 285 
PHE HB3  H  N N 286 
PHE HD1  H  N N 287 
PHE HD2  H  N N 288 
PHE HE1  H  N N 289 
PHE HE2  H  N N 290 
PHE HZ   H  N N 291 
PHE HXT  H  N N 292 
PRO N    N  N N 293 
PRO CA   C  N S 294 
PRO C    C  N N 295 
PRO O    O  N N 296 
PRO CB   C  N N 297 
PRO CG   C  N N 298 
PRO CD   C  N N 299 
PRO OXT  O  N N 300 
PRO H    H  N N 301 
PRO HA   H  N N 302 
PRO HB2  H  N N 303 
PRO HB3  H  N N 304 
PRO HG2  H  N N 305 
PRO HG3  H  N N 306 
PRO HD2  H  N N 307 
PRO HD3  H  N N 308 
PRO HXT  H  N N 309 
SER N    N  N N 310 
SER CA   C  N S 311 
SER C    C  N N 312 
SER O    O  N N 313 
SER CB   C  N N 314 
SER OG   O  N N 315 
SER OXT  O  N N 316 
SER H    H  N N 317 
SER H2   H  N N 318 
SER HA   H  N N 319 
SER HB2  H  N N 320 
SER HB3  H  N N 321 
SER HG   H  N N 322 
SER HXT  H  N N 323 
THR N    N  N N 324 
THR CA   C  N S 325 
THR C    C  N N 326 
THR O    O  N N 327 
THR CB   C  N R 328 
THR OG1  O  N N 329 
THR CG2  C  N N 330 
THR OXT  O  N N 331 
THR H    H  N N 332 
THR H2   H  N N 333 
THR HA   H  N N 334 
THR HB   H  N N 335 
THR HG1  H  N N 336 
THR HG21 H  N N 337 
THR HG22 H  N N 338 
THR HG23 H  N N 339 
THR HXT  H  N N 340 
TRP N    N  N N 341 
TRP CA   C  N S 342 
TRP C    C  N N 343 
TRP O    O  N N 344 
TRP CB   C  N N 345 
TRP CG   C  Y N 346 
TRP CD1  C  Y N 347 
TRP CD2  C  Y N 348 
TRP NE1  N  Y N 349 
TRP CE2  C  Y N 350 
TRP CE3  C  Y N 351 
TRP CZ2  C  Y N 352 
TRP CZ3  C  Y N 353 
TRP CH2  C  Y N 354 
TRP OXT  O  N N 355 
TRP H    H  N N 356 
TRP H2   H  N N 357 
TRP HA   H  N N 358 
TRP HB2  H  N N 359 
TRP HB3  H  N N 360 
TRP HD1  H  N N 361 
TRP HE1  H  N N 362 
TRP HE3  H  N N 363 
TRP HZ2  H  N N 364 
TRP HZ3  H  N N 365 
TRP HH2  H  N N 366 
TRP HXT  H  N N 367 
TYR N    N  N N 368 
TYR CA   C  N S 369 
TYR C    C  N N 370 
TYR O    O  N N 371 
TYR CB   C  N N 372 
TYR CG   C  Y N 373 
TYR CD1  C  Y N 374 
TYR CD2  C  Y N 375 
TYR CE1  C  Y N 376 
TYR CE2  C  Y N 377 
TYR CZ   C  Y N 378 
TYR OH   O  N N 379 
TYR OXT  O  N N 380 
TYR H    H  N N 381 
TYR H2   H  N N 382 
TYR HA   H  N N 383 
TYR HB2  H  N N 384 
TYR HB3  H  N N 385 
TYR HD1  H  N N 386 
TYR HD2  H  N N 387 
TYR HE1  H  N N 388 
TYR HE2  H  N N 389 
TYR HH   H  N N 390 
TYR HXT  H  N N 391 
VAL N    N  N N 392 
VAL CA   C  N S 393 
VAL C    C  N N 394 
VAL O    O  N N 395 
VAL CB   C  N N 396 
VAL CG1  C  N N 397 
VAL CG2  C  N N 398 
VAL OXT  O  N N 399 
VAL H    H  N N 400 
VAL H2   H  N N 401 
VAL HA   H  N N 402 
VAL HB   H  N N 403 
VAL HG11 H  N N 404 
VAL HG12 H  N N 405 
VAL HG13 H  N N 406 
VAL HG21 H  N N 407 
VAL HG22 H  N N 408 
VAL HG23 H  N N 409 
VAL HXT  H  N N 410 
# 
loop_
_chem_comp_bond.comp_id 
_chem_comp_bond.atom_id_1 
_chem_comp_bond.atom_id_2 
_chem_comp_bond.value_order 
_chem_comp_bond.pdbx_aromatic_flag 
_chem_comp_bond.pdbx_stereo_config 
_chem_comp_bond.pdbx_ordinal 
ALA N   CA   sing N N 1   
ALA N   H    sing N N 2   
ALA N   H2   sing N N 3   
ALA CA  C    sing N N 4   
ALA CA  CB   sing N N 5   
ALA CA  HA   sing N N 6   
ALA C   O    doub N N 7   
ALA C   OXT  sing N N 8   
ALA CB  HB1  sing N N 9   
ALA CB  HB2  sing N N 10  
ALA CB  HB3  sing N N 11  
ALA OXT HXT  sing N N 12  
ARG N   CA   sing N N 13  
ARG N   H    sing N N 14  
ARG N   H2   sing N N 15  
ARG CA  C    sing N N 16  
ARG CA  CB   sing N N 17  
ARG CA  HA   sing N N 18  
ARG C   O    doub N N 19  
ARG C   OXT  sing N N 20  
ARG CB  CG   sing N N 21  
ARG CB  HB2  sing N N 22  
ARG CB  HB3  sing N N 23  
ARG CG  CD   sing N N 24  
ARG CG  HG2  sing N N 25  
ARG CG  HG3  sing N N 26  
ARG CD  NE   sing N N 27  
ARG CD  HD2  sing N N 28  
ARG CD  HD3  sing N N 29  
ARG NE  CZ   sing N N 30  
ARG NE  HE   sing N N 31  
ARG CZ  NH1  sing N N 32  
ARG CZ  NH2  doub N N 33  
ARG NH1 HH11 sing N N 34  
ARG NH1 HH12 sing N N 35  
ARG NH2 HH21 sing N N 36  
ARG NH2 HH22 sing N N 37  
ARG OXT HXT  sing N N 38  
ASN N   CA   sing N N 39  
ASN N   H    sing N N 40  
ASN N   H2   sing N N 41  
ASN CA  C    sing N N 42  
ASN CA  CB   sing N N 43  
ASN CA  HA   sing N N 44  
ASN C   O    doub N N 45  
ASN C   OXT  sing N N 46  
ASN CB  CG   sing N N 47  
ASN CB  HB2  sing N N 48  
ASN CB  HB3  sing N N 49  
ASN CG  OD1  doub N N 50  
ASN CG  ND2  sing N N 51  
ASN ND2 HD21 sing N N 52  
ASN ND2 HD22 sing N N 53  
ASN OXT HXT  sing N N 54  
ASP N   CA   sing N N 55  
ASP N   H    sing N N 56  
ASP N   H2   sing N N 57  
ASP CA  C    sing N N 58  
ASP CA  CB   sing N N 59  
ASP CA  HA   sing N N 60  
ASP C   O    doub N N 61  
ASP C   OXT  sing N N 62  
ASP CB  CG   sing N N 63  
ASP CB  HB2  sing N N 64  
ASP CB  HB3  sing N N 65  
ASP CG  OD1  doub N N 66  
ASP CG  OD2  sing N N 67  
ASP OD2 HD2  sing N N 68  
ASP OXT HXT  sing N N 69  
CYS N   CA   sing N N 70  
CYS N   H    sing N N 71  
CYS N   H2   sing N N 72  
CYS CA  C    sing N N 73  
CYS CA  CB   sing N N 74  
CYS CA  HA   sing N N 75  
CYS C   O    doub N N 76  
CYS C   OXT  sing N N 77  
CYS CB  SG   sing N N 78  
CYS CB  HB2  sing N N 79  
CYS CB  HB3  sing N N 80  
CYS SG  HG   sing N N 81  
CYS OXT HXT  sing N N 82  
GLN N   CA   sing N N 83  
GLN N   H    sing N N 84  
GLN N   H2   sing N N 85  
GLN CA  C    sing N N 86  
GLN CA  CB   sing N N 87  
GLN CA  HA   sing N N 88  
GLN C   O    doub N N 89  
GLN C   OXT  sing N N 90  
GLN CB  CG   sing N N 91  
GLN CB  HB2  sing N N 92  
GLN CB  HB3  sing N N 93  
GLN CG  CD   sing N N 94  
GLN CG  HG2  sing N N 95  
GLN CG  HG3  sing N N 96  
GLN CD  OE1  doub N N 97  
GLN CD  NE2  sing N N 98  
GLN NE2 HE21 sing N N 99  
GLN NE2 HE22 sing N N 100 
GLN OXT HXT  sing N N 101 
GLU N   CA   sing N N 102 
GLU N   H    sing N N 103 
GLU N   H2   sing N N 104 
GLU CA  C    sing N N 105 
GLU CA  CB   sing N N 106 
GLU CA  HA   sing N N 107 
GLU C   O    doub N N 108 
GLU C   OXT  sing N N 109 
GLU CB  CG   sing N N 110 
GLU CB  HB2  sing N N 111 
GLU CB  HB3  sing N N 112 
GLU CG  CD   sing N N 113 
GLU CG  HG2  sing N N 114 
GLU CG  HG3  sing N N 115 
GLU CD  OE1  doub N N 116 
GLU CD  OE2  sing N N 117 
GLU OE2 HE2  sing N N 118 
GLU OXT HXT  sing N N 119 
GLY N   CA   sing N N 120 
GLY N   H    sing N N 121 
GLY N   H2   sing N N 122 
GLY CA  C    sing N N 123 
GLY CA  HA2  sing N N 124 
GLY CA  HA3  sing N N 125 
GLY C   O    doub N N 126 
GLY C   OXT  sing N N 127 
GLY OXT HXT  sing N N 128 
HIS N   CA   sing N N 129 
HIS N   H    sing N N 130 
HIS N   H2   sing N N 131 
HIS CA  C    sing N N 132 
HIS CA  CB   sing N N 133 
HIS CA  HA   sing N N 134 
HIS C   O    doub N N 135 
HIS C   OXT  sing N N 136 
HIS CB  CG   sing N N 137 
HIS CB  HB2  sing N N 138 
HIS CB  HB3  sing N N 139 
HIS CG  ND1  sing Y N 140 
HIS CG  CD2  doub Y N 141 
HIS ND1 CE1  doub Y N 142 
HIS ND1 HD1  sing N N 143 
HIS CD2 NE2  sing Y N 144 
HIS CD2 HD2  sing N N 145 
HIS CE1 NE2  sing Y N 146 
HIS CE1 HE1  sing N N 147 
HIS NE2 HE2  sing N N 148 
HIS OXT HXT  sing N N 149 
HOH O   H1   sing N N 150 
HOH O   H2   sing N N 151 
ILE N   CA   sing N N 152 
ILE N   H    sing N N 153 
ILE N   H2   sing N N 154 
ILE CA  C    sing N N 155 
ILE CA  CB   sing N N 156 
ILE CA  HA   sing N N 157 
ILE C   O    doub N N 158 
ILE C   OXT  sing N N 159 
ILE CB  CG1  sing N N 160 
ILE CB  CG2  sing N N 161 
ILE CB  HB   sing N N 162 
ILE CG1 CD1  sing N N 163 
ILE CG1 HG12 sing N N 164 
ILE CG1 HG13 sing N N 165 
ILE CG2 HG21 sing N N 166 
ILE CG2 HG22 sing N N 167 
ILE CG2 HG23 sing N N 168 
ILE CD1 HD11 sing N N 169 
ILE CD1 HD12 sing N N 170 
ILE CD1 HD13 sing N N 171 
ILE OXT HXT  sing N N 172 
LEU N   CA   sing N N 173 
LEU N   H    sing N N 174 
LEU N   H2   sing N N 175 
LEU CA  C    sing N N 176 
LEU CA  CB   sing N N 177 
LEU CA  HA   sing N N 178 
LEU C   O    doub N N 179 
LEU C   OXT  sing N N 180 
LEU CB  CG   sing N N 181 
LEU CB  HB2  sing N N 182 
LEU CB  HB3  sing N N 183 
LEU CG  CD1  sing N N 184 
LEU CG  CD2  sing N N 185 
LEU CG  HG   sing N N 186 
LEU CD1 HD11 sing N N 187 
LEU CD1 HD12 sing N N 188 
LEU CD1 HD13 sing N N 189 
LEU CD2 HD21 sing N N 190 
LEU CD2 HD22 sing N N 191 
LEU CD2 HD23 sing N N 192 
LEU OXT HXT  sing N N 193 
LYS N   CA   sing N N 194 
LYS N   H    sing N N 195 
LYS N   H2   sing N N 196 
LYS CA  C    sing N N 197 
LYS CA  CB   sing N N 198 
LYS CA  HA   sing N N 199 
LYS C   O    doub N N 200 
LYS C   OXT  sing N N 201 
LYS CB  CG   sing N N 202 
LYS CB  HB2  sing N N 203 
LYS CB  HB3  sing N N 204 
LYS CG  CD   sing N N 205 
LYS CG  HG2  sing N N 206 
LYS CG  HG3  sing N N 207 
LYS CD  CE   sing N N 208 
LYS CD  HD2  sing N N 209 
LYS CD  HD3  sing N N 210 
LYS CE  NZ   sing N N 211 
LYS CE  HE2  sing N N 212 
LYS CE  HE3  sing N N 213 
LYS NZ  HZ1  sing N N 214 
LYS NZ  HZ2  sing N N 215 
LYS NZ  HZ3  sing N N 216 
LYS OXT HXT  sing N N 217 
MET N   CA   sing N N 218 
MET N   H    sing N N 219 
MET N   H2   sing N N 220 
MET CA  C    sing N N 221 
MET CA  CB   sing N N 222 
MET CA  HA   sing N N 223 
MET C   O    doub N N 224 
MET C   OXT  sing N N 225 
MET CB  CG   sing N N 226 
MET CB  HB2  sing N N 227 
MET CB  HB3  sing N N 228 
MET CG  SD   sing N N 229 
MET CG  HG2  sing N N 230 
MET CG  HG3  sing N N 231 
MET SD  CE   sing N N 232 
MET CE  HE1  sing N N 233 
MET CE  HE2  sing N N 234 
MET CE  HE3  sing N N 235 
MET OXT HXT  sing N N 236 
MSE N   CA   sing N N 237 
MSE N   H    sing N N 238 
MSE N   H2   sing N N 239 
MSE CA  C    sing N N 240 
MSE CA  CB   sing N N 241 
MSE CA  HA   sing N N 242 
MSE C   O    doub N N 243 
MSE C   OXT  sing N N 244 
MSE OXT HXT  sing N N 245 
MSE CB  CG   sing N N 246 
MSE CB  HB2  sing N N 247 
MSE CB  HB3  sing N N 248 
MSE CG  SE   sing N N 249 
MSE CG  HG2  sing N N 250 
MSE CG  HG3  sing N N 251 
MSE SE  CE   sing N N 252 
MSE CE  HE1  sing N N 253 
MSE CE  HE2  sing N N 254 
MSE CE  HE3  sing N N 255 
PHE N   CA   sing N N 256 
PHE N   H    sing N N 257 
PHE N   H2   sing N N 258 
PHE CA  C    sing N N 259 
PHE CA  CB   sing N N 260 
PHE CA  HA   sing N N 261 
PHE C   O    doub N N 262 
PHE C   OXT  sing N N 263 
PHE CB  CG   sing N N 264 
PHE CB  HB2  sing N N 265 
PHE CB  HB3  sing N N 266 
PHE CG  CD1  doub Y N 267 
PHE CG  CD2  sing Y N 268 
PHE CD1 CE1  sing Y N 269 
PHE CD1 HD1  sing N N 270 
PHE CD2 CE2  doub Y N 271 
PHE CD2 HD2  sing N N 272 
PHE CE1 CZ   doub Y N 273 
PHE CE1 HE1  sing N N 274 
PHE CE2 CZ   sing Y N 275 
PHE CE2 HE2  sing N N 276 
PHE CZ  HZ   sing N N 277 
PHE OXT HXT  sing N N 278 
PRO N   CA   sing N N 279 
PRO N   CD   sing N N 280 
PRO N   H    sing N N 281 
PRO CA  C    sing N N 282 
PRO CA  CB   sing N N 283 
PRO CA  HA   sing N N 284 
PRO C   O    doub N N 285 
PRO C   OXT  sing N N 286 
PRO CB  CG   sing N N 287 
PRO CB  HB2  sing N N 288 
PRO CB  HB3  sing N N 289 
PRO CG  CD   sing N N 290 
PRO CG  HG2  sing N N 291 
PRO CG  HG3  sing N N 292 
PRO CD  HD2  sing N N 293 
PRO CD  HD3  sing N N 294 
PRO OXT HXT  sing N N 295 
SER N   CA   sing N N 296 
SER N   H    sing N N 297 
SER N   H2   sing N N 298 
SER CA  C    sing N N 299 
SER CA  CB   sing N N 300 
SER CA  HA   sing N N 301 
SER C   O    doub N N 302 
SER C   OXT  sing N N 303 
SER CB  OG   sing N N 304 
SER CB  HB2  sing N N 305 
SER CB  HB3  sing N N 306 
SER OG  HG   sing N N 307 
SER OXT HXT  sing N N 308 
THR N   CA   sing N N 309 
THR N   H    sing N N 310 
THR N   H2   sing N N 311 
THR CA  C    sing N N 312 
THR CA  CB   sing N N 313 
THR CA  HA   sing N N 314 
THR C   O    doub N N 315 
THR C   OXT  sing N N 316 
THR CB  OG1  sing N N 317 
THR CB  CG2  sing N N 318 
THR CB  HB   sing N N 319 
THR OG1 HG1  sing N N 320 
THR CG2 HG21 sing N N 321 
THR CG2 HG22 sing N N 322 
THR CG2 HG23 sing N N 323 
THR OXT HXT  sing N N 324 
TRP N   CA   sing N N 325 
TRP N   H    sing N N 326 
TRP N   H2   sing N N 327 
TRP CA  C    sing N N 328 
TRP CA  CB   sing N N 329 
TRP CA  HA   sing N N 330 
TRP C   O    doub N N 331 
TRP C   OXT  sing N N 332 
TRP CB  CG   sing N N 333 
TRP CB  HB2  sing N N 334 
TRP CB  HB3  sing N N 335 
TRP CG  CD1  doub Y N 336 
TRP CG  CD2  sing Y N 337 
TRP CD1 NE1  sing Y N 338 
TRP CD1 HD1  sing N N 339 
TRP CD2 CE2  doub Y N 340 
TRP CD2 CE3  sing Y N 341 
TRP NE1 CE2  sing Y N 342 
TRP NE1 HE1  sing N N 343 
TRP CE2 CZ2  sing Y N 344 
TRP CE3 CZ3  doub Y N 345 
TRP CE3 HE3  sing N N 346 
TRP CZ2 CH2  doub Y N 347 
TRP CZ2 HZ2  sing N N 348 
TRP CZ3 CH2  sing Y N 349 
TRP CZ3 HZ3  sing N N 350 
TRP CH2 HH2  sing N N 351 
TRP OXT HXT  sing N N 352 
TYR N   CA   sing N N 353 
TYR N   H    sing N N 354 
TYR N   H2   sing N N 355 
TYR CA  C    sing N N 356 
TYR CA  CB   sing N N 357 
TYR CA  HA   sing N N 358 
TYR C   O    doub N N 359 
TYR C   OXT  sing N N 360 
TYR CB  CG   sing N N 361 
TYR CB  HB2  sing N N 362 
TYR CB  HB3  sing N N 363 
TYR CG  CD1  doub Y N 364 
TYR CG  CD2  sing Y N 365 
TYR CD1 CE1  sing Y N 366 
TYR CD1 HD1  sing N N 367 
TYR CD2 CE2  doub Y N 368 
TYR CD2 HD2  sing N N 369 
TYR CE1 CZ   doub Y N 370 
TYR CE1 HE1  sing N N 371 
TYR CE2 CZ   sing Y N 372 
TYR CE2 HE2  sing N N 373 
TYR CZ  OH   sing N N 374 
TYR OH  HH   sing N N 375 
TYR OXT HXT  sing N N 376 
VAL N   CA   sing N N 377 
VAL N   H    sing N N 378 
VAL N   H2   sing N N 379 
VAL CA  C    sing N N 380 
VAL CA  CB   sing N N 381 
VAL CA  HA   sing N N 382 
VAL C   O    doub N N 383 
VAL C   OXT  sing N N 384 
VAL CB  CG1  sing N N 385 
VAL CB  CG2  sing N N 386 
VAL CB  HB   sing N N 387 
VAL CG1 HG11 sing N N 388 
VAL CG1 HG12 sing N N 389 
VAL CG1 HG13 sing N N 390 
VAL CG2 HG21 sing N N 391 
VAL CG2 HG22 sing N N 392 
VAL CG2 HG23 sing N N 393 
VAL OXT HXT  sing N N 394 
# 
_atom_sites.entry_id                    1Q8B 
_atom_sites.fract_transf_matrix[1][1]   0.00700680 
_atom_sites.fract_transf_matrix[1][2]   -0.00268572 
_atom_sites.fract_transf_matrix[1][3]   -0.01440468 
_atom_sites.fract_transf_matrix[2][1]   -0.00918393 
_atom_sites.fract_transf_matrix[2][2]   -0.00272745 
_atom_sites.fract_transf_matrix[2][3]   -0.01311561 
_atom_sites.fract_transf_matrix[3][1]   -0.00011919 
_atom_sites.fract_transf_matrix[3][2]   0.00657673 
_atom_sites.fract_transf_matrix[3][3]   -0.00128420 
_atom_sites.fract_transf_vector[1]      0.861468 
_atom_sites.fract_transf_vector[2]      0.547673 
_atom_sites.fract_transf_vector[3]      0.222377 
# 
loop_
_atom_type.symbol 
C  
N  
O  
S  
SE 
# 
loop_
_atom_site.group_PDB 
_atom_site.id 
_atom_site.type_symbol 
_atom_site.label_atom_id 
_atom_site.label_alt_id 
_atom_site.label_comp_id 
_atom_site.label_asym_id 
_atom_site.label_entity_id 
_atom_site.label_seq_id 
_atom_site.pdbx_PDB_ins_code 
_atom_site.Cartn_x 
_atom_site.Cartn_y 
_atom_site.Cartn_z 
_atom_site.occupancy 
_atom_site.B_iso_or_equiv 
_atom_site.pdbx_formal_charge 
_atom_site.auth_seq_id 
_atom_site.auth_comp_id 
_atom_site.auth_asym_id 
_atom_site.auth_atom_id 
_atom_site.pdbx_PDB_model_num 
ATOM   1   N  N   . SER A 1 12  ? 9.717   -18.943 4.002   1.00 35.10 ? 12  SER A N   1 
ATOM   2   C  CA  . SER A 1 12  ? 8.550   -18.249 4.628   1.00 34.40 ? 12  SER A CA  1 
ATOM   3   C  C   . SER A 1 12  ? 8.381   -16.817 4.118   1.00 33.46 ? 12  SER A C   1 
ATOM   4   O  O   . SER A 1 12  ? 9.362   -16.115 3.882   1.00 33.95 ? 12  SER A O   1 
ATOM   5   C  CB  . SER A 1 12  ? 8.713   -18.222 6.145   1.00 34.23 ? 12  SER A CB  1 
ATOM   6   O  OG  . SER A 1 12  ? 7.599   -17.587 6.744   1.00 35.35 ? 12  SER A OG  1 
HETATM 7   N  N   . MSE A 1 13  ? 7.130   -16.392 3.950   1.00 32.31 ? 13  MSE A N   1 
HETATM 8   C  CA  . MSE A 1 13  ? 6.818   -15.044 3.470   1.00 30.76 ? 13  MSE A CA  1 
HETATM 9   C  C   . MSE A 1 13  ? 5.580   -14.499 4.177   1.00 28.34 ? 13  MSE A C   1 
HETATM 10  O  O   . MSE A 1 13  ? 4.703   -15.259 4.598   1.00 27.59 ? 13  MSE A O   1 
HETATM 11  C  CB  . MSE A 1 13  ? 6.555   -15.052 1.961   1.00 33.25 ? 13  MSE A CB  1 
HETATM 12  C  CG  . MSE A 1 13  ? 7.697   -15.588 1.122   1.00 37.11 ? 13  MSE A CG  1 
HETATM 13  SE SE  . MSE A 1 13  ? 7.186   -15.805 -0.745  1.00 42.85 ? 13  MSE A SE  1 
HETATM 14  C  CE  . MSE A 1 13  ? 6.166   -17.448 -0.579  1.00 39.87 ? 13  MSE A CE  1 
ATOM   15  N  N   . HIS A 1 14  ? 5.513   -13.177 4.299   1.00 25.54 ? 14  HIS A N   1 
ATOM   16  C  CA  . HIS A 1 14  ? 4.387   -12.532 4.948   1.00 23.11 ? 14  HIS A CA  1 
ATOM   17  C  C   . HIS A 1 14  ? 3.537   -11.853 3.889   1.00 22.26 ? 14  HIS A C   1 
ATOM   18  O  O   . HIS A 1 14  ? 3.956   -10.861 3.283   1.00 20.86 ? 14  HIS A O   1 
ATOM   19  C  CB  . HIS A 1 14  ? 4.872   -11.501 5.964   1.00 22.65 ? 14  HIS A CB  1 
ATOM   20  C  CG  . HIS A 1 14  ? 3.790   -10.985 6.859   1.00 22.73 ? 14  HIS A CG  1 
ATOM   21  N  ND1 . HIS A 1 14  ? 3.302   -9.699  6.776   1.00 23.40 ? 14  HIS A ND1 1 
ATOM   22  C  CD2 . HIS A 1 14  ? 3.102   -11.584 7.862   1.00 22.86 ? 14  HIS A CD2 1 
ATOM   23  C  CE1 . HIS A 1 14  ? 2.363   -9.525  7.690   1.00 23.12 ? 14  HIS A CE1 1 
ATOM   24  N  NE2 . HIS A 1 14  ? 2.223   -10.654 8.363   1.00 23.22 ? 14  HIS A NE2 1 
ATOM   25  N  N   . TYR A 1 15  ? 2.345   -12.407 3.675   1.00 21.33 ? 15  TYR A N   1 
ATOM   26  C  CA  . TYR A 1 15  ? 1.391   -11.900 2.690   1.00 20.64 ? 15  TYR A CA  1 
ATOM   27  C  C   . TYR A 1 15  ? 0.355   -10.941 3.256   1.00 19.67 ? 15  TYR A C   1 
ATOM   28  O  O   . TYR A 1 15  ? -0.202  -11.165 4.337   1.00 19.31 ? 15  TYR A O   1 
ATOM   29  C  CB  . TYR A 1 15  ? 0.615   -13.051 2.044   1.00 20.89 ? 15  TYR A CB  1 
ATOM   30  C  CG  . TYR A 1 15  ? 1.302   -13.768 0.907   1.00 20.47 ? 15  TYR A CG  1 
ATOM   31  C  CD1 . TYR A 1 15  ? 2.277   -14.732 1.151   1.00 20.17 ? 15  TYR A CD1 1 
ATOM   32  C  CD2 . TYR A 1 15  ? 0.915   -13.533 -0.416  1.00 19.98 ? 15  TYR A CD2 1 
ATOM   33  C  CE1 . TYR A 1 15  ? 2.843   -15.454 0.104   1.00 20.42 ? 15  TYR A CE1 1 
ATOM   34  C  CE2 . TYR A 1 15  ? 1.475   -14.245 -1.469  1.00 19.55 ? 15  TYR A CE2 1 
ATOM   35  C  CZ  . TYR A 1 15  ? 2.433   -15.203 -1.204  1.00 19.93 ? 15  TYR A CZ  1 
ATOM   36  O  OH  . TYR A 1 15  ? 2.980   -15.915 -2.244  1.00 20.08 ? 15  TYR A OH  1 
ATOM   37  N  N   . ILE A 1 16  ? 0.071   -9.888  2.500   1.00 18.42 ? 16  ILE A N   1 
ATOM   38  C  CA  . ILE A 1 16  ? -0.938  -8.930  2.909   1.00 17.65 ? 16  ILE A CA  1 
ATOM   39  C  C   . ILE A 1 16  ? -1.784  -8.475  1.733   1.00 17.17 ? 16  ILE A C   1 
ATOM   40  O  O   . ILE A 1 16  ? -1.258  -8.125  0.678   1.00 16.94 ? 16  ILE A O   1 
ATOM   41  C  CB  . ILE A 1 16  ? -0.327  -7.663  3.551   1.00 17.94 ? 16  ILE A CB  1 
ATOM   42  C  CG1 . ILE A 1 16  ? 0.325   -8.004  4.894   1.00 18.33 ? 16  ILE A CG1 1 
ATOM   43  C  CG2 . ILE A 1 16  ? -1.427  -6.619  3.768   1.00 18.23 ? 16  ILE A CG2 1 
ATOM   44  C  CD1 . ILE A 1 16  ? 0.896   -6.797  5.614   1.00 18.04 ? 16  ILE A CD1 1 
ATOM   45  N  N   . THR A 1 17  ? -3.100  -8.512  1.918   1.00 16.84 ? 17  THR A N   1 
ATOM   46  C  CA  . THR A 1 17  ? -4.035  -8.023  0.913   1.00 16.56 ? 17  THR A CA  1 
ATOM   47  C  C   . THR A 1 17  ? -4.862  -7.014  1.683   1.00 16.18 ? 17  THR A C   1 
ATOM   48  O  O   . THR A 1 17  ? -5.412  -7.329  2.739   1.00 15.55 ? 17  THR A O   1 
ATOM   49  C  CB  . THR A 1 17  ? -4.963  -9.120  0.366   1.00 17.12 ? 17  THR A CB  1 
ATOM   50  O  OG1 . THR A 1 17  ? -4.184  -10.079 -0.347  1.00 16.36 ? 17  THR A OG1 1 
ATOM   51  C  CG2 . THR A 1 17  ? -5.999  -8.520  -0.592  1.00 16.27 ? 17  THR A CG2 1 
ATOM   52  N  N   . ALA A 1 18  ? -4.937  -5.794  1.171   1.00 15.79 ? 18  ALA A N   1 
ATOM   53  C  CA  . ALA A 1 18  ? -5.687  -4.768  1.863   1.00 16.38 ? 18  ALA A CA  1 
ATOM   54  C  C   . ALA A 1 18  ? -6.502  -3.932  0.900   1.00 17.03 ? 18  ALA A C   1 
ATOM   55  O  O   . ALA A 1 18  ? -6.136  -3.758  -0.261  1.00 17.56 ? 18  ALA A O   1 
ATOM   56  C  CB  . ALA A 1 18  ? -4.734  -3.874  2.649   1.00 15.67 ? 18  ALA A CB  1 
ATOM   57  N  N   . CYS A 1 19  ? -7.622  -3.427  1.393   1.00 17.65 ? 19  CYS A N   1 
ATOM   58  C  CA  . CYS A 1 19  ? -8.484  -2.579  0.601   1.00 18.39 ? 19  CYS A CA  1 
ATOM   59  C  C   . CYS A 1 19  ? -8.515  -1.253  1.323   1.00 18.87 ? 19  CYS A C   1 
ATOM   60  O  O   . CYS A 1 19  ? -8.868  -1.196  2.502   1.00 18.84 ? 19  CYS A O   1 
ATOM   61  C  CB  . CYS A 1 19  ? -9.900  -3.145  0.525   1.00 19.06 ? 19  CYS A CB  1 
ATOM   62  S  SG  . CYS A 1 19  ? -11.019 -2.119  -0.482  1.00 21.90 ? 19  CYS A SG  1 
ATOM   63  N  N   . LEU A 1 20  ? -8.133  -0.196  0.617   1.00 18.93 ? 20  LEU A N   1 
ATOM   64  C  CA  . LEU A 1 20  ? -8.120  1.141   1.182   1.00 19.49 ? 20  LEU A CA  1 
ATOM   65  C  C   . LEU A 1 20  ? -9.338  1.941   0.741   1.00 20.28 ? 20  LEU A C   1 
ATOM   66  O  O   . LEU A 1 20  ? -9.754  1.883   -0.418  1.00 19.92 ? 20  LEU A O   1 
ATOM   67  C  CB  . LEU A 1 20  ? -6.874  1.910   0.739   1.00 19.13 ? 20  LEU A CB  1 
ATOM   68  C  CG  . LEU A 1 20  ? -5.473  1.348   0.972   1.00 20.19 ? 20  LEU A CG  1 
ATOM   69  C  CD1 . LEU A 1 20  ? -4.457  2.413   0.596   1.00 18.63 ? 20  LEU A CD1 1 
ATOM   70  C  CD2 . LEU A 1 20  ? -5.295  0.946   2.423   1.00 20.45 ? 20  LEU A CD2 1 
ATOM   71  N  N   . LYS A 1 21  ? -9.907  2.690   1.674   1.00 21.02 ? 21  LYS A N   1 
ATOM   72  C  CA  . LYS A 1 21  ? -11.035 3.543   1.360   1.00 21.68 ? 21  LYS A CA  1 
ATOM   73  C  C   . LYS A 1 21  ? -10.447 4.943   1.147   1.00 21.41 ? 21  LYS A C   1 
ATOM   74  O  O   . LYS A 1 21  ? -9.701  5.435   1.996   1.00 20.75 ? 21  LYS A O   1 
ATOM   75  C  CB  . LYS A 1 21  ? -12.027 3.559   2.524   1.00 23.20 ? 21  LYS A CB  1 
ATOM   76  C  CG  . LYS A 1 21  ? -13.306 4.314   2.213   1.00 25.39 ? 21  LYS A CG  1 
ATOM   77  C  CD  . LYS A 1 21  ? -14.081 4.621   3.467   1.00 26.78 ? 21  LYS A CD  1 
ATOM   78  C  CE  . LYS A 1 21  ? -15.224 5.559   3.154   1.00 28.87 ? 21  LYS A CE  1 
ATOM   79  N  NZ  . LYS A 1 21  ? -15.890 6.018   4.399   1.00 30.99 ? 21  LYS A NZ  1 
ATOM   80  N  N   . ILE A 1 22  ? -10.745 5.570   0.011   1.00 21.05 ? 22  ILE A N   1 
ATOM   81  C  CA  . ILE A 1 22  ? -10.236 6.919   -0.246  1.00 21.64 ? 22  ILE A CA  1 
ATOM   82  C  C   . ILE A 1 22  ? -11.143 7.914   0.475   1.00 22.61 ? 22  ILE A C   1 
ATOM   83  O  O   . ILE A 1 22  ? -12.349 7.952   0.239   1.00 22.37 ? 22  ILE A O   1 
ATOM   84  C  CB  . ILE A 1 22  ? -10.233 7.268   -1.759  1.00 21.22 ? 22  ILE A CB  1 
ATOM   85  C  CG1 . ILE A 1 22  ? -9.292  6.338   -2.519  1.00 20.83 ? 22  ILE A CG1 1 
ATOM   86  C  CG2 . ILE A 1 22  ? -9.775  8.705   -1.963  1.00 20.34 ? 22  ILE A CG2 1 
ATOM   87  C  CD1 . ILE A 1 22  ? -9.433  6.434   -4.023  1.00 20.57 ? 22  ILE A CD1 1 
ATOM   88  N  N   . ILE A 1 23  ? -10.560 8.706   1.366   1.00 24.22 ? 23  ILE A N   1 
ATOM   89  C  CA  . ILE A 1 23  ? -11.321 9.699   2.113   1.00 25.38 ? 23  ILE A CA  1 
ATOM   90  C  C   . ILE A 1 23  ? -11.031 11.098  1.579   1.00 26.57 ? 23  ILE A C   1 
ATOM   91  O  O   . ILE A 1 23  ? -11.619 12.081  2.023   1.00 27.31 ? 23  ILE A O   1 
ATOM   92  C  CB  . ILE A 1 23  ? -10.997 9.622   3.621   1.00 25.40 ? 23  ILE A CB  1 
ATOM   93  C  CG1 . ILE A 1 23  ? -9.493  9.802   3.850   1.00 25.13 ? 23  ILE A CG1 1 
ATOM   94  C  CG2 . ILE A 1 23  ? -11.472 8.279   4.176   1.00 24.93 ? 23  ILE A CG2 1 
ATOM   95  C  CD1 . ILE A 1 23  ? -9.069  9.659   5.309   1.00 25.39 ? 23  ILE A CD1 1 
ATOM   96  N  N   . SER A 1 24  ? -10.112 11.172  0.622   1.00 27.52 ? 24  SER A N   1 
ATOM   97  C  CA  . SER A 1 24  ? -9.745  12.427  -0.020  1.00 28.39 ? 24  SER A CA  1 
ATOM   98  C  C   . SER A 1 24  ? -10.756 12.684  -1.135  1.00 29.52 ? 24  SER A C   1 
ATOM   99  O  O   . SER A 1 24  ? -11.408 11.754  -1.613  1.00 29.77 ? 24  SER A O   1 
ATOM   100 C  CB  . SER A 1 24  ? -8.343  12.318  -0.617  1.00 27.49 ? 24  SER A CB  1 
ATOM   101 O  OG  . SER A 1 24  ? -8.081  13.385  -1.511  1.00 27.12 ? 24  SER A OG  1 
ATOM   102 N  N   . ASP A 1 25  ? -10.893 13.937  -1.549  1.00 30.77 ? 25  ASP A N   1 
ATOM   103 C  CA  . ASP A 1 25  ? -11.824 14.268  -2.623  1.00 32.01 ? 25  ASP A CA  1 
ATOM   104 C  C   . ASP A 1 25  ? -11.059 14.584  -3.900  1.00 31.52 ? 25  ASP A C   1 
ATOM   105 O  O   . ASP A 1 25  ? -11.620 15.110  -4.858  1.00 31.76 ? 25  ASP A O   1 
ATOM   106 C  CB  . ASP A 1 25  ? -12.712 15.458  -2.227  1.00 34.17 ? 25  ASP A CB  1 
ATOM   107 C  CG  . ASP A 1 25  ? -11.925 16.747  -2.022  1.00 36.49 ? 25  ASP A CG  1 
ATOM   108 O  OD1 . ASP A 1 25  ? -12.533 17.741  -1.569  1.00 38.38 ? 25  ASP A OD1 1 
ATOM   109 O  OD2 . ASP A 1 25  ? -10.707 16.772  -2.314  1.00 37.76 ? 25  ASP A OD2 1 
ATOM   110 N  N   . LYS A 1 26  ? -9.775  14.259  -3.909  1.00 31.17 ? 26  LYS A N   1 
ATOM   111 C  CA  . LYS A 1 26  ? -8.951  14.513  -5.078  1.00 31.44 ? 26  LYS A CA  1 
ATOM   112 C  C   . LYS A 1 26  ? -9.270  13.538  -6.197  1.00 31.12 ? 26  LYS A C   1 
ATOM   113 O  O   . LYS A 1 26  ? -9.930  12.522  -5.979  1.00 30.31 ? 26  LYS A O   1 
ATOM   114 C  CB  . LYS A 1 26  ? -7.468  14.416  -4.718  1.00 32.61 ? 26  LYS A CB  1 
ATOM   115 C  CG  . LYS A 1 26  ? -6.997  15.517  -3.788  1.00 34.28 ? 26  LYS A CG  1 
ATOM   116 C  CD  . LYS A 1 26  ? -5.500  15.466  -3.573  1.00 35.25 ? 26  LYS A CD  1 
ATOM   117 C  CE  . LYS A 1 26  ? -5.061  16.602  -2.669  1.00 36.75 ? 26  LYS A CE  1 
ATOM   118 N  NZ  . LYS A 1 26  ? -3.618  16.496  -2.296  1.00 38.84 ? 26  LYS A NZ  1 
ATOM   119 N  N   . ASP A 1 27  ? -8.795  13.868  -7.394  1.00 31.00 ? 27  ASP A N   1 
ATOM   120 C  CA  . ASP A 1 27  ? -8.993  13.052  -8.584  1.00 31.40 ? 27  ASP A CA  1 
ATOM   121 C  C   . ASP A 1 27  ? -8.334  11.685  -8.408  1.00 30.75 ? 27  ASP A C   1 
ATOM   122 O  O   . ASP A 1 27  ? -7.169  11.603  -8.021  1.00 30.67 ? 27  ASP A O   1 
ATOM   123 C  CB  . ASP A 1 27  ? -8.384  13.766  -9.796  1.00 33.18 ? 27  ASP A CB  1 
ATOM   124 C  CG  . ASP A 1 27  ? -8.516  12.963  -11.081 1.00 35.17 ? 27  ASP A CG  1 
ATOM   125 O  OD1 . ASP A 1 27  ? -9.661  12.797  -11.566 1.00 37.60 ? 27  ASP A OD1 1 
ATOM   126 O  OD2 . ASP A 1 27  ? -7.478  12.495  -11.604 1.00 35.46 ? 27  ASP A OD2 1 
ATOM   127 N  N   . LEU A 1 28  ? -9.076  10.620  -8.704  1.00 30.21 ? 28  LEU A N   1 
ATOM   128 C  CA  . LEU A 1 28  ? -8.564  9.258   -8.569  1.00 30.02 ? 28  LEU A CA  1 
ATOM   129 C  C   . LEU A 1 28  ? -7.232  9.058   -9.297  1.00 30.64 ? 28  LEU A C   1 
ATOM   130 O  O   . LEU A 1 28  ? -6.368  8.314   -8.826  1.00 30.11 ? 28  LEU A O   1 
ATOM   131 C  CB  . LEU A 1 28  ? -9.600  8.255   -9.089  1.00 29.70 ? 28  LEU A CB  1 
ATOM   132 C  CG  . LEU A 1 28  ? -9.274  6.756   -9.002  1.00 29.80 ? 28  LEU A CG  1 
ATOM   133 C  CD1 . LEU A 1 28  ? -9.053  6.336   -7.547  1.00 28.96 ? 28  LEU A CD1 1 
ATOM   134 C  CD2 . LEU A 1 28  ? -10.416 5.957   -9.615  1.00 29.47 ? 28  LEU A CD2 1 
ATOM   135 N  N   . ASN A 1 29  ? -7.065  9.717   -10.440 1.00 31.39 ? 29  ASN A N   1 
ATOM   136 C  CA  . ASN A 1 29  ? -5.825  9.595   -11.202 1.00 32.38 ? 29  ASN A CA  1 
ATOM   137 C  C   . ASN A 1 29  ? -4.689  10.239  -10.430 1.00 31.45 ? 29  ASN A C   1 
ATOM   138 O  O   . ASN A 1 29  ? -3.600  9.679   -10.335 1.00 31.50 ? 29  ASN A O   1 
ATOM   139 C  CB  . ASN A 1 29  ? -5.942  10.276  -12.569 1.00 35.00 ? 29  ASN A CB  1 
ATOM   140 C  CG  . ASN A 1 29  ? -7.111  9.766   -13.380 1.00 37.70 ? 29  ASN A CG  1 
ATOM   141 O  OD1 . ASN A 1 29  ? -7.222  8.563   -13.645 1.00 39.28 ? 29  ASN A OD1 1 
ATOM   142 N  ND2 . ASN A 1 29  ? -7.998  10.679  -13.782 1.00 39.26 ? 29  ASN A ND2 1 
ATOM   143 N  N   . GLU A 1 30  ? -4.944  11.427  -9.889  1.00 30.64 ? 30  GLU A N   1 
ATOM   144 C  CA  . GLU A 1 30  ? -3.932  12.132  -9.118  1.00 30.07 ? 30  GLU A CA  1 
ATOM   145 C  C   . GLU A 1 30  ? -3.512  11.249  -7.947  1.00 28.76 ? 30  GLU A C   1 
ATOM   146 O  O   . GLU A 1 30  ? -2.319  11.083  -7.669  1.00 27.92 ? 30  GLU A O   1 
ATOM   147 C  CB  . GLU A 1 30  ? -4.486  13.452  -8.578  1.00 31.98 ? 30  GLU A CB  1 
ATOM   148 C  CG  . GLU A 1 30  ? -4.851  14.485  -9.637  1.00 35.60 ? 30  GLU A CG  1 
ATOM   149 C  CD  . GLU A 1 30  ? -5.283  15.820  -9.026  1.00 37.90 ? 30  GLU A CD  1 
ATOM   150 O  OE1 . GLU A 1 30  ? -5.678  16.726  -9.795  1.00 39.70 ? 30  GLU A OE1 1 
ATOM   151 O  OE2 . GLU A 1 30  ? -5.225  15.970  -7.781  1.00 39.24 ? 30  GLU A OE2 1 
ATOM   152 N  N   . ILE A 1 31  ? -4.506  10.688  -7.266  1.00 26.82 ? 31  ILE A N   1 
ATOM   153 C  CA  . ILE A 1 31  ? -4.253  9.819   -6.127  1.00 26.01 ? 31  ILE A CA  1 
ATOM   154 C  C   . ILE A 1 31  ? -3.427  8.605   -6.534  1.00 25.67 ? 31  ILE A C   1 
ATOM   155 O  O   . ILE A 1 31  ? -2.447  8.267   -5.874  1.00 25.29 ? 31  ILE A O   1 
ATOM   156 C  CB  . ILE A 1 31  ? -5.580  9.349   -5.479  1.00 26.10 ? 31  ILE A CB  1 
ATOM   157 C  CG1 . ILE A 1 31  ? -6.318  10.555  -4.875  1.00 25.61 ? 31  ILE A CG1 1 
ATOM   158 C  CG2 . ILE A 1 31  ? -5.295  8.285   -4.415  1.00 25.38 ? 31  ILE A CG2 1 
ATOM   159 C  CD1 . ILE A 1 31  ? -7.736  10.259  -4.405  1.00 24.90 ? 31  ILE A CD1 1 
HETATM 160 N  N   . MSE A 1 32  ? -3.808  7.957   -7.631  1.00 25.82 ? 32  MSE A N   1 
HETATM 161 C  CA  . MSE A 1 32  ? -3.072  6.785   -8.080  1.00 26.26 ? 32  MSE A CA  1 
HETATM 162 C  C   . MSE A 1 32  ? -1.622  7.078   -8.443  1.00 26.32 ? 32  MSE A C   1 
HETATM 163 O  O   . MSE A 1 32  ? -0.768  6.211   -8.296  1.00 26.21 ? 32  MSE A O   1 
HETATM 164 C  CB  . MSE A 1 32  ? -3.786  6.114   -9.254  1.00 27.04 ? 32  MSE A CB  1 
HETATM 165 C  CG  . MSE A 1 32  ? -4.982  5.277   -8.833  1.00 27.43 ? 32  MSE A CG  1 
HETATM 166 SE SE  . MSE A 1 32  ? -4.570  4.018   -7.379  1.00 31.48 ? 32  MSE A SE  1 
HETATM 167 C  CE  . MSE A 1 32  ? -3.034  3.126   -8.157  1.00 28.15 ? 32  MSE A CE  1 
ATOM   168 N  N   . LYS A 1 33  ? -1.335  8.289   -8.915  1.00 27.00 ? 33  LYS A N   1 
ATOM   169 C  CA  . LYS A 1 33  ? 0.042   8.640   -9.257  1.00 27.37 ? 33  LYS A CA  1 
ATOM   170 C  C   . LYS A 1 33  ? 0.902   8.587   -8.005  1.00 26.82 ? 33  LYS A C   1 
ATOM   171 O  O   . LYS A 1 33  ? 2.056   8.163   -8.050  1.00 26.78 ? 33  LYS A O   1 
ATOM   172 C  CB  . LYS A 1 33  ? 0.119   10.037  -9.875  1.00 29.22 ? 33  LYS A CB  1 
ATOM   173 C  CG  . LYS A 1 33  ? -0.282  10.075  -11.337 1.00 31.45 ? 33  LYS A CG  1 
ATOM   174 C  CD  . LYS A 1 33  ? -0.129  11.473  -11.918 1.00 33.46 ? 33  LYS A CD  1 
ATOM   175 C  CE  . LYS A 1 33  ? -0.369  11.471  -13.425 1.00 34.73 ? 33  LYS A CE  1 
ATOM   176 N  NZ  . LYS A 1 33  ? -1.719  10.949  -13.791 1.00 35.82 ? 33  LYS A NZ  1 
ATOM   177 N  N   . GLU A 1 34  ? 0.331   9.019   -6.884  1.00 26.19 ? 34  GLU A N   1 
ATOM   178 C  CA  . GLU A 1 34  ? 1.042   9.002   -5.613  1.00 25.05 ? 34  GLU A CA  1 
ATOM   179 C  C   . GLU A 1 34  ? 1.281   7.565   -5.196  1.00 24.07 ? 34  GLU A C   1 
ATOM   180 O  O   . GLU A 1 34  ? 2.342   7.230   -4.666  1.00 23.57 ? 34  GLU A O   1 
ATOM   181 C  CB  . GLU A 1 34  ? 0.242   9.734   -4.532  1.00 25.61 ? 34  GLU A CB  1 
ATOM   182 C  CG  . GLU A 1 34  ? 0.418   11.231  -4.585  1.00 26.44 ? 34  GLU A CG  1 
ATOM   183 C  CD  . GLU A 1 34  ? 1.885   11.631  -4.505  1.00 27.29 ? 34  GLU A CD  1 
ATOM   184 O  OE1 . GLU A 1 34  ? 2.501   11.441  -3.433  1.00 26.76 ? 34  GLU A OE1 1 
ATOM   185 O  OE2 . GLU A 1 34  ? 2.424   12.123  -5.521  1.00 28.24 ? 34  GLU A OE2 1 
ATOM   186 N  N   . PHE A 1 35  ? 0.294   6.708   -5.443  1.00 23.44 ? 35  PHE A N   1 
ATOM   187 C  CA  . PHE A 1 35  ? 0.449   5.306   -5.094  1.00 22.69 ? 35  PHE A CA  1 
ATOM   188 C  C   . PHE A 1 35  ? 1.438   4.601   -6.020  1.00 22.65 ? 35  PHE A C   1 
ATOM   189 O  O   . PHE A 1 35  ? 2.112   3.658   -5.611  1.00 22.70 ? 35  PHE A O   1 
ATOM   190 C  CB  . PHE A 1 35  ? -0.912  4.605   -5.082  1.00 22.03 ? 35  PHE A CB  1 
ATOM   191 C  CG  . PHE A 1 35  ? -1.644  4.764   -3.781  1.00 21.18 ? 35  PHE A CG  1 
ATOM   192 C  CD1 . PHE A 1 35  ? -2.318  5.939   -3.482  1.00 20.94 ? 35  PHE A CD1 1 
ATOM   193 C  CD2 . PHE A 1 35  ? -1.578  3.771   -2.814  1.00 20.48 ? 35  PHE A CD2 1 
ATOM   194 C  CE1 . PHE A 1 35  ? -2.906  6.124   -2.244  1.00 20.93 ? 35  PHE A CE1 1 
ATOM   195 C  CE2 . PHE A 1 35  ? -2.162  3.948   -1.576  1.00 20.03 ? 35  PHE A CE2 1 
ATOM   196 C  CZ  . PHE A 1 35  ? -2.825  5.125   -1.289  1.00 20.63 ? 35  PHE A CZ  1 
ATOM   197 N  N   . LYS A 1 36  ? 1.545   5.063   -7.261  1.00 22.29 ? 36  LYS A N   1 
ATOM   198 C  CA  . LYS A 1 36  ? 2.496   4.454   -8.178  1.00 22.88 ? 36  LYS A CA  1 
ATOM   199 C  C   . LYS A 1 36  ? 3.912   4.840   -7.778  1.00 22.52 ? 36  LYS A C   1 
ATOM   200 O  O   . LYS A 1 36  ? 4.831   4.031   -7.874  1.00 21.79 ? 36  LYS A O   1 
ATOM   201 C  CB  . LYS A 1 36  ? 2.198   4.873   -9.615  1.00 24.21 ? 36  LYS A CB  1 
ATOM   202 C  CG  . LYS A 1 36  ? 0.962   4.177   -10.170 1.00 26.52 ? 36  LYS A CG  1 
ATOM   203 C  CD  . LYS A 1 36  ? 1.136   2.660   -10.092 1.00 28.32 ? 36  LYS A CD  1 
ATOM   204 C  CE  . LYS A 1 36  ? -0.162  1.903   -10.312 1.00 28.96 ? 36  LYS A CE  1 
ATOM   205 N  NZ  . LYS A 1 36  ? 0.084   0.438   -10.157 1.00 30.17 ? 36  LYS A NZ  1 
ATOM   206 N  N   . LYS A 1 37  ? 4.096   6.072   -7.314  1.00 22.53 ? 37  LYS A N   1 
ATOM   207 C  CA  . LYS A 1 37  ? 5.422   6.493   -6.883  1.00 22.91 ? 37  LYS A CA  1 
ATOM   208 C  C   . LYS A 1 37  ? 5.784   5.693   -5.639  1.00 22.24 ? 37  LYS A C   1 
ATOM   209 O  O   . LYS A 1 37  ? 6.921   5.226   -5.494  1.00 22.58 ? 37  LYS A O   1 
ATOM   210 C  CB  . LYS A 1 37  ? 5.446   7.988   -6.571  1.00 24.86 ? 37  LYS A CB  1 
ATOM   211 C  CG  . LYS A 1 37  ? 5.171   8.877   -7.784  1.00 28.38 ? 37  LYS A CG  1 
ATOM   212 C  CD  . LYS A 1 37  ? 5.679   10.299  -7.578  1.00 30.89 ? 37  LYS A CD  1 
ATOM   213 C  CE  . LYS A 1 37  ? 5.103   10.923  -6.316  1.00 32.90 ? 37  LYS A CE  1 
ATOM   214 N  NZ  . LYS A 1 37  ? 5.720   12.252  -6.012  1.00 35.69 ? 37  LYS A NZ  1 
ATOM   215 N  N   . LEU A 1 38  ? 4.811   5.531   -4.743  1.00 21.23 ? 38  LEU A N   1 
ATOM   216 C  CA  . LEU A 1 38  ? 5.024   4.761   -3.518  1.00 20.29 ? 38  LEU A CA  1 
ATOM   217 C  C   . LEU A 1 38  ? 5.368   3.322   -3.879  1.00 20.09 ? 38  LEU A C   1 
ATOM   218 O  O   . LEU A 1 38  ? 6.287   2.738   -3.312  1.00 19.32 ? 38  LEU A O   1 
ATOM   219 C  CB  . LEU A 1 38  ? 3.771   4.776   -2.641  1.00 19.93 ? 38  LEU A CB  1 
ATOM   220 C  CG  . LEU A 1 38  ? 3.832   3.868   -1.408  1.00 19.89 ? 38  LEU A CG  1 
ATOM   221 C  CD1 . LEU A 1 38  ? 4.943   4.332   -0.473  1.00 19.13 ? 38  LEU A CD1 1 
ATOM   222 C  CD2 . LEU A 1 38  ? 2.489   3.886   -0.700  1.00 19.55 ? 38  LEU A CD2 1 
ATOM   223 N  N   . GLU A 1 39  ? 4.623   2.760   -4.831  1.00 20.06 ? 39  GLU A N   1 
ATOM   224 C  CA  . GLU A 1 39  ? 4.849   1.394   -5.276  1.00 20.94 ? 39  GLU A CA  1 
ATOM   225 C  C   . GLU A 1 39  ? 6.265   1.231   -5.805  1.00 21.92 ? 39  GLU A C   1 
ATOM   226 O  O   . GLU A 1 39  ? 6.944   0.243   -5.517  1.00 21.59 ? 39  GLU A O   1 
ATOM   227 C  CB  . GLU A 1 39  ? 3.844   1.007   -6.371  1.00 20.41 ? 39  GLU A CB  1 
ATOM   228 C  CG  . GLU A 1 39  ? 4.224   -0.274  -7.104  1.00 20.15 ? 39  GLU A CG  1 
ATOM   229 C  CD  . GLU A 1 39  ? 3.092   -0.865  -7.930  1.00 20.62 ? 39  GLU A CD  1 
ATOM   230 O  OE1 . GLU A 1 39  ? 3.360   -1.808  -8.706  1.00 20.86 ? 39  GLU A OE1 1 
ATOM   231 O  OE2 . GLU A 1 39  ? 1.939   -0.404  -7.800  1.00 20.90 ? 39  GLU A OE2 1 
ATOM   232 N  N   . GLU A 1 40  ? 6.715   2.212   -6.577  1.00 23.35 ? 40  GLU A N   1 
ATOM   233 C  CA  . GLU A 1 40  ? 8.049   2.153   -7.147  1.00 25.27 ? 40  GLU A CA  1 
ATOM   234 C  C   . GLU A 1 40  ? 9.136   2.146   -6.080  1.00 24.88 ? 40  GLU A C   1 
ATOM   235 O  O   . GLU A 1 40  ? 10.096  1.376   -6.164  1.00 24.68 ? 40  GLU A O   1 
ATOM   236 C  CB  . GLU A 1 40  ? 8.271   3.328   -8.091  1.00 27.77 ? 40  GLU A CB  1 
ATOM   237 C  CG  . GLU A 1 40  ? 9.508   3.150   -8.934  1.00 33.10 ? 40  GLU A CG  1 
ATOM   238 C  CD  . GLU A 1 40  ? 9.787   4.348   -9.801  1.00 36.35 ? 40  GLU A CD  1 
ATOM   239 O  OE1 . GLU A 1 40  ? 8.874   4.752   -10.560 1.00 38.59 ? 40  GLU A OE1 1 
ATOM   240 O  OE2 . GLU A 1 40  ? 10.920  4.877   -9.723  1.00 38.36 ? 40  GLU A OE2 1 
ATOM   241 N  N   . GLU A 1 41  ? 8.984   2.999   -5.075  1.00 24.59 ? 41  GLU A N   1 
ATOM   242 C  CA  . GLU A 1 41  ? 9.969   3.079   -4.007  1.00 24.94 ? 41  GLU A CA  1 
ATOM   243 C  C   . GLU A 1 41  ? 9.927   1.914   -3.013  1.00 24.23 ? 41  GLU A C   1 
ATOM   244 O  O   . GLU A 1 41  ? 10.979  1.457   -2.561  1.00 23.70 ? 41  GLU A O   1 
ATOM   245 C  CB  . GLU A 1 41  ? 9.832   4.416   -3.256  1.00 26.25 ? 41  GLU A CB  1 
ATOM   246 C  CG  . GLU A 1 41  ? 10.347  5.620   -4.042  1.00 28.28 ? 41  GLU A CG  1 
ATOM   247 C  CD  . GLU A 1 41  ? 11.767  5.407   -4.571  1.00 29.97 ? 41  GLU A CD  1 
ATOM   248 O  OE1 . GLU A 1 41  ? 12.716  5.364   -3.754  1.00 30.04 ? 41  GLU A OE1 1 
ATOM   249 O  OE2 . GLU A 1 41  ? 11.929  5.270   -5.808  1.00 30.80 ? 41  GLU A OE2 1 
ATOM   250 N  N   . THR A 1 42  ? 8.737   1.414   -2.678  1.00 23.90 ? 42  THR A N   1 
ATOM   251 C  CA  . THR A 1 42  ? 8.679   0.313   -1.713  1.00 23.53 ? 42  THR A CA  1 
ATOM   252 C  C   . THR A 1 42  ? 9.168   -1.007  -2.315  1.00 22.79 ? 42  THR A C   1 
ATOM   253 O  O   . THR A 1 42  ? 9.636   -1.882  -1.585  1.00 22.73 ? 42  THR A O   1 
ATOM   254 C  CB  . THR A 1 42  ? 7.250   0.133   -1.070  1.00 23.39 ? 42  THR A CB  1 
ATOM   255 O  OG1 . THR A 1 42  ? 6.458   -0.747  -1.862  1.00 25.67 ? 42  THR A OG1 1 
ATOM   256 C  CG2 . THR A 1 42  ? 6.537   1.453   -0.958  1.00 22.28 ? 42  THR A CG2 1 
ATOM   257 N  N   . ASN A 1 43  ? 9.086   -1.160  -3.636  1.00 22.32 ? 43  ASN A N   1 
ATOM   258 C  CA  . ASN A 1 43  ? 9.582   -2.388  -4.257  1.00 22.26 ? 43  ASN A CA  1 
ATOM   259 C  C   . ASN A 1 43  ? 11.103  -2.442  -4.169  1.00 22.40 ? 43  ASN A C   1 
ATOM   260 O  O   . ASN A 1 43  ? 11.708  -3.492  -4.355  1.00 22.48 ? 43  ASN A O   1 
ATOM   261 C  CB  . ASN A 1 43  ? 9.148   -2.491  -5.720  1.00 21.37 ? 43  ASN A CB  1 
ATOM   262 C  CG  . ASN A 1 43  ? 7.790   -3.156  -5.878  1.00 21.38 ? 43  ASN A CG  1 
ATOM   263 O  OD1 . ASN A 1 43  ? 6.783   -2.492  -6.114  1.00 21.94 ? 43  ASN A OD1 1 
ATOM   264 N  ND2 . ASN A 1 43  ? 7.757   -4.476  -5.731  1.00 20.08 ? 43  ASN A ND2 1 
ATOM   265 N  N   . LYS A 1 44  ? 11.717  -1.301  -3.880  1.00 23.43 ? 44  LYS A N   1 
ATOM   266 C  CA  . LYS A 1 44  ? 13.166  -1.228  -3.747  1.00 24.61 ? 44  LYS A CA  1 
ATOM   267 C  C   . LYS A 1 44  ? 13.598  -1.512  -2.310  1.00 24.75 ? 44  LYS A C   1 
ATOM   268 O  O   . LYS A 1 44  ? 14.785  -1.706  -2.051  1.00 25.18 ? 44  LYS A O   1 
ATOM   269 C  CB  . LYS A 1 44  ? 13.682  0.153   -4.147  1.00 25.51 ? 44  LYS A CB  1 
ATOM   270 C  CG  . LYS A 1 44  ? 13.471  0.535   -5.599  1.00 27.07 ? 44  LYS A CG  1 
ATOM   271 C  CD  . LYS A 1 44  ? 13.905  1.979   -5.799  1.00 28.54 ? 44  LYS A CD  1 
ATOM   272 C  CE  . LYS A 1 44  ? 13.603  2.498   -7.186  1.00 29.66 ? 44  LYS A CE  1 
ATOM   273 N  NZ  . LYS A 1 44  ? 13.905  3.961   -7.262  1.00 31.24 ? 44  LYS A NZ  1 
ATOM   274 N  N   . GLU A 1 45  ? 12.647  -1.510  -1.374  1.00 24.43 ? 45  GLU A N   1 
ATOM   275 C  CA  . GLU A 1 45  ? 12.981  -1.791  0.019   1.00 24.41 ? 45  GLU A CA  1 
ATOM   276 C  C   . GLU A 1 45  ? 13.502  -3.214  0.059   1.00 25.29 ? 45  GLU A C   1 
ATOM   277 O  O   . GLU A 1 45  ? 12.977  -4.096  -0.625  1.00 24.85 ? 45  GLU A O   1 
ATOM   278 C  CB  . GLU A 1 45  ? 11.757  -1.679  0.923   1.00 23.59 ? 45  GLU A CB  1 
ATOM   279 C  CG  . GLU A 1 45  ? 11.089  -0.317  0.919   1.00 23.12 ? 45  GLU A CG  1 
ATOM   280 C  CD  . GLU A 1 45  ? 9.890   -0.257  1.854   1.00 22.48 ? 45  GLU A CD  1 
ATOM   281 O  OE1 . GLU A 1 45  ? 9.082   0.690   1.727   1.00 22.22 ? 45  GLU A OE1 1 
ATOM   282 O  OE2 . GLU A 1 45  ? 9.758   -1.153  2.717   1.00 21.74 ? 45  GLU A OE2 1 
ATOM   283 N  N   . GLU A 1 46  ? 14.535  -3.432  0.862   1.00 25.89 ? 46  GLU A N   1 
ATOM   284 C  CA  . GLU A 1 46  ? 15.147  -4.742  0.981   1.00 26.98 ? 46  GLU A CA  1 
ATOM   285 C  C   . GLU A 1 46  ? 14.176  -5.865  1.342   1.00 26.24 ? 46  GLU A C   1 
ATOM   286 O  O   . GLU A 1 46  ? 14.196  -6.930  0.722   1.00 25.77 ? 46  GLU A O   1 
ATOM   287 C  CB  . GLU A 1 46  ? 16.270  -4.684  2.012   1.00 29.79 ? 46  GLU A CB  1 
ATOM   288 C  CG  . GLU A 1 46  ? 17.527  -5.374  1.545   1.00 34.97 ? 46  GLU A CG  1 
ATOM   289 C  CD  . GLU A 1 46  ? 17.987  -4.845  0.200   1.00 38.28 ? 46  GLU A CD  1 
ATOM   290 O  OE1 . GLU A 1 46  ? 18.194  -3.615  0.092   1.00 40.64 ? 46  GLU A OE1 1 
ATOM   291 O  OE2 . GLU A 1 46  ? 18.138  -5.649  -0.750  1.00 40.19 ? 46  GLU A OE2 1 
ATOM   292 N  N   . GLY A 1 47  ? 13.329  -5.621  2.339   1.00 25.24 ? 47  GLY A N   1 
ATOM   293 C  CA  . GLY A 1 47  ? 12.385  -6.636  2.780   1.00 24.53 ? 47  GLY A CA  1 
ATOM   294 C  C   . GLY A 1 47  ? 11.125  -6.839  1.955   1.00 24.23 ? 47  GLY A C   1 
ATOM   295 O  O   . GLY A 1 47  ? 10.310  -7.700  2.276   1.00 24.46 ? 47  GLY A O   1 
ATOM   296 N  N   . CYS A 1 48  ? 10.956  -6.067  0.887   1.00 23.72 ? 48  CYS A N   1 
ATOM   297 C  CA  . CYS A 1 48  ? 9.767   -6.192  0.047   1.00 23.06 ? 48  CYS A CA  1 
ATOM   298 C  C   . CYS A 1 48  ? 9.916   -7.180  -1.112  1.00 22.42 ? 48  CYS A C   1 
ATOM   299 O  O   . CYS A 1 48  ? 10.752  -6.993  -1.989  1.00 22.57 ? 48  CYS A O   1 
ATOM   300 C  CB  . CYS A 1 48  ? 9.387   -4.821  -0.518  1.00 22.95 ? 48  CYS A CB  1 
ATOM   301 S  SG  . CYS A 1 48  ? 7.878   -4.825  -1.513  1.00 22.84 ? 48  CYS A SG  1 
ATOM   302 N  N   . ILE A 1 49  ? 9.108   -8.236  -1.105  1.00 21.93 ? 49  ILE A N   1 
ATOM   303 C  CA  . ILE A 1 49  ? 9.142   -9.215  -2.187  1.00 21.57 ? 49  ILE A CA  1 
ATOM   304 C  C   . ILE A 1 49  ? 8.279   -8.630  -3.308  1.00 21.67 ? 49  ILE A C   1 
ATOM   305 O  O   . ILE A 1 49  ? 8.698   -8.593  -4.459  1.00 22.45 ? 49  ILE A O   1 
ATOM   306 C  CB  . ILE A 1 49  ? 8.588   -10.592 -1.730  1.00 21.73 ? 49  ILE A CB  1 
ATOM   307 C  CG1 . ILE A 1 49  ? 9.563   -11.240 -0.748  1.00 21.40 ? 49  ILE A CG1 1 
ATOM   308 C  CG2 . ILE A 1 49  ? 8.390   -11.509 -2.926  1.00 21.33 ? 49  ILE A CG2 1 
ATOM   309 C  CD1 . ILE A 1 49  ? 9.037   -12.509 -0.099  1.00 21.88 ? 49  ILE A CD1 1 
ATOM   310 N  N   . THR A 1 50  ? 7.076   -8.168  -2.975  1.00 21.18 ? 50  THR A N   1 
ATOM   311 C  CA  . THR A 1 50  ? 6.210   -7.538  -3.967  1.00 21.55 ? 50  THR A CA  1 
ATOM   312 C  C   . THR A 1 50  ? 5.266   -6.527  -3.312  1.00 20.04 ? 50  THR A C   1 
ATOM   313 O  O   . THR A 1 50  ? 4.885   -6.666  -2.152  1.00 20.30 ? 50  THR A O   1 
ATOM   314 C  CB  . THR A 1 50  ? 5.342   -8.571  -4.768  1.00 23.22 ? 50  THR A CB  1 
ATOM   315 O  OG1 . THR A 1 50  ? 4.364   -9.159  -3.907  1.00 26.58 ? 50  THR A OG1 1 
ATOM   316 C  CG2 . THR A 1 50  ? 6.197   -9.665  -5.357  1.00 24.29 ? 50  THR A CG2 1 
ATOM   317 N  N   . PHE A 1 51  ? 4.915   -5.495  -4.067  1.00 18.54 ? 51  PHE A N   1 
ATOM   318 C  CA  . PHE A 1 51  ? 3.995   -4.468  -3.610  1.00 17.88 ? 51  PHE A CA  1 
ATOM   319 C  C   . PHE A 1 51  ? 3.355   -3.909  -4.868  1.00 17.66 ? 51  PHE A C   1 
ATOM   320 O  O   . PHE A 1 51  ? 4.052   -3.439  -5.767  1.00 17.33 ? 51  PHE A O   1 
ATOM   321 C  CB  . PHE A 1 51  ? 4.725   -3.340  -2.876  1.00 17.60 ? 51  PHE A CB  1 
ATOM   322 C  CG  . PHE A 1 51  ? 3.797   -2.319  -2.252  1.00 17.63 ? 51  PHE A CG  1 
ATOM   323 C  CD1 . PHE A 1 51  ? 3.420   -2.422  -0.916  1.00 17.13 ? 51  PHE A CD1 1 
ATOM   324 C  CD2 . PHE A 1 51  ? 3.292   -1.260  -3.008  1.00 17.38 ? 51  PHE A CD2 1 
ATOM   325 C  CE1 . PHE A 1 51  ? 2.554   -1.483  -0.338  1.00 17.29 ? 51  PHE A CE1 1 
ATOM   326 C  CE2 . PHE A 1 51  ? 2.426   -0.317  -2.442  1.00 17.11 ? 51  PHE A CE2 1 
ATOM   327 C  CZ  . PHE A 1 51  ? 2.057   -0.428  -1.104  1.00 16.93 ? 51  PHE A CZ  1 
ATOM   328 N  N   . HIS A 1 52  ? 2.032   -3.970  -4.940  1.00 17.29 ? 52  HIS A N   1 
ATOM   329 C  CA  . HIS A 1 52  ? 1.325   -3.465  -6.106  1.00 17.87 ? 52  HIS A CA  1 
ATOM   330 C  C   . HIS A 1 52  ? 0.017   -2.824  -5.674  1.00 17.57 ? 52  HIS A C   1 
ATOM   331 O  O   . HIS A 1 52  ? -0.720  -3.379  -4.860  1.00 17.83 ? 52  HIS A O   1 
ATOM   332 C  CB  . HIS A 1 52  ? 1.059   -4.611  -7.092  1.00 18.56 ? 52  HIS A CB  1 
ATOM   333 C  CG  . HIS A 1 52  ? 0.451   -4.173  -8.391  1.00 19.06 ? 52  HIS A CG  1 
ATOM   334 N  ND1 . HIS A 1 52  ? 1.035   -3.229  -9.207  1.00 18.96 ? 52  HIS A ND1 1 
ATOM   335 C  CD2 . HIS A 1 52  ? -0.683  -4.567  -9.021  1.00 19.37 ? 52  HIS A CD2 1 
ATOM   336 C  CE1 . HIS A 1 52  ? 0.289   -3.059  -10.283 1.00 19.21 ? 52  HIS A CE1 1 
ATOM   337 N  NE2 . HIS A 1 52  ? -0.759  -3.858  -10.196 1.00 18.95 ? 52  HIS A NE2 1 
ATOM   338 N  N   . ALA A 1 53  ? -0.261  -1.648  -6.217  1.00 17.48 ? 53  ALA A N   1 
ATOM   339 C  CA  . ALA A 1 53  ? -1.476  -0.921  -5.888  1.00 17.83 ? 53  ALA A CA  1 
ATOM   340 C  C   . ALA A 1 53  ? -2.286  -0.669  -7.157  1.00 18.23 ? 53  ALA A C   1 
ATOM   341 O  O   . ALA A 1 53  ? -1.716  -0.395  -8.214  1.00 18.68 ? 53  ALA A O   1 
ATOM   342 C  CB  . ALA A 1 53  ? -1.121  0.408   -5.224  1.00 17.31 ? 53  ALA A CB  1 
ATOM   343 N  N   . TYR A 1 54  ? -3.611  -0.775  -7.056  1.00 17.32 ? 54  TYR A N   1 
ATOM   344 C  CA  . TYR A 1 54  ? -4.466  -0.527  -8.203  1.00 17.25 ? 54  TYR A CA  1 
ATOM   345 C  C   . TYR A 1 54  ? -5.852  -0.125  -7.717  1.00 17.60 ? 54  TYR A C   1 
ATOM   346 O  O   . TYR A 1 54  ? -6.298  -0.543  -6.648  1.00 16.91 ? 54  TYR A O   1 
ATOM   347 C  CB  . TYR A 1 54  ? -4.519  -1.761  -9.115  1.00 16.35 ? 54  TYR A CB  1 
ATOM   348 C  CG  . TYR A 1 54  ? -5.433  -2.861  -8.651  1.00 15.56 ? 54  TYR A CG  1 
ATOM   349 C  CD1 . TYR A 1 54  ? -6.798  -2.829  -8.940  1.00 15.74 ? 54  TYR A CD1 1 
ATOM   350 C  CD2 . TYR A 1 54  ? -4.932  -3.943  -7.935  1.00 15.85 ? 54  TYR A CD2 1 
ATOM   351 C  CE1 . TYR A 1 54  ? -7.651  -3.858  -8.527  1.00 16.26 ? 54  TYR A CE1 1 
ATOM   352 C  CE2 . TYR A 1 54  ? -5.764  -4.971  -7.519  1.00 16.31 ? 54  TYR A CE2 1 
ATOM   353 C  CZ  . TYR A 1 54  ? -7.125  -4.926  -7.815  1.00 16.35 ? 54  TYR A CZ  1 
ATOM   354 O  OH  . TYR A 1 54  ? -7.946  -5.946  -7.390  1.00 16.02 ? 54  TYR A OH  1 
ATOM   355 N  N   . PRO A 1 55  ? -6.554  0.704   -8.504  1.00 18.41 ? 55  PRO A N   1 
ATOM   356 C  CA  . PRO A 1 55  ? -7.895  1.171   -8.135  1.00 19.05 ? 55  PRO A CA  1 
ATOM   357 C  C   . PRO A 1 55  ? -9.037  0.246   -8.516  1.00 20.24 ? 55  PRO A C   1 
ATOM   358 O  O   . PRO A 1 55  ? -8.992  -0.412  -9.558  1.00 20.31 ? 55  PRO A O   1 
ATOM   359 C  CB  . PRO A 1 55  ? -7.995  2.500   -8.870  1.00 18.87 ? 55  PRO A CB  1 
ATOM   360 C  CG  . PRO A 1 55  ? -7.318  2.168   -10.188 1.00 18.75 ? 55  PRO A CG  1 
ATOM   361 C  CD  . PRO A 1 55  ? -6.098  1.340   -9.759  1.00 18.62 ? 55  PRO A CD  1 
ATOM   362 N  N   . LEU A 1 56  ? -10.055 0.191   -7.661  1.00 21.13 ? 56  LEU A N   1 
ATOM   363 C  CA  . LEU A 1 56  ? -11.249 -0.593  -7.965  1.00 22.83 ? 56  LEU A CA  1 
ATOM   364 C  C   . LEU A 1 56  ? -11.993 0.337   -8.932  1.00 23.48 ? 56  LEU A C   1 
ATOM   365 O  O   . LEU A 1 56  ? -11.422 1.329   -9.380  1.00 22.98 ? 56  LEU A O   1 
ATOM   366 C  CB  . LEU A 1 56  ? -12.100 -0.830  -6.706  1.00 22.40 ? 56  LEU A CB  1 
ATOM   367 C  CG  . LEU A 1 56  ? -11.625 -1.835  -5.647  1.00 22.83 ? 56  LEU A CG  1 
ATOM   368 C  CD1 . LEU A 1 56  ? -11.430 -3.199  -6.279  1.00 22.65 ? 56  LEU A CD1 1 
ATOM   369 C  CD2 . LEU A 1 56  ? -10.325 -1.363  -5.028  1.00 23.87 ? 56  LEU A CD2 1 
ATOM   370 N  N   . GLU A 1 57  ? -13.248 0.038   -9.255  1.00 24.81 ? 57  GLU A N   1 
ATOM   371 C  CA  . GLU A 1 57  ? -13.997 0.907   -10.168 1.00 26.24 ? 57  GLU A CA  1 
ATOM   372 C  C   . GLU A 1 57  ? -14.079 2.298   -9.554  1.00 26.56 ? 57  GLU A C   1 
ATOM   373 O  O   . GLU A 1 57  ? -14.218 2.450   -8.338  1.00 26.38 ? 57  GLU A O   1 
ATOM   374 C  CB  . GLU A 1 57  ? -15.403 0.356   -10.427 1.00 26.88 ? 57  GLU A CB  1 
ATOM   375 C  CG  . GLU A 1 57  ? -15.402 -0.932  -11.232 1.00 29.50 ? 57  GLU A CG  1 
ATOM   376 C  CD  . GLU A 1 57  ? -14.807 -0.753  -12.621 1.00 31.04 ? 57  GLU A CD  1 
ATOM   377 O  OE1 . GLU A 1 57  ? -14.504 -1.770  -13.282 1.00 31.91 ? 57  GLU A OE1 1 
ATOM   378 O  OE2 . GLU A 1 57  ? -14.648 0.403   -13.063 1.00 32.81 ? 57  GLU A OE2 1 
ATOM   379 N  N   . PRO A 1 58  ? -13.982 3.336   -10.391 1.00 27.13 ? 58  PRO A N   1 
ATOM   380 C  CA  . PRO A 1 58  ? -14.037 4.725   -9.935  1.00 27.42 ? 58  PRO A CA  1 
ATOM   381 C  C   . PRO A 1 58  ? -15.119 5.018   -8.899  1.00 27.88 ? 58  PRO A C   1 
ATOM   382 O  O   . PRO A 1 58  ? -14.847 5.635   -7.872  1.00 28.20 ? 58  PRO A O   1 
ATOM   383 C  CB  . PRO A 1 58  ? -14.242 5.494   -11.233 1.00 27.84 ? 58  PRO A CB  1 
ATOM   384 C  CG  . PRO A 1 58  ? -13.450 4.676   -12.206 1.00 27.72 ? 58  PRO A CG  1 
ATOM   385 C  CD  . PRO A 1 58  ? -13.866 3.268   -11.857 1.00 27.16 ? 58  PRO A CD  1 
ATOM   386 N  N   . SER A 1 59  ? -16.341 4.571   -9.161  1.00 28.49 ? 59  SER A N   1 
ATOM   387 C  CA  . SER A 1 59  ? -17.450 4.814   -8.241  1.00 29.05 ? 59  SER A CA  1 
ATOM   388 C  C   . SER A 1 59  ? -17.197 4.291   -6.828  1.00 28.62 ? 59  SER A C   1 
ATOM   389 O  O   . SER A 1 59  ? -17.756 4.811   -5.863  1.00 29.06 ? 59  SER A O   1 
ATOM   390 C  CB  . SER A 1 59  ? -18.736 4.185   -8.784  1.00 29.64 ? 59  SER A CB  1 
ATOM   391 O  OG  . SER A 1 59  ? -18.600 2.780   -8.923  1.00 31.37 ? 59  SER A OG  1 
ATOM   392 N  N   . GLU A 1 60  ? -16.354 3.272   -6.709  1.00 28.14 ? 60  GLU A N   1 
ATOM   393 C  CA  . GLU A 1 60  ? -16.052 2.678   -5.412  1.00 27.77 ? 60  GLU A CA  1 
ATOM   394 C  C   . GLU A 1 60  ? -15.191 3.560   -4.529  1.00 26.88 ? 60  GLU A C   1 
ATOM   395 O  O   . GLU A 1 60  ? -15.307 3.513   -3.309  1.00 26.64 ? 60  GLU A O   1 
ATOM   396 C  CB  . GLU A 1 60  ? -15.336 1.336   -5.591  1.00 28.90 ? 60  GLU A CB  1 
ATOM   397 C  CG  . GLU A 1 60  ? -16.180 0.231   -6.189  1.00 31.07 ? 60  GLU A CG  1 
ATOM   398 C  CD  . GLU A 1 60  ? -17.363 -0.133  -5.314  1.00 32.71 ? 60  GLU A CD  1 
ATOM   399 O  OE1 . GLU A 1 60  ? -17.155 -0.445  -4.117  1.00 33.17 ? 60  GLU A OE1 1 
ATOM   400 O  OE2 . GLU A 1 60  ? -18.504 -0.107  -5.831  1.00 34.44 ? 60  GLU A OE2 1 
ATOM   401 N  N   . ARG A 1 61  ? -14.326 4.358   -5.146  1.00 26.11 ? 61  ARG A N   1 
ATOM   402 C  CA  . ARG A 1 61  ? -13.411 5.216   -4.397  1.00 25.73 ? 61  ARG A CA  1 
ATOM   403 C  C   . ARG A 1 61  ? -12.623 4.335   -3.420  1.00 25.05 ? 61  ARG A C   1 
ATOM   404 O  O   . ARG A 1 61  ? -12.623 4.564   -2.203  1.00 24.66 ? 61  ARG A O   1 
ATOM   405 C  CB  . ARG A 1 61  ? -14.181 6.306   -3.640  1.00 25.46 ? 61  ARG A CB  1 
ATOM   406 C  CG  . ARG A 1 61  ? -14.861 7.313   -4.559  1.00 25.66 ? 61  ARG A CG  1 
ATOM   407 C  CD  . ARG A 1 61  ? -13.847 8.131   -5.343  1.00 25.55 ? 61  ARG A CD  1 
ATOM   408 N  NE  . ARG A 1 61  ? -13.188 9.128   -4.501  1.00 26.49 ? 61  ARG A NE  1 
ATOM   409 C  CZ  . ARG A 1 61  ? -12.306 10.018  -4.944  1.00 26.31 ? 61  ARG A CZ  1 
ATOM   410 N  NH1 . ARG A 1 61  ? -11.970 10.041  -6.230  1.00 26.43 ? 61  ARG A NH1 1 
ATOM   411 N  NH2 . ARG A 1 61  ? -11.758 10.885  -4.103  1.00 25.33 ? 61  ARG A NH2 1 
ATOM   412 N  N   . LYS A 1 62  ? -11.975 3.309   -3.972  1.00 23.69 ? 62  LYS A N   1 
ATOM   413 C  CA  . LYS A 1 62  ? -11.177 2.374   -3.184  1.00 22.83 ? 62  LYS A CA  1 
ATOM   414 C  C   . LYS A 1 62  ? -9.926  1.980   -3.952  1.00 21.89 ? 62  LYS A C   1 
ATOM   415 O  O   . LYS A 1 62  ? -9.897  2.043   -5.183  1.00 22.14 ? 62  LYS A O   1 
ATOM   416 C  CB  . LYS A 1 62  ? -11.986 1.116   -2.857  1.00 23.29 ? 62  LYS A CB  1 
ATOM   417 C  CG  . LYS A 1 62  ? -13.111 1.325   -1.856  1.00 24.20 ? 62  LYS A CG  1 
ATOM   418 C  CD  . LYS A 1 62  ? -13.966 0.076   -1.746  1.00 25.63 ? 62  LYS A CD  1 
ATOM   419 C  CE  . LYS A 1 62  ? -14.944 0.188   -0.595  1.00 27.33 ? 62  LYS A CE  1 
ATOM   420 N  NZ  . LYS A 1 62  ? -15.646 1.493   -0.633  1.00 29.26 ? 62  LYS A NZ  1 
ATOM   421 N  N   . ILE A 1 63  ? -8.894  1.579   -3.214  1.00 20.35 ? 63  ILE A N   1 
ATOM   422 C  CA  . ILE A 1 63  ? -7.630  1.165   -3.801  1.00 19.25 ? 63  ILE A CA  1 
ATOM   423 C  C   . ILE A 1 63  ? -7.247  -0.166  -3.180  1.00 19.46 ? 63  ILE A C   1 
ATOM   424 O  O   . ILE A 1 63  ? -7.341  -0.340  -1.967  1.00 18.73 ? 63  ILE A O   1 
ATOM   425 C  CB  . ILE A 1 63  ? -6.519  2.202   -3.526  1.00 18.61 ? 63  ILE A CB  1 
ATOM   426 C  CG1 . ILE A 1 63  ? -6.867  3.523   -4.219  1.00 18.25 ? 63  ILE A CG1 1 
ATOM   427 C  CG2 . ILE A 1 63  ? -5.174  1.679   -4.017  1.00 18.16 ? 63  ILE A CG2 1 
ATOM   428 C  CD1 . ILE A 1 63  ? -5.922  4.652   -3.891  1.00 17.80 ? 63  ILE A CD1 1 
HETATM 429 N  N   . MSE A 1 64  ? -6.815  -1.105  -4.014  1.00 19.77 ? 64  MSE A N   1 
HETATM 430 C  CA  . MSE A 1 64  ? -6.432  -2.418  -3.529  1.00 20.11 ? 64  MSE A CA  1 
HETATM 431 C  C   . MSE A 1 64  ? -4.919  -2.588  -3.465  1.00 19.38 ? 64  MSE A C   1 
HETATM 432 O  O   . MSE A 1 64  ? -4.202  -2.108  -4.345  1.00 18.67 ? 64  MSE A O   1 
HETATM 433 C  CB  . MSE A 1 64  ? -7.021  -3.493  -4.432  1.00 22.23 ? 64  MSE A CB  1 
HETATM 434 C  CG  . MSE A 1 64  ? -6.884  -4.898  -3.878  1.00 25.75 ? 64  MSE A CG  1 
HETATM 435 SE SE  . MSE A 1 64  ? -8.143  -5.352  -2.459  1.00 34.57 ? 64  MSE A SE  1 
HETATM 436 C  CE  . MSE A 1 64  ? -9.774  -4.733  -3.298  1.00 25.39 ? 64  MSE A CE  1 
ATOM   437 N  N   . LEU A 1 65  ? -4.439  -3.273  -2.423  1.00 18.11 ? 65  LEU A N   1 
ATOM   438 C  CA  . LEU A 1 65  ? -3.005  -3.515  -2.262  1.00 16.89 ? 65  LEU A CA  1 
ATOM   439 C  C   . LEU A 1 65  ? -2.682  -5.003  -2.158  1.00 16.16 ? 65  LEU A C   1 
ATOM   440 O  O   . LEU A 1 65  ? -3.297  -5.735  -1.384  1.00 15.82 ? 65  LEU A O   1 
ATOM   441 C  CB  . LEU A 1 65  ? -2.464  -2.808  -1.008  1.00 17.28 ? 65  LEU A CB  1 
ATOM   442 C  CG  . LEU A 1 65  ? -2.618  -1.288  -0.830  1.00 17.16 ? 65  LEU A CG  1 
ATOM   443 C  CD1 . LEU A 1 65  ? -2.023  -0.886  0.523   1.00 17.53 ? 65  LEU A CD1 1 
ATOM   444 C  CD2 . LEU A 1 65  ? -1.917  -0.534  -1.964  1.00 16.12 ? 65  LEU A CD2 1 
ATOM   445 N  N   . TRP A 1 66  ? -1.717  -5.438  -2.961  1.00 16.28 ? 66  TRP A N   1 
ATOM   446 C  CA  . TRP A 1 66  ? -1.245  -6.823  -2.966  1.00 16.51 ? 66  TRP A CA  1 
ATOM   447 C  C   . TRP A 1 66  ? 0.178   -6.712  -2.451  1.00 16.81 ? 66  TRP A C   1 
ATOM   448 O  O   . TRP A 1 66  ? 1.001   -6.046  -3.081  1.00 16.76 ? 66  TRP A O   1 
ATOM   449 C  CB  . TRP A 1 66  ? -1.208  -7.401  -4.387  1.00 16.29 ? 66  TRP A CB  1 
ATOM   450 C  CG  . TRP A 1 66  ? -2.555  -7.658  -5.007  1.00 16.57 ? 66  TRP A CG  1 
ATOM   451 C  CD1 . TRP A 1 66  ? -3.760  -7.716  -4.365  1.00 16.27 ? 66  TRP A CD1 1 
ATOM   452 C  CD2 . TRP A 1 66  ? -2.820  -7.961  -6.385  1.00 15.92 ? 66  TRP A CD2 1 
ATOM   453 N  NE1 . TRP A 1 66  ? -4.754  -8.041  -5.256  1.00 16.07 ? 66  TRP A NE1 1 
ATOM   454 C  CE2 . TRP A 1 66  ? -4.208  -8.195  -6.504  1.00 16.23 ? 66  TRP A CE2 1 
ATOM   455 C  CE3 . TRP A 1 66  ? -2.020  -8.058  -7.531  1.00 15.48 ? 66  TRP A CE3 1 
ATOM   456 C  CZ2 . TRP A 1 66  ? -4.818  -8.520  -7.727  1.00 15.48 ? 66  TRP A CZ2 1 
ATOM   457 C  CZ3 . TRP A 1 66  ? -2.627  -8.385  -8.750  1.00 15.47 ? 66  TRP A CZ3 1 
ATOM   458 C  CH2 . TRP A 1 66  ? -4.013  -8.611  -8.834  1.00 15.01 ? 66  TRP A CH2 1 
ATOM   459 N  N   . GLU A 1 67  ? 0.480   -7.356  -1.327  1.00 16.52 ? 67  GLU A N   1 
ATOM   460 C  CA  . GLU A 1 67  ? 1.820   -7.257  -0.757  1.00 16.49 ? 67  GLU A CA  1 
ATOM   461 C  C   . GLU A 1 67  ? 2.403   -8.580  -0.280  1.00 16.43 ? 67  GLU A C   1 
ATOM   462 O  O   . GLU A 1 67  ? 1.689   -9.422  0.260   1.00 16.89 ? 67  GLU A O   1 
ATOM   463 C  CB  . GLU A 1 67  ? 1.809   -6.296  0.438   1.00 16.73 ? 67  GLU A CB  1 
ATOM   464 C  CG  . GLU A 1 67  ? 1.221   -4.915  0.169   1.00 16.71 ? 67  GLU A CG  1 
ATOM   465 C  CD  . GLU A 1 67  ? 1.015   -4.108  1.448   1.00 17.33 ? 67  GLU A CD  1 
ATOM   466 O  OE1 . GLU A 1 67  ? 1.629   -4.441  2.486   1.00 16.48 ? 67  GLU A OE1 1 
ATOM   467 O  OE2 . GLU A 1 67  ? 0.245   -3.128  1.418   1.00 17.61 ? 67  GLU A OE2 1 
ATOM   468 N  N   . ILE A 1 68  ? 3.706   -8.750  -0.491  1.00 16.64 ? 68  ILE A N   1 
ATOM   469 C  CA  . ILE A 1 68  ? 4.430   -9.930  -0.017  1.00 17.08 ? 68  ILE A CA  1 
ATOM   470 C  C   . ILE A 1 68  ? 5.719   -9.397  0.626   1.00 17.13 ? 68  ILE A C   1 
ATOM   471 O  O   . ILE A 1 68  ? 6.462   -8.637  0.006   1.00 16.65 ? 68  ILE A O   1 
ATOM   472 C  CB  . ILE A 1 68  ? 4.815   -10.909 -1.153  1.00 17.29 ? 68  ILE A CB  1 
ATOM   473 C  CG1 . ILE A 1 68  ? 3.570   -11.400 -1.892  1.00 17.45 ? 68  ILE A CG1 1 
ATOM   474 C  CG2 . ILE A 1 68  ? 5.525   -12.124 -0.562  1.00 17.85 ? 68  ILE A CG2 1 
ATOM   475 C  CD1 . ILE A 1 68  ? 3.889   -12.403 -2.987  1.00 17.18 ? 68  ILE A CD1 1 
ATOM   476 N  N   . TRP A 1 69  ? 5.974   -9.780  1.872   1.00 18.05 ? 69  TRP A N   1 
ATOM   477 C  CA  . TRP A 1 69  ? 7.168   -9.315  2.572   1.00 19.06 ? 69  TRP A CA  1 
ATOM   478 C  C   . TRP A 1 69  ? 8.010   -10.481 3.075   1.00 20.30 ? 69  TRP A C   1 
ATOM   479 O  O   . TRP A 1 69  ? 7.505   -11.593 3.239   1.00 20.38 ? 69  TRP A O   1 
ATOM   480 C  CB  . TRP A 1 69  ? 6.784   -8.442  3.771   1.00 18.33 ? 69  TRP A CB  1 
ATOM   481 C  CG  . TRP A 1 69  ? 5.849   -7.325  3.451   1.00 18.10 ? 69  TRP A CG  1 
ATOM   482 C  CD1 . TRP A 1 69  ? 4.481   -7.374  3.447   1.00 17.84 ? 69  TRP A CD1 1 
ATOM   483 C  CD2 . TRP A 1 69  ? 6.204   -5.982  3.099   1.00 17.43 ? 69  TRP A CD2 1 
ATOM   484 N  NE1 . TRP A 1 69  ? 3.966   -6.144  3.119   1.00 17.80 ? 69  TRP A NE1 1 
ATOM   485 C  CE2 . TRP A 1 69  ? 5.000   -5.271  2.900   1.00 17.24 ? 69  TRP A CE2 1 
ATOM   486 C  CE3 . TRP A 1 69  ? 7.426   -5.310  2.934   1.00 17.05 ? 69  TRP A CE3 1 
ATOM   487 C  CZ2 . TRP A 1 69  ? 4.978   -3.917  2.544   1.00 16.99 ? 69  TRP A CZ2 1 
ATOM   488 C  CZ3 . TRP A 1 69  ? 7.401   -3.964  2.580   1.00 17.09 ? 69  TRP A CZ3 1 
ATOM   489 C  CH2 . TRP A 1 69  ? 6.184   -3.283  2.389   1.00 16.97 ? 69  TRP A CH2 1 
ATOM   490 N  N   . GLU A 1 70  ? 9.290   -10.216 3.325   1.00 21.45 ? 70  GLU A N   1 
ATOM   491 C  CA  . GLU A 1 70  ? 10.203  -11.232 3.836   1.00 23.37 ? 70  GLU A CA  1 
ATOM   492 C  C   . GLU A 1 70  ? 9.731   -11.688 5.208   1.00 23.65 ? 70  GLU A C   1 
ATOM   493 O  O   . GLU A 1 70  ? 9.936   -12.836 5.593   1.00 24.17 ? 70  GLU A O   1 
ATOM   494 C  CB  . GLU A 1 70  ? 11.611  -10.661 3.962   1.00 24.43 ? 70  GLU A CB  1 
ATOM   495 C  CG  . GLU A 1 70  ? 12.280  -10.360 2.641   1.00 27.66 ? 70  GLU A CG  1 
ATOM   496 C  CD  . GLU A 1 70  ? 12.745  -11.614 1.926   1.00 29.36 ? 70  GLU A CD  1 
ATOM   497 O  OE1 . GLU A 1 70  ? 12.613  -12.722 2.500   1.00 30.32 ? 70  GLU A OE1 1 
ATOM   498 O  OE2 . GLU A 1 70  ? 13.251  -11.488 0.790   1.00 31.24 ? 70  GLU A OE2 1 
ATOM   499 N  N   . ASN A 1 71  ? 9.092   -10.778 5.937   1.00 23.78 ? 71  ASN A N   1 
ATOM   500 C  CA  . ASN A 1 71  ? 8.593   -11.071 7.275   1.00 24.42 ? 71  ASN A CA  1 
ATOM   501 C  C   . ASN A 1 71  ? 7.812   -9.883  7.831   1.00 25.14 ? 71  ASN A C   1 
ATOM   502 O  O   . ASN A 1 71  ? 7.689   -8.846  7.178   1.00 24.78 ? 71  ASN A O   1 
ATOM   503 C  CB  . ASN A 1 71  ? 9.763   -11.389 8.197   1.00 23.83 ? 71  ASN A CB  1 
ATOM   504 C  CG  . ASN A 1 71  ? 10.863  -10.371 8.082   1.00 23.73 ? 71  ASN A CG  1 
ATOM   505 O  OD1 . ASN A 1 71  ? 10.671  -9.190  8.378   1.00 23.57 ? 71  ASN A OD1 1 
ATOM   506 N  ND2 . ASN A 1 71  ? 12.022  -10.812 7.634   1.00 23.55 ? 71  ASN A ND2 1 
ATOM   507 N  N   . GLU A 1 72  ? 7.290   -10.042 9.040   1.00 26.12 ? 72  GLU A N   1 
ATOM   508 C  CA  . GLU A 1 72  ? 6.514   -8.994  9.677   1.00 28.02 ? 72  GLU A CA  1 
ATOM   509 C  C   . GLU A 1 72  ? 7.277   -7.711  9.974   1.00 28.24 ? 72  GLU A C   1 
ATOM   510 O  O   . GLU A 1 72  ? 6.693   -6.626  9.913   1.00 28.90 ? 72  GLU A O   1 
ATOM   511 C  CB  . GLU A 1 72  ? 5.893   -9.517  10.965  1.00 29.82 ? 72  GLU A CB  1 
ATOM   512 C  CG  . GLU A 1 72  ? 4.729   -10.435 10.725  1.00 33.42 ? 72  GLU A CG  1 
ATOM   513 C  CD  . GLU A 1 72  ? 4.227   -11.075 11.996  1.00 35.69 ? 72  GLU A CD  1 
ATOM   514 O  OE1 . GLU A 1 72  ? 4.020   -10.339 12.988  1.00 37.69 ? 72  GLU A OE1 1 
ATOM   515 O  OE2 . GLU A 1 72  ? 4.033   -12.311 11.998  1.00 36.27 ? 72  GLU A OE2 1 
ATOM   516 N  N   . GLU A 1 73  ? 8.563   -7.817  10.304  1.00 28.11 ? 73  GLU A N   1 
ATOM   517 C  CA  . GLU A 1 73  ? 9.344   -6.617  10.604  1.00 28.54 ? 73  GLU A CA  1 
ATOM   518 C  C   . GLU A 1 73  ? 9.494   -5.750  9.363   1.00 27.00 ? 73  GLU A C   1 
ATOM   519 O  O   . GLU A 1 73  ? 9.530   -4.525  9.466   1.00 27.36 ? 73  GLU A O   1 
ATOM   520 C  CB  . GLU A 1 73  ? 10.740  -6.961  11.141  1.00 30.88 ? 73  GLU A CB  1 
ATOM   521 C  CG  . GLU A 1 73  ? 10.753  -7.930  12.301  1.00 35.15 ? 73  GLU A CG  1 
ATOM   522 C  CD  . GLU A 1 73  ? 10.819  -9.370  11.832  1.00 37.91 ? 73  GLU A CD  1 
ATOM   523 O  OE1 . GLU A 1 73  ? 11.852  -9.746  11.226  1.00 39.54 ? 73  GLU A OE1 1 
ATOM   524 O  OE2 . GLU A 1 73  ? 9.844   -10.123 12.062  1.00 39.12 ? 73  GLU A OE2 1 
ATOM   525 N  N   . ALA A 1 74  ? 9.585   -6.383  8.194   1.00 24.73 ? 74  ALA A N   1 
ATOM   526 C  CA  . ALA A 1 74  ? 9.728   -5.639  6.947   1.00 23.52 ? 74  ALA A CA  1 
ATOM   527 C  C   . ALA A 1 74  ? 8.553   -4.675  6.770   1.00 22.35 ? 74  ALA A C   1 
ATOM   528 O  O   . ALA A 1 74  ? 8.718   -3.568  6.260   1.00 22.05 ? 74  ALA A O   1 
ATOM   529 C  CB  . ALA A 1 74  ? 9.812   -6.600  5.763   1.00 22.88 ? 74  ALA A CB  1 
ATOM   530 N  N   . VAL A 1 75  ? 7.369   -5.101  7.199   1.00 21.86 ? 75  VAL A N   1 
ATOM   531 C  CA  . VAL A 1 75  ? 6.169   -4.270  7.102   1.00 21.67 ? 75  VAL A CA  1 
ATOM   532 C  C   . VAL A 1 75  ? 6.322   -3.041  7.993   1.00 21.59 ? 75  VAL A C   1 
ATOM   533 O  O   . VAL A 1 75  ? 6.015   -1.924  7.584   1.00 21.18 ? 75  VAL A O   1 
ATOM   534 C  CB  . VAL A 1 75  ? 4.896   -5.044  7.548   1.00 21.63 ? 75  VAL A CB  1 
ATOM   535 C  CG1 . VAL A 1 75  ? 3.680   -4.132  7.479   1.00 21.92 ? 75  VAL A CG1 1 
ATOM   536 C  CG2 . VAL A 1 75  ? 4.683   -6.255  6.666   1.00 21.26 ? 75  VAL A CG2 1 
ATOM   537 N  N   . LYS A 1 76  ? 6.794   -3.254  9.218   1.00 21.80 ? 76  LYS A N   1 
ATOM   538 C  CA  . LYS A 1 76  ? 6.997   -2.161  10.154  1.00 21.91 ? 76  LYS A CA  1 
ATOM   539 C  C   . LYS A 1 76  ? 8.087   -1.220  9.648   1.00 20.89 ? 76  LYS A C   1 
ATOM   540 O  O   . LYS A 1 76  ? 7.939   -0.001  9.723   1.00 20.54 ? 76  LYS A O   1 
ATOM   541 C  CB  . LYS A 1 76  ? 7.342   -2.721  11.538  1.00 23.58 ? 76  LYS A CB  1 
ATOM   542 C  CG  . LYS A 1 76  ? 6.125   -3.349  12.210  1.00 27.23 ? 76  LYS A CG  1 
ATOM   543 C  CD  . LYS A 1 76  ? 6.452   -4.101  13.486  1.00 29.41 ? 76  LYS A CD  1 
ATOM   544 C  CE  . LYS A 1 76  ? 5.170   -4.634  14.114  1.00 31.20 ? 76  LYS A CE  1 
ATOM   545 N  NZ  . LYS A 1 76  ? 5.431   -5.550  15.260  1.00 33.79 ? 76  LYS A NZ  1 
ATOM   546 N  N   . ILE A 1 77  ? 9.173   -1.786  9.122   1.00 20.22 ? 77  ILE A N   1 
ATOM   547 C  CA  . ILE A 1 77  ? 10.267  -0.979  8.572   1.00 20.00 ? 77  ILE A CA  1 
ATOM   548 C  C   . ILE A 1 77  ? 9.717   -0.116  7.437   1.00 19.73 ? 77  ILE A C   1 
ATOM   549 O  O   . ILE A 1 77  ? 10.075  1.055   7.297   1.00 19.28 ? 77  ILE A O   1 
ATOM   550 C  CB  . ILE A 1 77  ? 11.413  -1.874  8.039   1.00 19.88 ? 77  ILE A CB  1 
ATOM   551 C  CG1 . ILE A 1 77  ? 12.224  -2.425  9.213   1.00 20.62 ? 77  ILE A CG1 1 
ATOM   552 C  CG2 . ILE A 1 77  ? 12.314  -1.083  7.110   1.00 20.05 ? 77  ILE A CG2 1 
ATOM   553 C  CD1 . ILE A 1 77  ? 13.256  -3.448  8.825   1.00 20.50 ? 77  ILE A CD1 1 
ATOM   554 N  N   . HIS A 1 78  ? 8.840   -0.712  6.636   1.00 19.00 ? 78  HIS A N   1 
ATOM   555 C  CA  . HIS A 1 78  ? 8.195   -0.022  5.527   1.00 18.61 ? 78  HIS A CA  1 
ATOM   556 C  C   . HIS A 1 78  ? 7.538   1.284   5.978   1.00 18.91 ? 78  HIS A C   1 
ATOM   557 O  O   . HIS A 1 78  ? 7.640   2.304   5.294   1.00 18.82 ? 78  HIS A O   1 
ATOM   558 C  CB  . HIS A 1 78  ? 7.133   -0.939  4.910   1.00 18.53 ? 78  HIS A CB  1 
ATOM   559 C  CG  . HIS A 1 78  ? 6.171   -0.241  3.994   1.00 17.38 ? 78  HIS A CG  1 
ATOM   560 N  ND1 . HIS A 1 78  ? 6.569   0.434   2.859   1.00 17.52 ? 78  HIS A ND1 1 
ATOM   561 C  CD2 . HIS A 1 78  ? 4.821   -0.150  4.028   1.00 16.90 ? 78  HIS A CD2 1 
ATOM   562 C  CE1 . HIS A 1 78  ? 5.507   0.911   2.235   1.00 16.90 ? 78  HIS A CE1 1 
ATOM   563 N  NE2 . HIS A 1 78  ? 4.432   0.570   2.923   1.00 16.93 ? 78  HIS A NE2 1 
ATOM   564 N  N   . PHE A 1 79  ? 6.863   1.255   7.124   1.00 18.83 ? 79  PHE A N   1 
ATOM   565 C  CA  . PHE A 1 79  ? 6.185   2.448   7.605   1.00 19.77 ? 79  PHE A CA  1 
ATOM   566 C  C   . PHE A 1 79  ? 7.085   3.487   8.250   1.00 20.47 ? 79  PHE A C   1 
ATOM   567 O  O   . PHE A 1 79  ? 6.600   4.534   8.676   1.00 21.07 ? 79  PHE A O   1 
ATOM   568 C  CB  . PHE A 1 79  ? 5.046   2.078   8.558   1.00 20.22 ? 79  PHE A CB  1 
ATOM   569 C  CG  . PHE A 1 79  ? 3.917   1.375   7.881   1.00 20.28 ? 79  PHE A CG  1 
ATOM   570 C  CD1 . PHE A 1 79  ? 3.789   -0.004  7.964   1.00 20.74 ? 79  PHE A CD1 1 
ATOM   571 C  CD2 . PHE A 1 79  ? 3.016   2.085   7.095   1.00 21.41 ? 79  PHE A CD2 1 
ATOM   572 C  CE1 . PHE A 1 79  ? 2.780   -0.669  7.267   1.00 20.96 ? 79  PHE A CE1 1 
ATOM   573 C  CE2 . PHE A 1 79  ? 2.001   1.427   6.392   1.00 21.16 ? 79  PHE A CE2 1 
ATOM   574 C  CZ  . PHE A 1 79  ? 1.888   0.048   6.480   1.00 20.61 ? 79  PHE A CZ  1 
ATOM   575 N  N   . THR A 1 80  ? 8.386   3.209   8.325   1.00 20.11 ? 80  THR A N   1 
ATOM   576 C  CA  . THR A 1 80  ? 9.322   4.178   8.884   1.00 19.88 ? 80  THR A CA  1 
ATOM   577 C  C   . THR A 1 80  ? 9.997   4.918   7.728   1.00 20.20 ? 80  THR A C   1 
ATOM   578 O  O   . THR A 1 80  ? 10.582  5.982   7.918   1.00 20.31 ? 80  THR A O   1 
ATOM   579 C  CB  . THR A 1 80  ? 10.416  3.514   9.740   1.00 19.77 ? 80  THR A CB  1 
ATOM   580 O  OG1 . THR A 1 80  ? 11.319  2.796   8.892   1.00 19.59 ? 80  THR A OG1 1 
ATOM   581 C  CG2 . THR A 1 80  ? 9.803   2.566   10.754  1.00 19.89 ? 80  THR A CG2 1 
ATOM   582 N  N   . LYS A 1 81  ? 9.909   4.348   6.529   1.00 20.41 ? 81  LYS A N   1 
ATOM   583 C  CA  . LYS A 1 81  ? 10.509  4.950   5.341   1.00 21.03 ? 81  LYS A CA  1 
ATOM   584 C  C   . LYS A 1 81  ? 9.844   6.286   5.048   1.00 22.04 ? 81  LYS A C   1 
ATOM   585 O  O   . LYS A 1 81  ? 8.635   6.434   5.222   1.00 22.63 ? 81  LYS A O   1 
ATOM   586 C  CB  . LYS A 1 81  ? 10.325  4.038   4.130   1.00 20.56 ? 81  LYS A CB  1 
ATOM   587 C  CG  . LYS A 1 81  ? 10.842  2.626   4.312   1.00 20.21 ? 81  LYS A CG  1 
ATOM   588 C  CD  . LYS A 1 81  ? 12.333  2.607   4.529   1.00 18.96 ? 81  LYS A CD  1 
ATOM   589 C  CE  . LYS A 1 81  ? 12.845  1.185   4.496   1.00 19.18 ? 81  LYS A CE  1 
ATOM   590 N  NZ  . LYS A 1 81  ? 14.312  1.128   4.753   1.00 19.43 ? 81  LYS A NZ  1 
ATOM   591 N  N   . LYS A 1 82  ? 10.630  7.255   4.594   1.00 22.92 ? 82  LYS A N   1 
ATOM   592 C  CA  . LYS A 1 82  ? 10.095  8.572   4.286   1.00 23.54 ? 82  LYS A CA  1 
ATOM   593 C  C   . LYS A 1 82  ? 9.120   8.549   3.111   1.00 23.17 ? 82  LYS A C   1 
ATOM   594 O  O   . LYS A 1 82  ? 8.150   9.302   3.105   1.00 23.45 ? 82  LYS A O   1 
ATOM   595 C  CB  . LYS A 1 82  ? 11.225  9.555   3.975   1.00 25.52 ? 82  LYS A CB  1 
ATOM   596 C  CG  . LYS A 1 82  ? 10.706  10.926  3.572   1.00 27.62 ? 82  LYS A CG  1 
ATOM   597 C  CD  . LYS A 1 82  ? 11.795  11.850  3.051   1.00 29.43 ? 82  LYS A CD  1 
ATOM   598 C  CE  . LYS A 1 82  ? 11.198  13.205  2.685   1.00 29.84 ? 82  LYS A CE  1 
ATOM   599 N  NZ  . LYS A 1 82  ? 10.513  13.801  3.880   1.00 31.55 ? 82  LYS A NZ  1 
ATOM   600 N  N   . HIS A 1 83  ? 9.371   7.700   2.115   1.00 22.89 ? 83  HIS A N   1 
ATOM   601 C  CA  . HIS A 1 83  ? 8.474   7.639   0.961   1.00 22.24 ? 83  HIS A CA  1 
ATOM   602 C  C   . HIS A 1 83  ? 7.094   7.138   1.368   1.00 21.97 ? 83  HIS A C   1 
ATOM   603 O  O   . HIS A 1 83  ? 6.087   7.487   0.751   1.00 22.48 ? 83  HIS A O   1 
ATOM   604 C  CB  . HIS A 1 83  ? 9.053   6.772   -0.178  1.00 21.95 ? 83  HIS A CB  1 
ATOM   605 C  CG  . HIS A 1 83  ? 9.424   5.375   0.223   1.00 22.27 ? 83  HIS A CG  1 
ATOM   606 N  ND1 . HIS A 1 83  ? 10.731  4.936   0.261   1.00 21.26 ? 83  HIS A ND1 1 
ATOM   607 C  CD2 . HIS A 1 83  ? 8.661   4.308   0.558   1.00 22.11 ? 83  HIS A CD2 1 
ATOM   608 C  CE1 . HIS A 1 83  ? 10.757  3.660   0.602   1.00 21.34 ? 83  HIS A CE1 1 
ATOM   609 N  NE2 . HIS A 1 83  ? 9.514   3.255   0.788   1.00 21.57 ? 83  HIS A NE2 1 
ATOM   610 N  N   . THR A 1 84  ? 7.047   6.333   2.421   1.00 21.41 ? 84  THR A N   1 
ATOM   611 C  CA  . THR A 1 84  ? 5.780   5.824   2.913   1.00 20.67 ? 84  THR A CA  1 
ATOM   612 C  C   . THR A 1 84  ? 5.085   6.924   3.709   1.00 21.07 ? 84  THR A C   1 
ATOM   613 O  O   . THR A 1 84  ? 3.921   7.234   3.469   1.00 21.30 ? 84  THR A O   1 
ATOM   614 C  CB  . THR A 1 84  ? 5.988   4.611   3.817   1.00 19.83 ? 84  THR A CB  1 
ATOM   615 O  OG1 . THR A 1 84  ? 6.663   3.585   3.081   1.00 19.73 ? 84  THR A OG1 1 
ATOM   616 C  CG2 . THR A 1 84  ? 4.657   4.080   4.303   1.00 19.63 ? 84  THR A CG2 1 
ATOM   617 N  N   . ILE A 1 85  ? 5.809   7.529   4.646   1.00 21.71 ? 85  ILE A N   1 
ATOM   618 C  CA  . ILE A 1 85  ? 5.249   8.592   5.477   1.00 22.17 ? 85  ILE A CA  1 
ATOM   619 C  C   . ILE A 1 85  ? 4.771   9.787   4.646   1.00 22.80 ? 85  ILE A C   1 
ATOM   620 O  O   . ILE A 1 85  ? 3.787   10.442  5.000   1.00 23.18 ? 85  ILE A O   1 
ATOM   621 C  CB  . ILE A 1 85  ? 6.280   9.060   6.528   1.00 21.82 ? 85  ILE A CB  1 
ATOM   622 C  CG1 . ILE A 1 85  ? 6.588   7.910   7.486   1.00 21.84 ? 85  ILE A CG1 1 
ATOM   623 C  CG2 . ILE A 1 85  ? 5.744   10.252  7.297   1.00 22.15 ? 85  ILE A CG2 1 
ATOM   624 C  CD1 . ILE A 1 85  ? 7.766   8.170   8.405   1.00 21.99 ? 85  ILE A CD1 1 
ATOM   625 N  N   . ASP A 1 86  ? 5.455   10.069  3.540   1.00 23.30 ? 86  ASP A N   1 
ATOM   626 C  CA  . ASP A 1 86  ? 5.067   11.177  2.670   1.00 24.13 ? 86  ASP A CA  1 
ATOM   627 C  C   . ASP A 1 86  ? 3.631   11.014  2.160   1.00 24.38 ? 86  ASP A C   1 
ATOM   628 O  O   . ASP A 1 86  ? 2.861   11.970  2.131   1.00 24.64 ? 86  ASP A O   1 
ATOM   629 C  CB  . ASP A 1 86  ? 6.024   11.276  1.480   1.00 25.59 ? 86  ASP A CB  1 
ATOM   630 C  CG  . ASP A 1 86  ? 7.323   11.984  1.825   1.00 26.93 ? 86  ASP A CG  1 
ATOM   631 O  OD1 . ASP A 1 86  ? 8.261   11.940  0.996   1.00 27.04 ? 86  ASP A OD1 1 
ATOM   632 O  OD2 . ASP A 1 86  ? 7.401   12.594  2.918   1.00 28.27 ? 86  ASP A OD2 1 
ATOM   633 N  N   . VAL A 1 87  ? 3.275   9.802   1.751   1.00 24.53 ? 87  VAL A N   1 
ATOM   634 C  CA  . VAL A 1 87  ? 1.925   9.535   1.257   1.00 24.83 ? 87  VAL A CA  1 
ATOM   635 C  C   . VAL A 1 87  ? 0.941   9.580   2.428   1.00 25.65 ? 87  VAL A C   1 
ATOM   636 O  O   . VAL A 1 87  ? -0.174  10.090  2.316   1.00 25.03 ? 87  VAL A O   1 
ATOM   637 C  CB  . VAL A 1 87  ? 1.847   8.139   0.588   1.00 24.40 ? 87  VAL A CB  1 
ATOM   638 C  CG1 . VAL A 1 87  ? 0.422   7.851   0.126   1.00 24.22 ? 87  VAL A CG1 1 
ATOM   639 C  CG2 . VAL A 1 87  ? 2.807   8.076   -0.582  1.00 24.02 ? 87  VAL A CG2 1 
ATOM   640 N  N   . GLN A 1 88  ? 1.386   9.044   3.558   1.00 26.68 ? 88  GLN A N   1 
ATOM   641 C  CA  . GLN A 1 88  ? 0.596   8.978   4.778   1.00 27.73 ? 88  GLN A CA  1 
ATOM   642 C  C   . GLN A 1 88  ? 0.163   10.373  5.243   1.00 27.35 ? 88  GLN A C   1 
ATOM   643 O  O   . GLN A 1 88  ? -0.993  10.586  5.616   1.00 27.44 ? 88  GLN A O   1 
ATOM   644 C  CB  . GLN A 1 88  ? 1.437   8.285   5.848   1.00 29.57 ? 88  GLN A CB  1 
ATOM   645 C  CG  . GLN A 1 88  ? 0.689   7.746   7.032   1.00 32.34 ? 88  GLN A CG  1 
ATOM   646 C  CD  . GLN A 1 88  ? 1.583   6.888   7.923   1.00 34.55 ? 88  GLN A CD  1 
ATOM   647 O  OE1 . GLN A 1 88  ? 1.183   6.484   9.020   1.00 36.17 ? 88  GLN A OE1 1 
ATOM   648 N  NE2 . GLN A 1 88  ? 2.801   6.605   7.452   1.00 35.12 ? 88  GLN A NE2 1 
ATOM   649 N  N   . LYS A 1 89  ? 1.091   11.320  5.202   1.00 26.98 ? 89  LYS A N   1 
ATOM   650 C  CA  . LYS A 1 89  ? 0.822   12.690  5.621   1.00 26.58 ? 89  LYS A CA  1 
ATOM   651 C  C   . LYS A 1 89  ? -0.241  13.384  4.773   1.00 26.29 ? 89  LYS A C   1 
ATOM   652 O  O   . LYS A 1 89  ? -0.795  14.402  5.181   1.00 26.37 ? 89  LYS A O   1 
ATOM   653 C  CB  . LYS A 1 89  ? 2.126   13.492  5.598   1.00 27.35 ? 89  LYS A CB  1 
ATOM   654 C  CG  . LYS A 1 89  ? 3.163   12.972  6.587   1.00 28.33 ? 89  LYS A CG  1 
ATOM   655 C  CD  . LYS A 1 89  ? 4.579   13.407  6.233   1.00 30.11 ? 89  LYS A CD  1 
ATOM   656 C  CE  . LYS A 1 89  ? 4.763   14.912  6.318   1.00 31.17 ? 89  LYS A CE  1 
ATOM   657 N  NZ  . LYS A 1 89  ? 6.186   15.293  6.058   1.00 31.77 ? 89  LYS A NZ  1 
ATOM   658 N  N   . GLN A 1 90  ? -0.525  12.831  3.596   1.00 25.96 ? 90  GLN A N   1 
ATOM   659 C  CA  . GLN A 1 90  ? -1.526  13.403  2.693   1.00 25.58 ? 90  GLN A CA  1 
ATOM   660 C  C   . GLN A 1 90  ? -2.949  13.021  3.090   1.00 25.55 ? 90  GLN A C   1 
ATOM   661 O  O   . GLN A 1 90  ? -3.915  13.604  2.599   1.00 25.57 ? 90  GLN A O   1 
ATOM   662 C  CB  . GLN A 1 90  ? -1.252  12.960  1.251   1.00 25.37 ? 90  GLN A CB  1 
ATOM   663 C  CG  . GLN A 1 90  ? 0.049   13.514  0.699   1.00 25.65 ? 90  GLN A CG  1 
ATOM   664 C  CD  . GLN A 1 90  ? 0.315   13.099  -0.729  1.00 25.51 ? 90  GLN A CD  1 
ATOM   665 O  OE1 . GLN A 1 90  ? -0.475  13.381  -1.626  1.00 26.74 ? 90  GLN A OE1 1 
ATOM   666 N  NE2 . GLN A 1 90  ? 1.434   12.428  -0.949  1.00 25.63 ? 90  GLN A NE2 1 
ATOM   667 N  N   . GLU A 1 91  ? -3.072  12.034  3.972   1.00 25.18 ? 91  GLU A N   1 
ATOM   668 C  CA  . GLU A 1 91  ? -4.372  11.583  4.450   1.00 25.42 ? 91  GLU A CA  1 
ATOM   669 C  C   . GLU A 1 91  ? -5.337  11.317  3.304   1.00 24.62 ? 91  GLU A C   1 
ATOM   670 O  O   . GLU A 1 91  ? -6.468  11.798  3.315   1.00 24.73 ? 91  GLU A O   1 
ATOM   671 C  CB  . GLU A 1 91  ? -4.975  12.638  5.371   1.00 27.10 ? 91  GLU A CB  1 
ATOM   672 C  CG  . GLU A 1 91  ? -4.077  13.043  6.514   1.00 30.39 ? 91  GLU A CG  1 
ATOM   673 C  CD  . GLU A 1 91  ? -4.552  14.312  7.195   1.00 32.48 ? 91  GLU A CD  1 
ATOM   674 O  OE1 . GLU A 1 91  ? -3.911  14.727  8.184   1.00 34.26 ? 91  GLU A OE1 1 
ATOM   675 O  OE2 . GLU A 1 91  ? -5.564  14.897  6.742   1.00 34.25 ? 91  GLU A OE2 1 
ATOM   676 N  N   . LEU A 1 92  ? -4.896  10.542  2.323   1.00 23.56 ? 92  LEU A N   1 
ATOM   677 C  CA  . LEU A 1 92  ? -5.726  10.236  1.166   1.00 23.05 ? 92  LEU A CA  1 
ATOM   678 C  C   . LEU A 1 92  ? -6.624  9.032   1.398   1.00 22.78 ? 92  LEU A C   1 
ATOM   679 O  O   . LEU A 1 92  ? -7.689  8.919   0.792   1.00 22.93 ? 92  LEU A O   1 
ATOM   680 C  CB  . LEU A 1 92  ? -4.836  9.963   -0.044  1.00 22.68 ? 92  LEU A CB  1 
ATOM   681 C  CG  . LEU A 1 92  ? -3.878  11.089  -0.440  1.00 23.02 ? 92  LEU A CG  1 
ATOM   682 C  CD1 . LEU A 1 92  ? -2.849  10.569  -1.445  1.00 22.42 ? 92  LEU A CD1 1 
ATOM   683 C  CD2 . LEU A 1 92  ? -4.686  12.257  -1.004  1.00 22.88 ? 92  LEU A CD2 1 
ATOM   684 N  N   . THR A 1 93  ? -6.195  8.143   2.289   1.00 22.32 ? 93  THR A N   1 
ATOM   685 C  CA  . THR A 1 93  ? -6.940  6.918   2.566   1.00 22.00 ? 93  THR A CA  1 
ATOM   686 C  C   . THR A 1 93  ? -6.912  6.481   4.029   1.00 22.01 ? 93  THR A C   1 
ATOM   687 O  O   . THR A 1 93  ? -6.287  7.104   4.884   1.00 22.01 ? 93  THR A O   1 
ATOM   688 C  CB  . THR A 1 93  ? -6.338  5.725   1.777   1.00 21.97 ? 93  THR A CB  1 
ATOM   689 O  OG1 . THR A 1 93  ? -4.973  5.537   2.186   1.00 21.74 ? 93  THR A OG1 1 
ATOM   690 C  CG2 . THR A 1 93  ? -6.372  5.977   0.276   1.00 21.17 ? 93  THR A CG2 1 
ATOM   691 N  N   . GLU A 1 94  ? -7.616  5.385   4.280   1.00 21.90 ? 94  GLU A N   1 
ATOM   692 C  CA  . GLU A 1 94  ? -7.661  4.716   5.571   1.00 21.85 ? 94  GLU A CA  1 
ATOM   693 C  C   . GLU A 1 94  ? -7.945  3.272   5.164   1.00 21.79 ? 94  GLU A C   1 
ATOM   694 O  O   . GLU A 1 94  ? -8.559  3.035   4.119   1.00 20.94 ? 94  GLU A O   1 
ATOM   695 C  CB  . GLU A 1 94  ? -8.763  5.279   6.492   1.00 21.84 ? 94  GLU A CB  1 
ATOM   696 C  CG  . GLU A 1 94  ? -10.182 5.211   5.987   1.00 22.23 ? 94  GLU A CG  1 
ATOM   697 C  CD  . GLU A 1 94  ? -11.167 5.793   6.988   1.00 22.51 ? 94  GLU A CD  1 
ATOM   698 O  OE1 . GLU A 1 94  ? -10.804 6.755   7.698   1.00 24.25 ? 94  GLU A OE1 1 
ATOM   699 O  OE2 . GLU A 1 94  ? -12.310 5.305   7.060   1.00 22.32 ? 94  GLU A OE2 1 
ATOM   700 N  N   . VAL A 1 95  ? -7.462  2.311   5.944   1.00 21.57 ? 95  VAL A N   1 
ATOM   701 C  CA  . VAL A 1 95  ? -7.681  0.903   5.624   1.00 21.55 ? 95  VAL A CA  1 
ATOM   702 C  C   . VAL A 1 95  ? -9.094  0.479   6.006   1.00 22.10 ? 95  VAL A C   1 
ATOM   703 O  O   . VAL A 1 95  ? -9.526  0.689   7.137   1.00 22.11 ? 95  VAL A O   1 
ATOM   704 C  CB  . VAL A 1 95  ? -6.666  -0.003  6.363   1.00 21.37 ? 95  VAL A CB  1 
ATOM   705 C  CG1 . VAL A 1 95  ? -6.951  -1.466  6.064   1.00 20.97 ? 95  VAL A CG1 1 
ATOM   706 C  CG2 . VAL A 1 95  ? -5.259  0.353   5.941   1.00 20.94 ? 95  VAL A CG2 1 
ATOM   707 N  N   . GLU A 1 96  ? -9.815  -0.104  5.054   1.00 22.72 ? 96  GLU A N   1 
ATOM   708 C  CA  . GLU A 1 96  ? -11.175 -0.564  5.297   1.00 24.08 ? 96  GLU A CA  1 
ATOM   709 C  C   . GLU A 1 96  ? -11.101 -1.991  5.834   1.00 24.09 ? 96  GLU A C   1 
ATOM   710 O  O   . GLU A 1 96  ? -11.762 -2.332  6.814   1.00 24.13 ? 96  GLU A O   1 
ATOM   711 C  CB  . GLU A 1 96  ? -11.996 -0.519  4.007   1.00 25.83 ? 96  GLU A CB  1 
ATOM   712 C  CG  . GLU A 1 96  ? -13.487 -0.642  4.248   1.00 29.32 ? 96  GLU A CG  1 
ATOM   713 C  CD  . GLU A 1 96  ? -14.299 -0.442  2.988   1.00 31.68 ? 96  GLU A CD  1 
ATOM   714 O  OE1 . GLU A 1 96  ? -14.326 -1.359  2.136   1.00 33.40 ? 96  GLU A OE1 1 
ATOM   715 O  OE2 . GLU A 1 96  ? -14.909 0.641   2.848   1.00 33.51 ? 96  GLU A OE2 1 
ATOM   716 N  N   . TRP A 1 97  ? -10.306 -2.832  5.182   1.00 23.87 ? 97  TRP A N   1 
ATOM   717 C  CA  . TRP A 1 97  ? -10.117 -4.196  5.655   1.00 24.09 ? 97  TRP A CA  1 
ATOM   718 C  C   . TRP A 1 97  ? -8.738  -4.696  5.247   1.00 23.90 ? 97  TRP A C   1 
ATOM   719 O  O   . TRP A 1 97  ? -8.150  -4.211  4.280   1.00 22.43 ? 97  TRP A O   1 
ATOM   720 C  CB  . TRP A 1 97  ? -11.222 -5.144  5.154   1.00 24.74 ? 97  TRP A CB  1 
ATOM   721 C  CG  . TRP A 1 97  ? -11.356 -5.285  3.672   1.00 25.71 ? 97  TRP A CG  1 
ATOM   722 C  CD1 . TRP A 1 97  ? -12.257 -4.647  2.864   1.00 26.40 ? 97  TRP A CD1 1 
ATOM   723 C  CD2 . TRP A 1 97  ? -10.593 -6.147  2.821   1.00 26.01 ? 97  TRP A CD2 1 
ATOM   724 N  NE1 . TRP A 1 97  ? -12.103 -5.066  1.559   1.00 26.75 ? 97  TRP A NE1 1 
ATOM   725 C  CE2 . TRP A 1 97  ? -11.088 -5.986  1.508   1.00 26.49 ? 97  TRP A CE2 1 
ATOM   726 C  CE3 . TRP A 1 97  ? -9.537  -7.044  3.044   1.00 26.36 ? 97  TRP A CE3 1 
ATOM   727 C  CZ2 . TRP A 1 97  ? -10.562 -6.687  0.416   1.00 26.71 ? 97  TRP A CZ2 1 
ATOM   728 C  CZ3 . TRP A 1 97  ? -9.013  -7.741  1.963   1.00 27.19 ? 97  TRP A CZ3 1 
ATOM   729 C  CH2 . TRP A 1 97  ? -9.528  -7.558  0.660   1.00 27.11 ? 97  TRP A CH2 1 
ATOM   730 N  N   . LEU A 1 98  ? -8.218  -5.653  6.006   1.00 23.97 ? 98  LEU A N   1 
ATOM   731 C  CA  . LEU A 1 98  ? -6.901  -6.190  5.738   1.00 25.22 ? 98  LEU A CA  1 
ATOM   732 C  C   . LEU A 1 98  ? -6.744  -7.618  6.243   1.00 26.07 ? 98  LEU A C   1 
ATOM   733 O  O   . LEU A 1 98  ? -7.200  -7.959  7.330   1.00 25.59 ? 98  LEU A O   1 
ATOM   734 C  CB  . LEU A 1 98  ? -5.847  -5.279  6.381   1.00 25.54 ? 98  LEU A CB  1 
ATOM   735 C  CG  . LEU A 1 98  ? -4.369  -5.665  6.284   1.00 26.45 ? 98  LEU A CG  1 
ATOM   736 C  CD1 . LEU A 1 98  ? -3.513  -4.439  6.544   1.00 26.60 ? 98  LEU A CD1 1 
ATOM   737 C  CD2 . LEU A 1 98  ? -4.043  -6.779  7.281   1.00 27.11 ? 98  LEU A CD2 1 
HETATM 738 N  N   . MSE A 1 99  ? -6.094  -8.453  5.440   1.00 27.41 ? 99  MSE A N   1 
HETATM 739 C  CA  . MSE A 1 99  ? -5.860  -9.833  5.822   1.00 29.31 ? 99  MSE A CA  1 
HETATM 740 C  C   . MSE A 1 99  ? -4.389  -10.202 5.649   1.00 28.29 ? 99  MSE A C   1 
HETATM 741 O  O   . MSE A 1 99  ? -3.819  -10.090 4.560   1.00 27.36 ? 99  MSE A O   1 
HETATM 742 C  CB  . MSE A 1 99  ? -6.769  -10.759 5.014   1.00 33.08 ? 99  MSE A CB  1 
HETATM 743 C  CG  . MSE A 1 99  ? -8.238  -10.573 5.373   1.00 38.98 ? 99  MSE A CG  1 
HETATM 744 SE SE  . MSE A 1 99  ? -9.478  -11.507 4.222   1.00 49.08 ? 99  MSE A SE  1 
HETATM 745 C  CE  . MSE A 1 99  ? -9.496  -13.216 5.151   1.00 44.85 ? 99  MSE A CE  1 
ATOM   746 N  N   . LYS A 1 100 ? -3.793  -10.626 6.758   1.00 27.64 ? 100 LYS A N   1 
ATOM   747 C  CA  . LYS A 1 100 ? -2.388  -11.012 6.832   1.00 27.14 ? 100 LYS A CA  1 
ATOM   748 C  C   . LYS A 1 100 ? -2.261  -12.529 6.892   1.00 26.62 ? 100 LYS A C   1 
ATOM   749 O  O   . LYS A 1 100 ? -3.155  -13.215 7.390   1.00 26.36 ? 100 LYS A O   1 
ATOM   750 C  CB  . LYS A 1 100 ? -1.749  -10.421 8.096   1.00 27.75 ? 100 LYS A CB  1 
ATOM   751 C  CG  . LYS A 1 100 ? -1.468  -8.921  8.062   1.00 29.81 ? 100 LYS A CG  1 
ATOM   752 C  CD  . LYS A 1 100 ? -1.046  -8.401  9.453   1.00 30.33 ? 100 LYS A CD  1 
ATOM   753 C  CE  . LYS A 1 100 ? -0.226  -7.096  9.398   1.00 30.87 ? 100 LYS A CE  1 
ATOM   754 N  NZ  . LYS A 1 100 ? 1.254   -7.360  9.403   1.00 29.62 ? 100 LYS A NZ  1 
ATOM   755 N  N   . SER A 1 101 ? -1.142  -13.049 6.399   1.00 26.15 ? 101 SER A N   1 
ATOM   756 C  CA  . SER A 1 101 ? -0.903  -14.484 6.423   1.00 25.87 ? 101 SER A CA  1 
ATOM   757 C  C   . SER A 1 101 ? 0.560   -14.831 6.216   1.00 25.97 ? 101 SER A C   1 
ATOM   758 O  O   . SER A 1 101 ? 1.242   -14.242 5.383   1.00 25.14 ? 101 SER A O   1 
ATOM   759 C  CB  . SER A 1 101 ? -1.741  -15.187 5.351   1.00 26.35 ? 101 SER A CB  1 
ATOM   760 O  OG  . SER A 1 101 ? -1.500  -16.587 5.359   1.00 25.85 ? 101 SER A OG  1 
ATOM   761 N  N   . ASN A 1 102 ? 1.043   -15.784 6.999   1.00 26.58 ? 102 ASN A N   1 
ATOM   762 C  CA  . ASN A 1 102 ? 2.412   -16.236 6.870   1.00 27.67 ? 102 ASN A CA  1 
ATOM   763 C  C   . ASN A 1 102 ? 2.323   -17.500 6.037   1.00 28.80 ? 102 ASN A C   1 
ATOM   764 O  O   . ASN A 1 102 ? 1.596   -18.428 6.382   1.00 28.57 ? 102 ASN A O   1 
ATOM   765 C  CB  . ASN A 1 102 ? 3.014   -16.520 8.245   1.00 27.67 ? 102 ASN A CB  1 
ATOM   766 C  CG  . ASN A 1 102 ? 3.259   -15.253 9.040   1.00 27.99 ? 102 ASN A CG  1 
ATOM   767 O  OD1 . ASN A 1 102 ? 3.956   -14.350 8.581   1.00 28.67 ? 102 ASN A OD1 1 
ATOM   768 N  ND2 . ASN A 1 102 ? 2.687   -15.177 10.234  1.00 28.43 ? 102 ASN A ND2 1 
ATOM   769 N  N   . VAL A 1 103 ? 3.045   -17.511 4.924   1.00 30.72 ? 103 VAL A N   1 
ATOM   770 C  CA  . VAL A 1 103 ? 3.050   -18.634 3.992   1.00 32.97 ? 103 VAL A CA  1 
ATOM   771 C  C   . VAL A 1 103 ? 4.470   -19.156 3.816   1.00 35.30 ? 103 VAL A C   1 
ATOM   772 O  O   . VAL A 1 103 ? 5.383   -18.382 3.540   1.00 35.71 ? 103 VAL A O   1 
ATOM   773 C  CB  . VAL A 1 103 ? 2.515   -18.187 2.608   1.00 31.64 ? 103 VAL A CB  1 
ATOM   774 C  CG1 . VAL A 1 103 ? 2.626   -19.322 1.610   1.00 31.47 ? 103 VAL A CG1 1 
ATOM   775 C  CG2 . VAL A 1 103 ? 1.076   -17.714 2.737   1.00 31.27 ? 103 VAL A CG2 1 
ATOM   776 N  N   . ASN A 1 104 ? 4.663   -20.463 3.958   1.00 38.04 ? 104 ASN A N   1 
ATOM   777 C  CA  . ASN A 1 104 ? 6.006   -21.020 3.802   1.00 41.17 ? 104 ASN A CA  1 
ATOM   778 C  C   . ASN A 1 104 ? 6.176   -21.941 2.589   1.00 42.01 ? 104 ASN A C   1 
ATOM   779 O  O   . ASN A 1 104 ? 5.208   -22.083 1.802   1.00 42.77 ? 104 ASN A O   1 
ATOM   780 C  CB  . ASN A 1 104 ? 6.418   -21.751 5.085   1.00 42.63 ? 104 ASN A CB  1 
ATOM   781 C  CG  . ASN A 1 104 ? 5.435   -22.830 5.486   1.00 44.35 ? 104 ASN A CG  1 
ATOM   782 O  OD1 . ASN A 1 104 ? 5.370   -23.217 6.654   1.00 45.54 ? 104 ASN A OD1 1 
ATOM   783 N  ND2 . ASN A 1 104 ? 4.671   -23.334 4.518   1.00 45.03 ? 104 ASN A ND2 1 
HETATM 784 O  O   . HOH B 2 .   ? 0.156   -1.045  3.337   1.00 19.28 ? 201 HOH A O   1 
HETATM 785 O  O   . HOH B 2 .   ? 15.097  -1.509  4.544   1.00 19.38 ? 202 HOH A O   1 
HETATM 786 O  O   . HOH B 2 .   ? -4.048  -11.927 -1.394  1.00 84.03 ? 203 HOH A O   1 
HETATM 787 O  O   . HOH B 2 .   ? 1.819   0.967   2.406   1.00 16.65 ? 204 HOH A O   1 
HETATM 788 O  O   . HOH B 2 .   ? -2.806  -12.146 3.535   1.00 13.31 ? 205 HOH A O   1 
HETATM 789 O  O   . HOH B 2 .   ? -10.178 -6.443  8.412   1.00 18.43 ? 206 HOH A O   1 
HETATM 790 O  O   . HOH B 2 .   ? 13.262  -3.726  4.310   1.00 19.53 ? 207 HOH A O   1 
HETATM 791 O  O   . HOH B 2 .   ? -5.568  -11.613 8.726   1.00 29.39 ? 208 HOH A O   1 
HETATM 792 O  O   . HOH B 2 .   ? -11.947 3.312   -6.809  1.00 19.01 ? 209 HOH A O   1 
HETATM 793 O  O   . HOH B 2 .   ? 10.512  -3.158  4.267   1.00 22.82 ? 210 HOH A O   1 
HETATM 794 O  O   . HOH B 2 .   ? -2.471  8.951   2.667   1.00 29.36 ? 211 HOH A O   1 
HETATM 795 O  O   . HOH B 2 .   ? 16.259  2.941   4.514   1.00 25.97 ? 212 HOH A O   1 
HETATM 796 O  O   . HOH B 2 .   ? -5.110  -15.155 7.583   1.00 24.23 ? 213 HOH A O   1 
HETATM 797 O  O   . HOH B 2 .   ? -13.534 9.803   -1.596  1.00 36.82 ? 214 HOH A O   1 
HETATM 798 O  O   . HOH B 2 .   ? -7.816  16.531  -7.522  1.00 35.20 ? 215 HOH A O   1 
HETATM 799 O  O   . HOH B 2 .   ? 12.382  6.835   2.034   1.00 30.08 ? 216 HOH A O   1 
HETATM 800 O  O   . HOH B 2 .   ? 4.055   -6.207  10.730  1.00 30.50 ? 217 HOH A O   1 
HETATM 801 O  O   . HOH B 2 .   ? -4.576  4.207   4.715   1.00 33.53 ? 218 HOH A O   1 
HETATM 802 O  O   . HOH B 2 .   ? 9.780   -5.982  -5.282  1.00 27.39 ? 219 HOH A O   1 
HETATM 803 O  O   . HOH B 2 .   ? 3.317   -18.481 -1.720  1.00 39.69 ? 220 HOH A O   1 
HETATM 804 O  O   . HOH B 2 .   ? 13.430  2.456   -1.570  1.00 35.15 ? 221 HOH A O   1 
HETATM 805 O  O   . HOH B 2 .   ? 11.662  8.597   7.774   1.00 40.70 ? 222 HOH A O   1 
HETATM 806 O  O   . HOH B 2 .   ? 1.685   -2.963  4.653   1.00 51.98 ? 223 HOH A O   1 
HETATM 807 O  O   . HOH B 2 .   ? 14.436  -9.072  10.384  1.00 34.46 ? 224 HOH A O   1 
HETATM 808 O  O   . HOH B 2 .   ? 4.226   5.471   9.360   1.00 36.96 ? 225 HOH A O   1 
HETATM 809 O  O   . HOH B 2 .   ? -13.208 8.189   -8.426  1.00 33.08 ? 226 HOH A O   1 
HETATM 810 O  O   . HOH B 2 .   ? 5.048   2.216   -10.184 1.00 38.34 ? 227 HOH A O   1 
HETATM 811 O  O   . HOH B 2 .   ? -13.145 1.650   -15.023 1.00 34.84 ? 228 HOH A O   1 
HETATM 812 O  O   . HOH B 2 .   ? -0.993  -19.866 5.826   1.00 27.82 ? 229 HOH A O   1 
HETATM 813 O  O   . HOH B 2 .   ? -3.974  15.392  0.294   1.00 28.78 ? 230 HOH A O   1 
HETATM 814 O  O   . HOH B 2 .   ? 12.647  6.166   -1.469  1.00 30.77 ? 231 HOH A O   1 
HETATM 815 O  O   . HOH B 2 .   ? 5.226   -20.438 -0.486  1.00 49.87 ? 232 HOH A O   1 
HETATM 816 O  O   . HOH B 2 .   ? 7.251   -22.438 -0.141  1.00 53.65 ? 233 HOH A O   1 
HETATM 817 O  O   . HOH B 2 .   ? 6.214   8.150   -2.123  1.00 33.04 ? 234 HOH A O   1 
HETATM 818 O  O   . HOH B 2 .   ? 12.980  -2.962  -7.755  1.00 36.94 ? 235 HOH A O   1 
HETATM 819 O  O   . HOH B 2 .   ? 6.588   1.027   11.798  1.00 37.26 ? 236 HOH A O   1 
HETATM 820 O  O   . HOH B 2 .   ? -17.471 3.561   -11.459 1.00 36.01 ? 237 HOH A O   1 
HETATM 821 O  O   . HOH B 2 .   ? -2.536  0.151   -10.938 1.00 40.57 ? 238 HOH A O   1 
HETATM 822 O  O   . HOH B 2 .   ? 6.543   -14.158 7.938   1.00 34.30 ? 239 HOH A O   1 
HETATM 823 O  O   . HOH B 2 .   ? 12.875  -7.066  7.979   1.00 33.97 ? 240 HOH A O   1 
HETATM 824 O  O   . HOH B 2 .   ? -11.789 10.742  -9.896  1.00 42.56 ? 241 HOH A O   1 
HETATM 825 O  O   . HOH B 2 .   ? -3.085  7.865   -12.532 1.00 41.57 ? 242 HOH A O   1 
HETATM 826 O  O   . HOH B 2 .   ? 1.337   -17.396 11.297  1.00 29.87 ? 243 HOH A O   1 
HETATM 827 O  O   . HOH B 2 .   ? 3.217   8.975   9.508   1.00 61.87 ? 244 HOH A O   1 
HETATM 828 O  O   . HOH B 2 .   ? -3.496  8.039   4.814   1.00 29.44 ? 245 HOH A O   1 
HETATM 829 O  O   . HOH B 2 .   ? 1.850   3.952   10.750  1.00 52.26 ? 246 HOH A O   1 
HETATM 830 O  O   . HOH B 2 .   ? 2.844   8.702   -10.434 1.00 49.53 ? 247 HOH A O   1 
HETATM 831 O  O   . HOH B 2 .   ? -18.643 6.070   2.410   1.00 52.54 ? 248 HOH A O   1 
HETATM 832 O  O   . HOH B 2 .   ? -6.931  15.609  0.106   1.00 34.97 ? 249 HOH A O   1 
HETATM 833 O  O   . HOH B 2 .   ? -15.240 -4.643  7.063   1.00 46.21 ? 250 HOH A O   1 
HETATM 834 O  O   . HOH B 2 .   ? 11.738  -14.867 4.460   1.00 40.60 ? 251 HOH A O   1 
HETATM 835 O  O   . HOH B 2 .   ? 12.587  -5.567  -3.080  1.00 48.05 ? 252 HOH A O   1 
HETATM 836 O  O   . HOH B 2 .   ? 4.994   -4.342  -8.427  1.00 46.46 ? 253 HOH A O   1 
HETATM 837 O  O   . HOH B 2 .   ? 10.785  -0.304  -8.142  1.00 34.61 ? 254 HOH A O   1 
HETATM 838 O  O   . HOH B 2 .   ? 6.177   -6.321  -6.682  1.00 52.56 ? 255 HOH A O   1 
HETATM 839 O  O   . HOH B 2 .   ? -18.038 -0.526  1.352   1.00 54.20 ? 256 HOH A O   1 
HETATM 840 O  O   . HOH B 2 .   ? -7.280  15.935  -12.464 1.00 48.49 ? 257 HOH A O   1 
HETATM 841 O  O   . HOH B 2 .   ? 4.115   9.196   -3.415  1.00 24.58 ? 258 HOH A O   1 
HETATM 842 O  O   . HOH B 2 .   ? -0.147  3.554   3.080   1.00 35.32 ? 259 HOH A O   1 
HETATM 843 O  O   . HOH B 2 .   ? 4.406   -7.237  13.063  1.00 75.83 ? 260 HOH A O   1 
HETATM 844 O  O   . HOH B 2 .   ? -15.376 5.330   0.038   1.00 42.71 ? 261 HOH A O   1 
HETATM 845 O  O   . HOH B 2 .   ? 5.468   17.808  5.602   1.00 41.62 ? 262 HOH A O   1 
HETATM 846 O  O   . HOH B 2 .   ? -3.454  19.047  -1.507  1.00 53.06 ? 263 HOH A O   1 
HETATM 847 O  O   . HOH B 2 .   ? 6.130   6.169   11.040  1.00 47.91 ? 264 HOH A O   1 
HETATM 848 O  O   . HOH B 2 .   ? -17.075 1.752   -13.396 1.00 54.87 ? 265 HOH A O   1 
HETATM 849 O  O   . HOH B 2 .   ? -14.190 12.470  -0.396  1.00 41.04 ? 266 HOH A O   1 
HETATM 850 O  O   . HOH B 2 .   ? 12.135  -12.828 10.891  1.00 41.73 ? 267 HOH A O   1 
HETATM 851 O  O   . HOH B 2 .   ? -2.171  2.924   4.919   1.00 36.58 ? 268 HOH A O   1 
HETATM 852 O  O   . HOH B 2 .   ? 14.115  -5.778  5.759   1.00 33.12 ? 269 HOH A O   1 
HETATM 853 O  O   . HOH B 2 .   ? -14.334 -3.791  0.599   1.00 43.78 ? 270 HOH A O   1 
HETATM 854 O  O   . HOH B 2 .   ? -3.484  2.754   -11.804 1.00 40.80 ? 271 HOH A O   1 
HETATM 855 O  O   . HOH B 2 .   ? 6.722   2.655   14.570  1.00 41.79 ? 272 HOH A O   1 
HETATM 856 O  O   . HOH B 2 .   ? -10.354 15.825  0.816   1.00 50.92 ? 273 HOH A O   1 
HETATM 857 O  O   . HOH B 2 .   ? -0.988  6.888   -11.812 1.00 53.92 ? 274 HOH A O   1 
HETATM 858 O  O   . HOH B 2 .   ? -5.542  -15.071 10.493  1.00 50.03 ? 275 HOH A O   1 
HETATM 859 O  O   . HOH B 2 .   ? 7.244   -7.203  14.131  1.00 48.57 ? 276 HOH A O   1 
HETATM 860 O  O   . HOH B 2 .   ? 13.297  4.763   -9.866  1.00 50.03 ? 277 HOH A O   1 
HETATM 861 O  O   . HOH B 2 .   ? -15.695 -4.518  -12.859 1.00 43.95 ? 278 HOH A O   1 
HETATM 862 O  O   . HOH B 2 .   ? 6.953   -12.803 10.000  1.00 48.84 ? 279 HOH A O   1 
HETATM 863 O  O   . HOH B 2 .   ? 9.048   -15.206 7.111   1.00 53.89 ? 280 HOH A O   1 
HETATM 864 O  O   . HOH B 2 .   ? 15.744  -1.357  1.949   1.00 44.65 ? 281 HOH A O   1 
HETATM 865 O  O   . HOH B 2 .   ? 1.442   -12.160 11.093  1.00 50.07 ? 282 HOH A O   1 
HETATM 866 O  O   . HOH B 2 .   ? 3.673   -0.001  13.020  1.00 50.18 ? 283 HOH A O   1 
HETATM 867 O  O   . HOH B 2 .   ? 2.018   -4.542  11.050  1.00 39.00 ? 284 HOH A O   1 
HETATM 868 O  O   . HOH B 2 .   ? 3.714   14.635  2.022   1.00 54.11 ? 285 HOH A O   1 
HETATM 869 O  O   . HOH B 2 .   ? 5.604   8.627   11.316  1.00 45.68 ? 286 HOH A O   1 
HETATM 870 O  O   . HOH B 2 .   ? 0.475   12.736  -7.784  1.00 53.24 ? 287 HOH A O   1 
HETATM 871 O  O   . HOH B 2 .   ? 4.065   10.922  -11.022 1.00 49.19 ? 288 HOH A O   1 
HETATM 872 O  O   . HOH B 2 .   ? 11.103  -9.653  -5.290  1.00 42.35 ? 289 HOH A O   1 
HETATM 873 O  O   . HOH B 2 .   ? 9.202   8.744   -2.757  1.00 64.17 ? 290 HOH A O   1 
HETATM 874 O  O   . HOH B 2 .   ? 7.852   0.160   14.371  1.00 45.99 ? 291 HOH A O   1 
HETATM 875 O  O   . HOH B 2 .   ? 10.277  10.305  -0.009  1.00 57.50 ? 292 HOH A O   1 
HETATM 876 O  O   . HOH B 2 .   ? -9.687  6.041   -12.862 1.00 53.77 ? 293 HOH A O   1 
HETATM 877 O  O   . HOH B 2 .   ? 11.933  -16.608 6.581   1.00 57.04 ? 294 HOH A O   1 
HETATM 878 O  O   . HOH B 2 .   ? 2.461   -10.451 15.377  1.00 49.91 ? 295 HOH A O   1 
HETATM 879 O  O   . HOH B 2 .   ? 6.179   -26.371 5.326   1.00 59.60 ? 296 HOH A O   1 
HETATM 880 O  O   . HOH B 2 .   ? 8.839   7.100   11.884  1.00 48.12 ? 297 HOH A O   1 
HETATM 881 O  O   . HOH B 2 .   ? 18.811  -8.223  1.227   1.00 45.52 ? 298 HOH A O   1 
HETATM 882 O  O   . HOH B 2 .   ? 12.863  -7.690  -4.871  1.00 57.46 ? 299 HOH A O   1 
HETATM 883 O  O   . HOH B 2 .   ? -6.172  16.317  4.112   1.00 42.28 ? 300 HOH A O   1 
HETATM 884 O  O   . HOH B 2 .   ? 3.729   -5.958  -10.204 1.00 48.88 ? 301 HOH A O   1 
HETATM 885 O  O   . HOH B 2 .   ? -17.105 2.147   2.293   1.00 58.76 ? 302 HOH A O   1 
HETATM 886 O  O   . HOH B 2 .   ? 15.778  5.851   -4.648  1.00 53.42 ? 303 HOH A O   1 
HETATM 887 O  O   . HOH B 2 .   ? -14.781 7.333   6.359   1.00 49.87 ? 304 HOH A O   1 
HETATM 888 O  O   . HOH B 2 .   ? 2.232   -1.177  -11.800 1.00 44.56 ? 305 HOH A O   1 
HETATM 889 O  O   . HOH B 2 .   ? 14.868  -3.844  -5.931  1.00 58.84 ? 306 HOH A O   1 
HETATM 890 O  O   . HOH B 2 .   ? 14.432  1.341   1.450   1.00 40.06 ? 307 HOH A O   1 
HETATM 891 O  O   . HOH B 2 .   ? 0.453   -3.988  8.755   1.00 49.55 ? 308 HOH A O   1 
HETATM 892 O  O   . HOH B 2 .   ? 10.120  -0.750  14.040  1.00 47.80 ? 309 HOH A O   1 
HETATM 893 O  O   . HOH B 2 .   ? 13.004  -13.994 7.811   1.00 53.83 ? 310 HOH A O   1 
HETATM 894 O  O   . HOH B 2 .   ? -5.592  4.458   -12.554 1.00 49.51 ? 311 HOH A O   1 
HETATM 895 O  O   . HOH B 2 .   ? -14.160 5.553   9.051   1.00 52.64 ? 312 HOH A O   1 
HETATM 896 O  O   . HOH B 2 .   ? 1.883   7.184   -12.820 1.00 50.32 ? 313 HOH A O   1 
HETATM 897 O  O   . HOH B 2 .   ? -10.568 4.173   -15.396 1.00 61.87 ? 314 HOH A O   1 
HETATM 898 O  O   . HOH B 2 .   ? 12.038  12.434  -1.365  1.00 62.61 ? 315 HOH A O   1 
HETATM 899 O  O   . HOH B 2 .   ? -12.973 15.204  1.761   1.00 52.01 ? 316 HOH A O   1 
HETATM 900 O  O   . HOH B 2 .   ? 1.380   -15.847 13.658  1.00 62.42 ? 317 HOH A O   1 
HETATM 901 O  O   . HOH B 2 .   ? 17.042  -0.052  -1.485  1.00 57.02 ? 318 HOH A O   1 
HETATM 902 O  O   . HOH B 2 .   ? 7.811   13.095  -4.520  1.00 67.18 ? 319 HOH A O   1 
HETATM 903 O  O   . HOH B 2 .   ? -15.853 -3.475  4.036   1.00 52.05 ? 320 HOH A O   1 
# 
